data_6X2X
#
_entry.id   6X2X
#
_cell.length_a   106.749
_cell.length_b   106.749
_cell.length_c   303.824
_cell.angle_alpha   90.000
_cell.angle_beta   90.000
_cell.angle_gamma   90.000
#
_symmetry.space_group_name_H-M   'P 43 21 2'
#
loop_
_entity.id
_entity.type
_entity.pdbx_description
1 polymer 'GTP-binding nuclear protein Ran'
2 polymer 'Ran-specific GTPase-activating protein 1'
3 polymer Exportin-1
4 polymer 'Dual specificity mitogen-activated protein kinase kinase 1'
5 non-polymer 'PHOSPHOAMINOPHOSPHONIC ACID-GUANYLATE ESTER'
6 non-polymer 'MAGNESIUM ION'
7 non-polymer GLYCEROL
8 water water
#
loop_
_entity_poly.entity_id
_entity_poly.type
_entity_poly.pdbx_seq_one_letter_code
_entity_poly.pdbx_strand_id
1 'polypeptide(L)'
;MAAQGEPQVQFKLVLVGDGGTGKTTFVKRHLTGEFEKKYVATLGVEVHPLVFHTNRGPIKFNVWDTAGQEKFGGLRDGYY
IQAQCAIIMFDVTSRVTYKNVPNWHRDLVRVCENIPIVLCGNKVDIKDRKVKAKSIVFHRKKNLQYYDISAKSNYNFEKP
FLWLARKLIGDPNLEFVAMPALAPPEVVMDPALAAQYEHDLEVAQTTALPDEDDDL
;
A
2 'polypeptide(L)'
;DIHFEPVVHLEKVDVKTMEEDEEVLYKVRAKLFRFDADAKEWKERGTGDCKFLKNKKTNKVRILMRRDKTLKICANHIIA
PEYTLKPNVGSDRSWVYACTADIAEGEAEAFTFAIRFGSKENADKFKEEFEKAQEINKKA
;
B
3 'polypeptide(L)'
;GGSMEGILDFSNDLDIALLDQVVSTFYQGSGVQQKQAQEILTKFQDNPDAWQKADQILQFSTNPQSKFIALSILDKLITR
KWKLLPNDHRIGIRNFVVGMIISMCQDDEVFKTQKNLINKSDLTLVQILKQEWPQNWPEFIPELIGSSSSSVNVCENNMI
VLKLLSEEVFDFSAEQMTQAKALHLKNSMSKEFEQIFKLCFQVLEQGSSSSLIVATLESLLRYLHWIPYRYIYETNILEL
LSTKFMTSPDTRAITLKCLTEVSNLKIPQDNDLIKRQTVLFFQNTLQQIATSVMPVTADLKATYANANGNDQSFLQDLAM
FLTTYLARNRALLESDESLRELLLNAHQYLIQLSKIEERELFKTTLDYWHNLVADLFYEPLKKHIYEEICSQLRLVIIEN
MVRPEEVLVVENDEGEIVREFVKESDTIQLYKSEREVLVYLTHLNVIDTEEIMISKLARQIDGSEWSWHNINTLSWAIGS
ISGTMSEDTEKRFVVTVIKDLLGLCEQKRGKDNKAVVASDIMYVVGQYPRFLKAHWNFLRTVILKLFKFMHETHEGVQDM
ACDTFIKIVQKCKYHFVIQQPRESEPFIQTIIRDIQKTTADLQPQQVHTFYKACGIIISEERSVAERNRLLSDLMQLPNM
AWDTIVEQSTANPTLLLDSETVKIIANIIKTNVAVCTSMGADFYPQLGHIYYNMLQLYRAVSSMISAQVAAEGLIATKTP
KVRGLRTIKKEILKLVETYISKARNLDDVVKVLVEPLLNAVLEDYMNNVPDARDAEVLNCMTTVVEKVGHMIPQGVILIL
QSVFECTLDMINKDFTEYPEHRVEFYKLLKVINEKSFAAFLELPPAAFKLFVDAICWAFKHNNRDVEVNGLQIALDLVKN
IERMGNVPFANEFHKNYFFIFVSETFFVLTDSDHKSGFSKQALLLMKLISLVYDNKISVPLYQEAEVPQGTSNQVYLSQY
LANMLSNAFPHLTSEQIASFLSALTKQCKDLVVFKGTLRDFLVQIKEVGGDPTDYLFAEDKENA
;
C
4 'polypeptide(L)' ALEALQKKLEELELDE D
#
loop_
_chem_comp.id
_chem_comp.type
_chem_comp.name
_chem_comp.formula
GNP non-polymer 'PHOSPHOAMINOPHOSPHONIC ACID-GUANYLATE ESTER' 'C10 H17 N6 O13 P3'
GOL non-polymer GLYCEROL 'C3 H8 O3'
MG non-polymer 'MAGNESIUM ION' 'Mg 2'
#
# COMPACT_ATOMS: atom_id res chain seq x y z
N VAL A 9 9.36 20.52 -24.92
CA VAL A 9 8.22 20.25 -24.03
C VAL A 9 8.57 19.15 -23.01
N GLN A 10 9.29 19.57 -21.96
CA GLN A 10 9.77 18.66 -20.93
C GLN A 10 9.39 19.22 -19.56
N PHE A 11 9.17 18.31 -18.61
CA PHE A 11 8.75 18.70 -17.26
C PHE A 11 9.62 18.00 -16.23
N LYS A 12 9.97 18.75 -15.18
CA LYS A 12 10.77 18.21 -14.08
C LYS A 12 9.85 17.62 -13.02
N LEU A 13 10.01 16.33 -12.75
CA LEU A 13 9.25 15.59 -11.76
C LEU A 13 10.19 15.17 -10.63
N VAL A 14 9.89 15.59 -9.40
CA VAL A 14 10.62 15.10 -8.24
C VAL A 14 9.80 14.00 -7.58
N LEU A 15 10.48 12.92 -7.22
CA LEU A 15 9.88 11.75 -6.62
C LEU A 15 10.49 11.57 -5.23
N VAL A 16 9.65 11.70 -4.19
CA VAL A 16 10.10 11.65 -2.80
C VAL A 16 9.28 10.60 -2.03
N GLY A 17 9.78 10.24 -0.87
CA GLY A 17 9.22 9.17 -0.07
C GLY A 17 10.30 8.41 0.68
N ASP A 18 9.87 7.65 1.68
CA ASP A 18 10.78 6.95 2.59
C ASP A 18 11.61 5.92 1.83
N GLY A 19 12.76 5.58 2.42
CA GLY A 19 13.60 4.55 1.82
C GLY A 19 12.86 3.23 1.75
N GLY A 20 12.98 2.57 0.61
CA GLY A 20 12.39 1.25 0.40
C GLY A 20 10.95 1.23 -0.07
N THR A 21 10.31 2.39 -0.23
CA THR A 21 8.93 2.42 -0.69
C THR A 21 8.80 2.06 -2.17
N GLY A 22 9.89 2.05 -2.92
CA GLY A 22 9.87 1.54 -4.28
C GLY A 22 9.93 2.60 -5.34
N LYS A 23 10.34 3.82 -4.99
CA LYS A 23 10.49 4.90 -5.95
C LYS A 23 11.32 4.47 -7.14
N THR A 24 12.54 3.97 -6.88
CA THR A 24 13.43 3.61 -7.97
C THR A 24 12.86 2.44 -8.79
N THR A 25 12.31 1.43 -8.11
CA THR A 25 11.69 0.31 -8.82
C THR A 25 10.55 0.77 -9.73
N PHE A 26 9.75 1.73 -9.26
CA PHE A 26 8.66 2.26 -10.06
C PHE A 26 9.19 2.93 -11.32
N VAL A 27 10.25 3.73 -11.18
CA VAL A 27 10.80 4.43 -12.33
C VAL A 27 11.41 3.44 -13.31
N LYS A 28 12.21 2.50 -12.80
CA LYS A 28 12.83 1.50 -13.67
C LYS A 28 11.79 0.75 -14.49
N ARG A 29 10.65 0.43 -13.88
CA ARG A 29 9.62 -0.30 -14.61
C ARG A 29 9.14 0.52 -15.81
N HIS A 30 9.04 1.83 -15.64
CA HIS A 30 8.64 2.69 -16.75
C HIS A 30 9.77 2.89 -17.75
N LEU A 31 11.02 2.84 -17.31
CA LEU A 31 12.15 3.08 -18.22
C LEU A 31 12.43 1.86 -19.09
N THR A 32 12.54 0.68 -18.49
CA THR A 32 12.98 -0.51 -19.19
C THR A 32 11.97 -1.65 -19.21
N GLY A 33 10.89 -1.56 -18.44
CA GLY A 33 9.95 -2.66 -18.32
C GLY A 33 10.33 -3.70 -17.30
N GLU A 34 11.51 -3.60 -16.70
CA GLU A 34 11.96 -4.61 -15.76
C GLU A 34 11.38 -4.36 -14.36
N PHE A 35 11.45 -5.42 -13.55
CA PHE A 35 11.15 -5.32 -12.12
C PHE A 35 12.41 -5.68 -11.33
N GLU A 36 13.02 -4.69 -10.67
CA GLU A 36 14.25 -4.91 -9.91
C GLU A 36 13.91 -5.45 -8.53
N LYS A 37 14.20 -6.74 -8.29
CA LYS A 37 13.86 -7.37 -7.02
C LYS A 37 14.72 -6.89 -5.86
N LYS A 38 15.92 -6.35 -6.12
CA LYS A 38 16.84 -5.98 -5.06
C LYS A 38 16.63 -4.55 -4.60
N TYR A 39 16.92 -4.31 -3.32
CA TYR A 39 16.91 -2.97 -2.77
C TYR A 39 18.35 -2.46 -2.78
N VAL A 40 18.63 -1.52 -3.67
CA VAL A 40 19.89 -0.82 -3.69
C VAL A 40 19.55 0.65 -3.51
N ALA A 41 19.83 1.16 -2.32
CA ALA A 41 19.41 2.51 -1.95
C ALA A 41 19.97 3.55 -2.93
N THR A 42 19.10 4.45 -3.36
CA THR A 42 19.52 5.59 -4.17
C THR A 42 20.43 6.49 -3.33
N LEU A 43 21.45 7.06 -3.98
CA LEU A 43 22.43 7.93 -3.34
C LEU A 43 22.22 9.34 -3.84
N GLY A 44 21.62 10.19 -3.01
CA GLY A 44 21.28 11.54 -3.41
C GLY A 44 20.08 11.62 -4.34
N VAL A 45 20.32 11.55 -5.65
CA VAL A 45 19.25 11.58 -6.65
C VAL A 45 19.78 10.88 -7.89
N GLU A 46 18.86 10.42 -8.73
CA GLU A 46 19.20 9.80 -10.01
C GLU A 46 18.23 10.33 -11.04
N VAL A 47 18.72 11.13 -11.99
CA VAL A 47 17.87 11.76 -12.99
C VAL A 47 17.73 10.82 -14.18
N HIS A 48 16.52 10.77 -14.74
CA HIS A 48 16.24 9.92 -15.89
C HIS A 48 15.21 10.62 -16.75
N PRO A 49 15.41 10.69 -18.06
CA PRO A 49 14.36 11.17 -18.96
C PRO A 49 13.34 10.08 -19.23
N LEU A 50 12.06 10.47 -19.19
CA LEU A 50 10.96 9.53 -19.42
C LEU A 50 9.98 10.18 -20.37
N VAL A 51 9.71 9.51 -21.49
CA VAL A 51 8.86 10.07 -22.55
C VAL A 51 7.63 9.20 -22.69
N PHE A 52 6.47 9.86 -22.84
CA PHE A 52 5.21 9.19 -23.15
C PHE A 52 4.63 9.77 -24.43
N HIS A 53 3.91 8.94 -25.16
CA HIS A 53 3.28 9.32 -26.42
C HIS A 53 1.79 9.53 -26.17
N THR A 54 1.32 10.75 -26.44
CA THR A 54 -0.08 11.11 -26.21
C THR A 54 -0.72 11.59 -27.51
N ASN A 55 -2.06 11.70 -27.48
CA ASN A 55 -2.78 12.28 -28.60
C ASN A 55 -2.50 13.78 -28.77
N ARG A 56 -1.87 14.40 -27.78
CA ARG A 56 -1.41 15.79 -27.88
C ARG A 56 0.07 15.88 -28.18
N GLY A 57 0.68 14.81 -28.69
CA GLY A 57 2.11 14.78 -28.91
C GLY A 57 2.86 14.11 -27.76
N PRO A 58 4.18 14.03 -27.88
CA PRO A 58 4.96 13.43 -26.80
C PRO A 58 5.17 14.41 -25.65
N ILE A 59 5.28 13.85 -24.45
CA ILE A 59 5.60 14.63 -23.25
C ILE A 59 6.77 13.95 -22.54
N LYS A 60 7.76 14.73 -22.14
CA LYS A 60 8.96 14.19 -21.50
C LYS A 60 8.99 14.62 -20.05
N PHE A 61 9.21 13.66 -19.16
CA PHE A 61 9.41 13.91 -17.74
C PHE A 61 10.88 13.73 -17.43
N ASN A 62 11.49 14.75 -16.83
CA ASN A 62 12.81 14.61 -16.24
C ASN A 62 12.59 14.20 -14.81
N VAL A 63 12.66 12.89 -14.56
CA VAL A 63 12.33 12.32 -13.25
C VAL A 63 13.55 12.45 -12.34
N TRP A 64 13.44 13.27 -11.31
CA TRP A 64 14.44 13.32 -10.25
C TRP A 64 14.03 12.34 -9.16
N ASP A 65 14.56 11.13 -9.25
CA ASP A 65 14.33 10.07 -8.27
C ASP A 65 15.22 10.29 -7.04
N THR A 66 14.71 10.96 -6.02
CA THR A 66 15.50 11.27 -4.84
C THR A 66 15.58 10.08 -3.89
N ALA A 67 16.44 10.22 -2.87
CA ALA A 67 16.76 9.14 -1.95
C ALA A 67 15.95 9.28 -0.68
N GLY A 68 15.47 8.13 -0.17
CA GLY A 68 14.62 8.11 1.00
C GLY A 68 15.34 7.98 2.33
N GLN A 69 16.39 7.16 2.38
CA GLN A 69 17.18 7.04 3.61
C GLN A 69 17.90 8.35 3.92
N GLU A 70 17.82 8.76 5.18
CA GLU A 70 18.33 10.08 5.57
C GLU A 70 19.84 10.17 5.40
N LYS A 71 20.56 9.11 5.73
CA LYS A 71 22.02 9.12 5.59
C LYS A 71 22.44 9.26 4.13
N PHE A 72 21.54 8.99 3.19
CA PHE A 72 21.84 9.06 1.77
C PHE A 72 21.10 10.20 1.07
N GLY A 73 20.67 11.21 1.82
CA GLY A 73 19.75 12.21 1.28
C GLY A 73 20.40 13.25 0.39
N GLY A 74 21.71 13.46 0.52
CA GLY A 74 22.39 14.41 -0.34
C GLY A 74 21.84 15.80 -0.19
N LEU A 75 21.52 16.45 -1.33
CA LEU A 75 20.99 17.82 -1.30
C LEU A 75 19.61 17.92 -0.68
N ARG A 76 18.89 16.80 -0.57
CA ARG A 76 17.56 16.76 0.03
C ARG A 76 16.61 17.75 -0.63
N ASP A 77 16.21 18.79 0.10
CA ASP A 77 15.23 19.69 -0.50
C ASP A 77 15.81 20.54 -1.61
N GLY A 78 17.13 20.48 -1.84
CA GLY A 78 17.73 21.15 -2.97
C GLY A 78 17.36 20.54 -4.30
N TYR A 79 16.97 19.26 -4.31
CA TYR A 79 16.50 18.65 -5.55
C TYR A 79 15.14 19.18 -6.00
N TYR A 80 14.42 19.94 -5.17
CA TYR A 80 13.06 20.31 -5.52
C TYR A 80 12.98 21.61 -6.29
N ILE A 81 14.08 22.35 -6.40
CA ILE A 81 14.02 23.69 -6.98
C ILE A 81 13.56 23.59 -8.43
N GLN A 82 12.61 24.45 -8.81
CA GLN A 82 12.07 24.51 -10.16
C GLN A 82 11.44 23.19 -10.61
N ALA A 83 10.96 22.38 -9.68
CA ALA A 83 10.20 21.20 -10.04
C ALA A 83 8.80 21.61 -10.48
N GLN A 84 8.29 20.97 -11.53
CA GLN A 84 6.98 21.32 -12.05
C GLN A 84 5.88 20.34 -11.66
N CYS A 85 6.24 19.18 -11.10
CA CYS A 85 5.27 18.20 -10.63
C CYS A 85 6.01 17.21 -9.75
N ALA A 86 5.25 16.45 -8.96
CA ALA A 86 5.88 15.57 -7.99
C ALA A 86 5.02 14.35 -7.70
N ILE A 87 5.67 13.30 -7.22
CA ILE A 87 5.04 12.08 -6.75
C ILE A 87 5.57 11.79 -5.35
N ILE A 88 4.66 11.65 -4.38
CA ILE A 88 5.01 11.26 -3.02
C ILE A 88 4.64 9.79 -2.87
N MET A 89 5.59 8.99 -2.41
N MET A 89 5.60 8.97 -2.45
CA MET A 89 5.45 7.54 -2.37
CA MET A 89 5.39 7.53 -2.40
C MET A 89 5.48 7.07 -0.92
C MET A 89 5.51 7.03 -0.97
N PHE A 90 4.68 6.05 -0.63
CA PHE A 90 4.76 5.34 0.65
C PHE A 90 4.44 3.89 0.36
N ASP A 91 4.59 3.05 1.39
CA ASP A 91 4.44 1.61 1.26
C ASP A 91 3.25 1.18 2.10
N VAL A 92 2.22 0.61 1.46
CA VAL A 92 1.02 0.27 2.22
C VAL A 92 1.26 -0.88 3.20
N THR A 93 2.40 -1.54 3.11
CA THR A 93 2.76 -2.53 4.10
C THR A 93 3.63 -1.96 5.21
N SER A 94 3.88 -0.65 5.22
CA SER A 94 4.70 -0.04 6.25
C SER A 94 4.03 1.22 6.76
N ARG A 95 3.43 1.11 7.95
CA ARG A 95 2.71 2.21 8.57
C ARG A 95 3.58 3.45 8.71
N VAL A 96 4.86 3.28 9.07
CA VAL A 96 5.73 4.44 9.31
C VAL A 96 5.94 5.23 8.02
N THR A 97 5.93 4.57 6.85
CA THR A 97 6.10 5.30 5.60
C THR A 97 4.91 6.21 5.30
N TYR A 98 3.72 5.86 5.80
CA TYR A 98 2.59 6.75 5.65
C TYR A 98 2.58 7.85 6.71
N LYS A 99 3.12 7.57 7.90
CA LYS A 99 3.22 8.61 8.92
C LYS A 99 4.21 9.71 8.51
N ASN A 100 5.19 9.38 7.68
CA ASN A 100 6.15 10.37 7.20
C ASN A 100 5.66 11.16 5.99
N VAL A 101 4.55 10.75 5.38
CA VAL A 101 4.06 11.45 4.19
C VAL A 101 3.87 12.94 4.43
N PRO A 102 3.31 13.39 5.56
CA PRO A 102 3.24 14.85 5.78
C PRO A 102 4.61 15.53 5.87
N ASN A 103 5.65 14.79 6.26
CA ASN A 103 6.98 15.39 6.36
C ASN A 103 7.57 15.62 4.98
N TRP A 104 7.53 14.60 4.12
CA TRP A 104 7.86 14.78 2.72
C TRP A 104 7.03 15.89 2.08
N HIS A 105 5.71 15.92 2.31
CA HIS A 105 4.89 16.95 1.68
C HIS A 105 5.28 18.35 2.13
N ARG A 106 5.51 18.51 3.44
CA ARG A 106 5.89 19.83 3.98
C ARG A 106 7.19 20.33 3.34
N ASP A 107 8.19 19.45 3.27
CA ASP A 107 9.46 19.83 2.67
C ASP A 107 9.30 20.18 1.19
N LEU A 108 8.42 19.45 0.50
CA LEU A 108 8.24 19.64 -0.94
C LEU A 108 7.51 20.94 -1.27
N VAL A 109 6.43 21.26 -0.56
CA VAL A 109 5.63 22.44 -0.93
C VAL A 109 6.21 23.74 -0.42
N ARG A 110 7.15 23.67 0.52
CA ARG A 110 7.87 24.88 0.94
C ARG A 110 8.73 25.42 -0.19
N VAL A 111 9.24 24.54 -1.04
CA VAL A 111 10.01 24.92 -2.23
C VAL A 111 9.10 25.10 -3.46
N CYS A 112 8.21 24.13 -3.71
CA CYS A 112 7.28 24.18 -4.85
C CYS A 112 5.88 24.45 -4.32
N GLU A 113 5.45 25.72 -4.41
CA GLU A 113 4.24 26.14 -3.74
C GLU A 113 2.97 25.86 -4.54
N ASN A 114 3.08 25.61 -5.85
CA ASN A 114 1.86 25.35 -6.62
C ASN A 114 2.19 24.42 -7.79
N ILE A 115 2.38 23.15 -7.48
CA ILE A 115 2.59 22.13 -8.51
C ILE A 115 1.62 20.98 -8.30
N PRO A 116 1.20 20.29 -9.37
CA PRO A 116 0.39 19.08 -9.18
C PRO A 116 1.21 17.96 -8.56
N ILE A 117 0.64 17.29 -7.54
CA ILE A 117 1.32 16.25 -6.78
C ILE A 117 0.43 15.01 -6.70
N VAL A 118 1.03 13.84 -6.91
CA VAL A 118 0.35 12.56 -6.77
C VAL A 118 0.89 11.83 -5.55
N LEU A 119 0.00 11.40 -4.67
CA LEU A 119 0.32 10.52 -3.57
C LEU A 119 0.07 9.08 -3.99
N CYS A 120 1.08 8.23 -3.85
CA CYS A 120 1.05 6.85 -4.33
C CYS A 120 1.30 5.90 -3.17
N GLY A 121 0.36 4.98 -2.95
CA GLY A 121 0.54 3.90 -2.01
C GLY A 121 0.97 2.69 -2.80
N ASN A 122 2.25 2.36 -2.69
CA ASN A 122 2.86 1.30 -3.47
C ASN A 122 2.72 -0.04 -2.76
N LYS A 123 2.98 -1.12 -3.52
CA LYS A 123 3.05 -2.49 -3.02
C LYS A 123 1.69 -3.03 -2.59
N VAL A 124 0.61 -2.58 -3.23
CA VAL A 124 -0.71 -3.14 -2.91
C VAL A 124 -0.83 -4.60 -3.34
N ASP A 125 0.16 -5.12 -4.05
CA ASP A 125 0.15 -6.52 -4.45
C ASP A 125 0.44 -7.47 -3.29
N ILE A 126 0.90 -6.96 -2.15
CA ILE A 126 1.18 -7.78 -0.98
C ILE A 126 -0.10 -7.94 -0.16
N LYS A 127 -0.44 -9.19 0.15
CA LYS A 127 -1.73 -9.48 0.78
C LYS A 127 -1.86 -8.80 2.14
N ASP A 128 -0.83 -8.86 2.98
CA ASP A 128 -0.91 -8.35 4.35
C ASP A 128 -0.73 -6.83 4.33
N ARG A 129 -1.79 -6.13 3.94
CA ARG A 129 -1.74 -4.68 3.83
C ARG A 129 -1.92 -4.05 5.21
N LYS A 130 -1.01 -3.15 5.57
CA LYS A 130 -1.04 -2.54 6.89
C LYS A 130 -1.67 -1.15 6.91
N VAL A 131 -1.60 -0.41 5.81
CA VAL A 131 -2.19 0.92 5.70
C VAL A 131 -3.49 0.74 4.92
N LYS A 132 -4.62 0.70 5.63
CA LYS A 132 -5.89 0.40 4.98
C LYS A 132 -6.42 1.62 4.24
N ALA A 133 -7.21 1.35 3.20
CA ALA A 133 -7.68 2.41 2.31
C ALA A 133 -8.38 3.51 3.08
N LYS A 134 -9.24 3.16 4.05
CA LYS A 134 -10.01 4.18 4.76
C LYS A 134 -9.14 5.02 5.68
N SER A 135 -7.90 4.61 5.89
CA SER A 135 -6.97 5.37 6.69
C SER A 135 -6.21 6.41 5.87
N ILE A 136 -6.26 6.33 4.54
CA ILE A 136 -5.48 7.22 3.68
C ILE A 136 -6.35 8.41 3.30
N VAL A 137 -6.17 9.52 4.03
CA VAL A 137 -6.98 10.72 3.84
C VAL A 137 -6.14 11.98 3.73
N PHE A 138 -4.81 11.88 3.82
CA PHE A 138 -3.95 13.06 3.87
C PHE A 138 -4.05 13.90 2.60
N HIS A 139 -4.24 13.25 1.46
CA HIS A 139 -4.32 13.96 0.19
C HIS A 139 -5.50 14.93 0.12
N ARG A 140 -6.53 14.71 0.95
CA ARG A 140 -7.79 15.44 0.77
C ARG A 140 -7.59 16.93 0.95
N LYS A 141 -7.09 17.35 2.12
CA LYS A 141 -6.98 18.78 2.33
C LYS A 141 -5.79 19.40 1.60
N LYS A 142 -4.85 18.59 1.12
CA LYS A 142 -3.71 19.08 0.36
C LYS A 142 -3.95 19.08 -1.15
N ASN A 143 -5.09 18.57 -1.61
CA ASN A 143 -5.45 18.58 -3.05
C ASN A 143 -4.49 17.74 -3.89
N LEU A 144 -3.93 16.69 -3.30
CA LEU A 144 -3.17 15.69 -4.05
C LEU A 144 -4.11 14.66 -4.68
N GLN A 145 -3.70 14.16 -5.83
CA GLN A 145 -4.31 12.97 -6.42
C GLN A 145 -3.70 11.73 -5.76
N TYR A 146 -4.53 10.77 -5.37
CA TYR A 146 -4.07 9.54 -4.73
C TYR A 146 -4.32 8.33 -5.63
N TYR A 147 -3.39 7.38 -5.62
CA TYR A 147 -3.53 6.11 -6.32
C TYR A 147 -2.91 5.00 -5.50
N ASP A 148 -3.67 3.92 -5.32
CA ASP A 148 -3.07 2.61 -5.04
C ASP A 148 -2.25 2.20 -6.26
N ILE A 149 -0.98 1.85 -6.06
CA ILE A 149 -0.18 1.31 -7.15
C ILE A 149 0.61 0.11 -6.65
N SER A 150 1.08 -0.68 -7.61
CA SER A 150 2.08 -1.71 -7.36
C SER A 150 3.02 -1.75 -8.55
N ALA A 151 4.30 -1.46 -8.32
CA ALA A 151 5.27 -1.63 -9.39
C ALA A 151 5.48 -3.09 -9.74
N LYS A 152 5.11 -4.01 -8.85
CA LYS A 152 5.30 -5.43 -9.10
C LYS A 152 4.25 -5.97 -10.06
N SER A 153 2.97 -5.70 -9.80
CA SER A 153 1.88 -6.16 -10.65
C SER A 153 1.48 -5.13 -11.70
N ASN A 154 2.09 -3.95 -11.67
CA ASN A 154 1.79 -2.85 -12.58
C ASN A 154 0.36 -2.33 -12.42
N TYR A 155 -0.30 -2.70 -11.32
CA TYR A 155 -1.61 -2.13 -11.00
C TYR A 155 -1.51 -0.61 -10.89
N ASN A 156 -2.24 0.10 -11.76
CA ASN A 156 -2.31 1.57 -11.78
C ASN A 156 -0.97 2.24 -12.01
N PHE A 157 0.03 1.52 -12.54
CA PHE A 157 1.38 2.07 -12.63
C PHE A 157 1.48 3.22 -13.62
N GLU A 158 0.56 3.32 -14.59
CA GLU A 158 0.57 4.43 -15.53
C GLU A 158 -0.25 5.63 -15.04
N LYS A 159 -1.15 5.43 -14.08
CA LYS A 159 -2.03 6.51 -13.64
C LYS A 159 -1.29 7.74 -13.14
N PRO A 160 -0.24 7.65 -12.32
CA PRO A 160 0.38 8.88 -11.82
C PRO A 160 0.91 9.76 -12.94
N PHE A 161 1.41 9.16 -14.03
CA PHE A 161 1.96 9.94 -15.13
C PHE A 161 0.86 10.45 -16.05
N LEU A 162 -0.20 9.67 -16.22
CA LEU A 162 -1.33 10.13 -17.02
C LEU A 162 -2.00 11.35 -16.39
N TRP A 163 -2.25 11.29 -15.08
CA TRP A 163 -2.86 12.43 -14.39
C TRP A 163 -1.96 13.67 -14.47
N LEU A 164 -0.66 13.49 -14.20
CA LEU A 164 0.24 14.63 -14.26
C LEU A 164 0.32 15.21 -15.67
N ALA A 165 0.42 14.35 -16.69
CA ALA A 165 0.38 14.81 -18.07
C ALA A 165 -0.86 15.67 -18.33
N ARG A 166 -2.02 15.23 -17.85
CA ARG A 166 -3.24 16.00 -18.08
C ARG A 166 -3.17 17.36 -17.40
N LYS A 167 -2.62 17.41 -16.18
CA LYS A 167 -2.48 18.69 -15.49
C LYS A 167 -1.47 19.59 -16.18
N LEU A 168 -0.34 19.04 -16.61
CA LEU A 168 0.74 19.86 -17.15
C LEU A 168 0.45 20.37 -18.57
N ILE A 169 -0.27 19.59 -19.36
CA ILE A 169 -0.70 20.03 -20.69
C ILE A 169 -2.00 20.85 -20.64
N GLY A 170 -2.80 20.69 -19.59
CA GLY A 170 -4.04 21.43 -19.50
C GLY A 170 -5.20 20.82 -20.27
N ASP A 171 -5.13 19.54 -20.60
CA ASP A 171 -6.18 18.86 -21.35
C ASP A 171 -6.66 17.63 -20.58
N PRO A 172 -7.89 17.64 -20.08
CA PRO A 172 -8.39 16.48 -19.31
C PRO A 172 -8.61 15.25 -20.16
N ASN A 173 -8.66 15.40 -21.49
CA ASN A 173 -8.92 14.29 -22.39
C ASN A 173 -7.66 13.77 -23.05
N LEU A 174 -6.49 14.18 -22.58
CA LEU A 174 -5.25 13.60 -23.04
C LEU A 174 -5.20 12.11 -22.72
N GLU A 175 -4.68 11.32 -23.66
CA GLU A 175 -4.62 9.88 -23.50
C GLU A 175 -3.28 9.36 -24.02
N PHE A 176 -2.82 8.24 -23.47
CA PHE A 176 -1.68 7.55 -24.05
C PHE A 176 -2.10 6.87 -25.35
N VAL A 177 -1.25 6.97 -26.37
CA VAL A 177 -1.53 6.39 -27.68
C VAL A 177 -0.33 5.58 -28.15
N ALA A 178 -0.61 4.56 -28.95
CA ALA A 178 0.43 3.70 -29.49
C ALA A 178 1.30 4.46 -30.47
N MET A 179 2.59 4.59 -30.18
CA MET A 179 3.50 5.21 -31.13
C MET A 179 3.69 4.30 -32.34
N PRO A 180 3.99 4.87 -33.51
CA PRO A 180 4.00 4.05 -34.73
C PRO A 180 5.22 3.14 -34.80
N ALA A 181 5.00 1.95 -35.36
CA ALA A 181 6.01 0.89 -35.42
C ALA A 181 6.51 0.74 -36.85
N LEU A 182 7.70 1.28 -37.12
CA LEU A 182 8.30 1.14 -38.43
C LEU A 182 8.64 -0.32 -38.71
N ALA A 183 8.89 -0.63 -39.98
CA ALA A 183 9.22 -2.00 -40.36
C ALA A 183 10.60 -2.38 -39.81
N PRO A 184 10.76 -3.62 -39.35
CA PRO A 184 12.05 -4.04 -38.79
C PRO A 184 12.99 -4.51 -39.89
N PRO A 185 14.30 -4.25 -39.76
CA PRO A 185 15.23 -4.61 -40.83
C PRO A 185 15.44 -6.11 -40.92
N GLU A 186 16.15 -6.52 -41.97
CA GLU A 186 16.59 -7.90 -42.06
C GLU A 186 18.08 -7.92 -42.27
N ASP A 190 26.19 -12.76 -39.63
CA ASP A 190 27.39 -13.34 -40.19
C ASP A 190 27.82 -14.58 -39.40
N PRO A 191 28.56 -15.49 -40.03
CA PRO A 191 29.03 -16.68 -39.31
C PRO A 191 30.14 -16.39 -38.32
N ALA A 192 30.76 -15.20 -38.37
CA ALA A 192 31.78 -14.83 -37.40
C ALA A 192 31.22 -14.55 -36.01
N LEU A 193 29.90 -14.38 -35.89
CA LEU A 193 29.25 -14.23 -34.60
C LEU A 193 28.43 -15.45 -34.20
N ALA A 194 28.39 -16.49 -35.05
CA ALA A 194 27.52 -17.64 -34.79
C ALA A 194 27.93 -18.40 -33.54
N ALA A 195 29.23 -18.45 -33.23
CA ALA A 195 29.70 -19.18 -32.06
C ALA A 195 29.47 -18.41 -30.77
N GLN A 196 29.50 -17.07 -30.81
CA GLN A 196 29.31 -16.29 -29.61
C GLN A 196 27.83 -16.12 -29.27
N TYR A 197 26.98 -15.96 -30.28
CA TYR A 197 25.54 -15.91 -30.02
C TYR A 197 25.03 -17.24 -29.51
N GLU A 198 25.66 -18.35 -29.91
CA GLU A 198 25.29 -19.65 -29.38
C GLU A 198 25.81 -19.84 -27.96
N HIS A 199 26.96 -19.25 -27.63
CA HIS A 199 27.44 -19.28 -26.26
C HIS A 199 26.48 -18.56 -25.32
N ASP A 200 26.08 -17.33 -25.68
CA ASP A 200 25.14 -16.58 -24.86
C ASP A 200 23.78 -17.25 -24.78
N LEU A 201 23.43 -18.09 -25.75
CA LEU A 201 22.12 -18.74 -25.75
C LEU A 201 22.06 -19.90 -24.77
N GLU A 202 23.12 -20.70 -24.68
CA GLU A 202 23.08 -21.87 -23.83
C GLU A 202 23.06 -21.50 -22.35
N VAL A 203 23.74 -20.41 -21.97
CA VAL A 203 23.63 -19.95 -20.58
C VAL A 203 22.23 -19.40 -20.32
N ALA A 204 21.66 -18.68 -21.28
CA ALA A 204 20.32 -18.14 -21.11
C ALA A 204 19.30 -19.25 -20.91
N GLN A 205 19.45 -20.37 -21.62
CA GLN A 205 18.46 -21.44 -21.49
C GLN A 205 18.58 -22.12 -20.14
N THR A 206 19.78 -22.22 -19.61
CA THR A 206 20.01 -22.84 -18.32
C THR A 206 19.95 -21.85 -17.16
N THR A 207 19.48 -20.63 -17.41
CA THR A 207 19.12 -19.69 -16.36
C THR A 207 17.60 -19.65 -16.32
N ALA A 208 17.02 -20.09 -15.21
CA ALA A 208 15.57 -20.19 -15.12
C ALA A 208 14.94 -18.80 -15.12
N LEU A 209 13.83 -18.67 -15.82
CA LEU A 209 13.10 -17.41 -15.85
C LEU A 209 12.50 -17.11 -14.48
N PRO A 210 12.44 -15.85 -14.07
CA PRO A 210 11.92 -15.52 -12.74
C PRO A 210 10.40 -15.67 -12.66
N ASP A 211 9.91 -15.81 -11.42
CA ASP A 211 8.48 -15.72 -11.09
C ASP A 211 7.65 -16.72 -11.90
N GLU A 212 8.04 -17.99 -11.87
CA GLU A 212 7.38 -18.98 -12.71
C GLU A 212 5.99 -19.34 -12.21
N ASP A 213 5.63 -18.94 -10.99
CA ASP A 213 4.28 -19.19 -10.49
C ASP A 213 3.30 -18.11 -10.90
N ASP A 214 3.78 -16.96 -11.38
CA ASP A 214 2.87 -15.92 -11.81
C ASP A 214 2.08 -16.37 -13.03
N ASP A 215 0.94 -15.71 -13.24
CA ASP A 215 0.02 -16.09 -14.30
C ASP A 215 0.54 -15.73 -15.69
N LEU A 216 1.63 -15.00 -15.80
CA LEU A 216 2.20 -14.70 -17.09
C LEU A 216 3.73 -14.54 -17.02
N HIS B 3 -31.91 24.39 -47.18
CA HIS B 3 -30.56 23.90 -46.90
C HIS B 3 -30.02 24.48 -45.60
N PHE B 4 -29.57 23.59 -44.71
CA PHE B 4 -28.99 24.00 -43.44
C PHE B 4 -27.62 23.36 -43.28
N GLU B 5 -26.63 24.15 -42.87
CA GLU B 5 -25.27 23.66 -42.70
C GLU B 5 -25.17 22.85 -41.41
N PRO B 6 -24.42 21.74 -41.40
CA PRO B 6 -24.23 20.97 -40.16
C PRO B 6 -22.97 21.38 -39.41
N VAL B 7 -23.05 21.53 -38.08
CA VAL B 7 -21.94 22.01 -37.26
C VAL B 7 -20.63 21.26 -37.52
N THR B 17 -0.48 4.72 -36.30
CA THR B 17 0.28 3.68 -35.62
C THR B 17 1.17 2.91 -36.59
N MET B 18 0.96 3.16 -37.89
CA MET B 18 1.70 2.48 -38.96
C MET B 18 1.56 0.97 -38.87
N GLU B 19 0.31 0.52 -38.71
CA GLU B 19 -0.02 -0.90 -38.69
C GLU B 19 -1.20 -1.24 -39.60
N GLU B 20 -1.78 -0.25 -40.29
CA GLU B 20 -2.96 -0.50 -41.12
C GLU B 20 -2.65 -1.36 -42.33
N ASP B 21 -1.45 -1.22 -42.90
CA ASP B 21 -1.03 -1.99 -44.06
C ASP B 21 -0.67 -3.44 -43.73
N GLU B 22 -1.09 -3.94 -42.56
CA GLU B 22 -0.71 -5.28 -42.12
C GLU B 22 -1.93 -6.06 -41.66
N GLU B 23 -1.79 -7.38 -41.66
CA GLU B 23 -2.84 -8.28 -41.24
C GLU B 23 -2.32 -9.10 -40.06
N VAL B 24 -3.24 -9.47 -39.16
CA VAL B 24 -2.88 -10.14 -37.91
C VAL B 24 -3.02 -11.64 -38.13
N LEU B 25 -1.87 -12.33 -38.20
CA LEU B 25 -1.87 -13.80 -38.28
C LEU B 25 -2.19 -14.41 -36.94
N TYR B 26 -1.47 -14.00 -35.89
CA TYR B 26 -1.59 -14.58 -34.55
C TYR B 26 -1.52 -13.45 -33.53
N LYS B 27 -2.22 -13.64 -32.41
CA LYS B 27 -2.23 -12.66 -31.32
C LYS B 27 -2.37 -13.42 -30.01
N VAL B 28 -1.34 -13.33 -29.17
CA VAL B 28 -1.35 -13.99 -27.86
C VAL B 28 -0.82 -13.03 -26.80
N ARG B 29 -1.36 -13.14 -25.59
CA ARG B 29 -0.85 -12.38 -24.46
C ARG B 29 0.38 -13.09 -23.90
N ALA B 30 1.44 -12.32 -23.64
CA ALA B 30 2.70 -12.92 -23.21
C ALA B 30 3.53 -11.89 -22.45
N LYS B 31 4.51 -12.38 -21.71
CA LYS B 31 5.53 -11.55 -21.08
C LYS B 31 6.87 -11.81 -21.76
N LEU B 32 7.56 -10.73 -22.11
CA LEU B 32 8.81 -10.81 -22.86
C LEU B 32 9.98 -10.50 -21.93
N PHE B 33 11.00 -11.37 -21.97
CA PHE B 33 12.22 -11.21 -21.18
C PHE B 33 13.43 -11.01 -22.10
N ARG B 34 14.38 -10.22 -21.63
N ARG B 34 14.37 -10.20 -21.63
CA ARG B 34 15.68 -10.11 -22.27
CA ARG B 34 15.69 -10.07 -22.23
C ARG B 34 16.77 -10.52 -21.30
C ARG B 34 16.74 -10.58 -21.27
N PHE B 35 17.76 -11.25 -21.80
CA PHE B 35 18.84 -11.77 -20.97
C PHE B 35 19.94 -10.74 -20.78
N ASP B 36 20.27 -10.44 -19.53
CA ASP B 36 21.40 -9.58 -19.19
C ASP B 36 22.61 -10.49 -18.99
N ALA B 37 23.36 -10.70 -20.07
CA ALA B 37 24.48 -11.63 -20.01
C ALA B 37 25.53 -11.20 -19.00
N ASP B 38 25.76 -9.89 -18.87
CA ASP B 38 26.75 -9.38 -17.94
C ASP B 38 26.31 -9.49 -16.49
N ALA B 39 25.06 -9.89 -16.24
CA ALA B 39 24.56 -10.10 -14.89
C ALA B 39 24.03 -11.52 -14.66
N LYS B 40 24.02 -12.37 -15.69
CA LYS B 40 23.48 -13.73 -15.59
C LYS B 40 22.05 -13.70 -15.06
N GLU B 41 21.25 -12.81 -15.63
CA GLU B 41 19.92 -12.53 -15.10
C GLU B 41 18.95 -12.27 -16.23
N TRP B 42 17.74 -12.80 -16.10
CA TRP B 42 16.65 -12.44 -17.01
C TRP B 42 15.98 -11.16 -16.53
N LYS B 43 15.67 -10.28 -17.48
CA LYS B 43 15.02 -9.01 -17.20
C LYS B 43 13.78 -8.86 -18.07
N GLU B 44 12.64 -8.57 -17.44
CA GLU B 44 11.41 -8.36 -18.19
C GLU B 44 11.54 -7.11 -19.05
N ARG B 45 10.98 -7.17 -20.26
CA ARG B 45 10.92 -5.99 -21.11
C ARG B 45 9.50 -5.49 -21.34
N GLY B 46 8.50 -6.31 -21.07
CA GLY B 46 7.14 -5.89 -21.36
C GLY B 46 6.14 -7.01 -21.24
N THR B 47 4.88 -6.64 -20.96
CA THR B 47 3.75 -7.56 -20.87
C THR B 47 2.61 -6.97 -21.69
N GLY B 48 1.95 -7.81 -22.47
CA GLY B 48 0.95 -7.32 -23.39
C GLY B 48 0.73 -8.31 -24.52
N ASP B 49 0.09 -7.81 -25.57
CA ASP B 49 -0.28 -8.65 -26.71
C ASP B 49 0.90 -8.79 -27.66
N CYS B 50 1.28 -10.05 -27.95
CA CYS B 50 2.25 -10.38 -28.99
C CYS B 50 1.49 -10.69 -30.27
N LYS B 51 1.76 -9.94 -31.33
CA LYS B 51 1.02 -10.07 -32.59
C LYS B 51 1.94 -10.46 -33.74
N PHE B 52 1.44 -11.38 -34.58
CA PHE B 52 2.13 -11.78 -35.80
C PHE B 52 1.57 -10.94 -36.95
N LEU B 53 2.36 -9.99 -37.43
CA LEU B 53 1.91 -9.03 -38.45
C LEU B 53 2.59 -9.32 -39.79
N LYS B 54 1.79 -9.76 -40.77
CA LYS B 54 2.26 -9.86 -42.15
C LYS B 54 1.92 -8.57 -42.91
N ASN B 55 2.91 -8.03 -43.60
CA ASN B 55 2.68 -6.85 -44.42
C ASN B 55 1.96 -7.25 -45.70
N LYS B 56 1.01 -6.43 -46.12
CA LYS B 56 0.25 -6.76 -47.33
C LYS B 56 1.02 -6.49 -48.61
N LYS B 57 2.06 -5.63 -48.56
CA LYS B 57 2.83 -5.27 -49.74
C LYS B 57 4.21 -5.92 -49.78
N THR B 58 4.47 -6.88 -48.89
CA THR B 58 5.72 -7.63 -48.93
C THR B 58 5.53 -9.04 -48.38
N ASN B 59 4.43 -9.25 -47.65
CA ASN B 59 4.09 -10.53 -47.03
C ASN B 59 5.17 -11.03 -46.07
N LYS B 60 6.00 -10.12 -45.56
CA LYS B 60 6.91 -10.45 -44.47
C LYS B 60 6.16 -10.39 -43.14
N VAL B 61 6.27 -11.46 -42.35
CA VAL B 61 5.60 -11.53 -41.05
C VAL B 61 6.58 -11.07 -39.98
N ARG B 62 6.13 -10.16 -39.13
CA ARG B 62 6.95 -9.58 -38.06
C ARG B 62 6.36 -9.93 -36.72
N ILE B 63 7.13 -9.66 -35.67
CA ILE B 63 6.66 -9.72 -34.29
C ILE B 63 6.50 -8.30 -33.78
N LEU B 64 5.27 -7.92 -33.45
CA LEU B 64 5.01 -6.63 -32.80
C LEU B 64 4.35 -6.88 -31.45
N MET B 65 4.95 -6.36 -30.39
CA MET B 65 4.42 -6.52 -29.05
C MET B 65 4.48 -5.19 -28.32
N ARG B 66 3.36 -4.79 -27.73
CA ARG B 66 3.27 -3.52 -27.01
C ARG B 66 2.90 -3.77 -25.56
N ARG B 67 3.50 -2.99 -24.66
CA ARG B 67 3.13 -3.02 -23.26
C ARG B 67 1.69 -2.54 -23.05
N ASP B 68 0.98 -3.22 -22.13
CA ASP B 68 -0.33 -2.76 -21.68
C ASP B 68 -0.26 -1.32 -21.15
N LYS B 69 -1.38 -0.60 -21.31
CA LYS B 69 -1.59 0.74 -20.78
C LYS B 69 -0.76 1.78 -21.50
N THR B 70 0.58 1.73 -21.36
CA THR B 70 1.42 2.71 -22.02
C THR B 70 1.56 2.46 -23.51
N LEU B 71 1.19 1.28 -23.99
CA LEU B 71 1.21 0.93 -25.41
C LEU B 71 2.60 1.05 -26.02
N LYS B 72 3.65 1.00 -25.21
CA LYS B 72 5.01 1.11 -25.71
C LYS B 72 5.47 -0.22 -26.28
N ILE B 73 6.27 -0.14 -27.34
CA ILE B 73 6.73 -1.31 -28.07
C ILE B 73 7.91 -1.94 -27.31
N CYS B 74 7.77 -3.22 -27.00
CA CYS B 74 8.85 -3.97 -26.36
C CYS B 74 9.43 -5.04 -27.27
N ALA B 75 8.83 -5.28 -28.42
CA ALA B 75 9.39 -6.20 -29.41
C ALA B 75 8.95 -5.76 -30.80
N ASN B 76 9.91 -5.71 -31.73
CA ASN B 76 9.62 -5.36 -33.12
C ASN B 76 10.76 -5.92 -33.99
N HIS B 77 10.53 -7.08 -34.57
CA HIS B 77 11.59 -7.74 -35.33
C HIS B 77 10.98 -8.73 -36.31
N ILE B 78 11.77 -9.06 -37.32
CA ILE B 78 11.35 -10.00 -38.36
C ILE B 78 11.46 -11.42 -37.82
N ILE B 79 10.45 -12.24 -38.11
CA ILE B 79 10.48 -13.65 -37.76
C ILE B 79 11.38 -14.40 -38.75
N ALA B 80 12.69 -14.25 -38.58
CA ALA B 80 13.66 -14.84 -39.51
C ALA B 80 13.56 -16.37 -39.50
N PRO B 81 13.70 -17.02 -40.65
CA PRO B 81 13.65 -18.49 -40.69
C PRO B 81 14.86 -19.16 -40.04
N GLU B 82 15.94 -18.43 -39.78
CA GLU B 82 17.12 -18.96 -39.10
C GLU B 82 16.94 -19.04 -37.58
N TYR B 83 16.02 -18.27 -37.01
CA TYR B 83 15.77 -18.32 -35.58
C TYR B 83 15.16 -19.66 -35.19
N THR B 84 15.57 -20.17 -34.03
CA THR B 84 15.07 -21.43 -33.50
C THR B 84 14.62 -21.24 -32.05
N LEU B 85 13.45 -21.79 -31.73
CA LEU B 85 12.87 -21.71 -30.40
C LEU B 85 13.39 -22.84 -29.53
N LYS B 86 14.10 -22.49 -28.46
CA LYS B 86 14.61 -23.46 -27.50
C LYS B 86 13.93 -23.28 -26.15
N PRO B 87 13.57 -24.38 -25.48
CA PRO B 87 12.89 -24.25 -24.18
C PRO B 87 13.84 -23.70 -23.12
N ASN B 88 13.24 -23.20 -22.04
CA ASN B 88 13.97 -22.76 -20.86
C ASN B 88 13.94 -23.88 -19.82
N VAL B 89 15.00 -23.92 -19.00
CA VAL B 89 15.16 -25.01 -18.06
C VAL B 89 14.03 -25.03 -17.03
N GLY B 90 13.49 -23.85 -16.68
CA GLY B 90 12.51 -23.79 -15.62
C GLY B 90 11.07 -23.51 -16.03
N SER B 91 10.69 -23.85 -17.27
CA SER B 91 9.37 -23.48 -17.76
C SER B 91 8.96 -24.40 -18.91
N ASP B 92 7.71 -24.88 -18.85
CA ASP B 92 7.10 -25.58 -19.97
C ASP B 92 6.14 -24.68 -20.76
N ARG B 93 6.19 -23.37 -20.53
CA ARG B 93 5.34 -22.42 -21.24
C ARG B 93 6.15 -21.22 -21.73
N SER B 94 7.41 -21.45 -22.10
CA SER B 94 8.28 -20.38 -22.55
C SER B 94 9.17 -20.88 -23.67
N TRP B 95 9.62 -19.95 -24.51
CA TRP B 95 10.59 -20.20 -25.57
C TRP B 95 11.71 -19.18 -25.46
N VAL B 96 12.92 -19.64 -25.75
CA VAL B 96 14.11 -18.81 -25.76
C VAL B 96 14.69 -18.82 -27.17
N TYR B 97 15.12 -17.65 -27.65
CA TYR B 97 15.76 -17.57 -28.94
C TYR B 97 16.52 -16.25 -29.05
N ALA B 98 17.60 -16.26 -29.82
CA ALA B 98 18.39 -15.07 -30.04
C ALA B 98 17.82 -14.27 -31.19
N CYS B 99 17.84 -12.96 -31.06
CA CYS B 99 17.34 -12.04 -32.07
C CYS B 99 18.44 -11.05 -32.41
N THR B 100 18.74 -10.91 -33.69
CA THR B 100 19.88 -10.11 -34.11
C THR B 100 19.52 -8.66 -34.39
N ALA B 101 18.29 -8.39 -34.84
CA ALA B 101 17.87 -7.02 -35.16
C ALA B 101 16.47 -6.80 -34.60
N ASP B 102 16.39 -6.14 -33.45
CA ASP B 102 15.13 -5.71 -32.86
C ASP B 102 15.16 -4.19 -32.74
N ILE B 103 14.09 -3.54 -33.22
CA ILE B 103 14.05 -2.08 -33.24
C ILE B 103 12.95 -1.56 -32.33
N ALA B 104 12.79 -2.18 -31.16
CA ALA B 104 11.76 -1.71 -30.23
C ALA B 104 12.16 -0.39 -29.58
N GLU B 105 13.45 -0.17 -29.36
CA GLU B 105 13.92 1.02 -28.67
C GLU B 105 14.97 1.76 -29.49
N GLY B 106 14.74 1.88 -30.79
CA GLY B 106 15.67 2.60 -31.64
C GLY B 106 16.42 1.74 -32.63
N GLU B 107 17.75 1.72 -32.52
CA GLU B 107 18.58 1.00 -33.47
C GLU B 107 18.46 -0.51 -33.28
N ALA B 108 18.43 -1.23 -34.40
CA ALA B 108 18.40 -2.69 -34.39
C ALA B 108 19.55 -3.25 -33.55
N GLU B 109 19.26 -3.68 -32.33
CA GLU B 109 20.23 -4.27 -31.44
C GLU B 109 19.98 -5.76 -31.32
N ALA B 110 21.04 -6.52 -31.02
CA ALA B 110 20.92 -7.95 -30.83
C ALA B 110 20.40 -8.27 -29.42
N PHE B 111 19.54 -9.29 -29.33
CA PHE B 111 18.92 -9.63 -28.06
C PHE B 111 18.71 -11.14 -27.98
N THR B 112 18.94 -11.69 -26.79
CA THR B 112 18.50 -13.05 -26.47
C THR B 112 17.18 -12.93 -25.71
N PHE B 113 16.10 -13.38 -26.33
CA PHE B 113 14.75 -13.16 -25.84
C PHE B 113 14.20 -14.43 -25.18
N ALA B 114 13.35 -14.22 -24.17
CA ALA B 114 12.50 -15.28 -23.66
C ALA B 114 11.07 -14.75 -23.58
N ILE B 115 10.12 -15.57 -23.96
CA ILE B 115 8.72 -15.15 -23.99
C ILE B 115 7.89 -16.23 -23.32
N ARG B 116 7.08 -15.82 -22.33
CA ARG B 116 6.28 -16.76 -21.55
C ARG B 116 4.80 -16.45 -21.76
N PHE B 117 3.99 -17.50 -21.71
CA PHE B 117 2.57 -17.41 -22.01
C PHE B 117 1.75 -17.91 -20.83
N GLY B 118 0.42 -17.85 -20.98
CA GLY B 118 -0.45 -18.24 -19.90
C GLY B 118 -0.48 -19.73 -19.64
N SER B 119 -0.16 -20.53 -20.64
CA SER B 119 -0.25 -21.97 -20.47
C SER B 119 0.71 -22.64 -21.44
N LYS B 120 0.81 -23.97 -21.30
CA LYS B 120 1.62 -24.74 -22.23
C LYS B 120 0.94 -24.81 -23.59
N GLU B 121 -0.39 -24.80 -23.62
CA GLU B 121 -1.12 -24.81 -24.88
C GLU B 121 -0.78 -23.59 -25.73
N ASN B 122 -0.89 -22.39 -25.17
CA ASN B 122 -0.55 -21.18 -25.92
C ASN B 122 0.92 -21.17 -26.31
N ALA B 123 1.79 -21.67 -25.43
CA ALA B 123 3.20 -21.74 -25.79
C ALA B 123 3.43 -22.69 -26.97
N ASP B 124 2.74 -23.83 -26.97
CA ASP B 124 2.84 -24.76 -28.10
C ASP B 124 2.24 -24.14 -29.36
N LYS B 125 1.05 -23.55 -29.24
CA LYS B 125 0.41 -22.89 -30.38
C LYS B 125 1.28 -21.76 -30.92
N PHE B 126 1.98 -21.04 -30.03
CA PHE B 126 2.86 -19.97 -30.48
C PHE B 126 3.99 -20.53 -31.35
N LYS B 127 4.57 -21.67 -30.93
CA LYS B 127 5.65 -22.25 -31.71
C LYS B 127 5.18 -22.66 -33.10
N GLU B 128 4.00 -23.27 -33.19
CA GLU B 128 3.43 -23.63 -34.49
C GLU B 128 3.27 -22.39 -35.37
N GLU B 129 2.68 -21.32 -34.83
CA GLU B 129 2.51 -20.08 -35.59
C GLU B 129 3.85 -19.41 -35.88
N PHE B 130 4.82 -19.54 -34.97
CA PHE B 130 6.15 -19.00 -35.22
C PHE B 130 6.82 -19.73 -36.38
N GLU B 131 6.60 -21.04 -36.48
CA GLU B 131 7.13 -21.81 -37.61
C GLU B 131 6.32 -21.56 -38.87
N LYS B 132 4.99 -21.45 -38.74
CA LYS B 132 4.15 -21.06 -39.86
C LYS B 132 4.37 -19.62 -40.31
N ALA B 133 5.27 -18.88 -39.66
CA ALA B 133 5.68 -17.56 -40.11
C ALA B 133 7.05 -17.57 -40.76
N GLN B 134 7.91 -18.53 -40.39
CA GLN B 134 9.21 -18.66 -41.05
C GLN B 134 9.06 -19.22 -42.45
N GLU B 135 8.00 -20.00 -42.70
CA GLU B 135 7.70 -20.46 -44.05
C GLU B 135 7.42 -19.29 -44.97
N ILE B 136 6.67 -18.30 -44.49
CA ILE B 136 6.25 -17.20 -45.34
C ILE B 136 7.42 -16.27 -45.65
N ASN B 137 8.31 -16.06 -44.68
CA ASN B 137 9.45 -15.19 -44.91
C ASN B 137 10.60 -15.90 -45.61
N LYS B 138 10.43 -17.17 -45.98
CA LYS B 138 11.40 -17.87 -46.80
C LYS B 138 11.21 -17.52 -48.28
N LYS B 139 9.98 -17.63 -48.77
CA LYS B 139 9.66 -17.32 -50.15
C LYS B 139 9.87 -15.84 -50.48
N SER C 3 37.88 18.23 -13.40
CA SER C 3 38.17 19.66 -13.26
C SER C 3 37.16 20.36 -12.35
N MET C 4 35.94 19.82 -12.29
CA MET C 4 34.91 20.37 -11.40
C MET C 4 35.17 20.08 -9.93
N GLU C 5 36.06 19.14 -9.63
CA GLU C 5 36.39 18.77 -8.24
C GLU C 5 37.33 19.79 -7.58
N GLY C 6 37.46 21.00 -8.12
CA GLY C 6 38.37 21.96 -7.55
C GLY C 6 37.83 22.61 -6.29
N ILE C 7 36.52 22.87 -6.26
CA ILE C 7 35.92 23.54 -5.12
C ILE C 7 35.85 22.65 -3.90
N LEU C 8 36.07 21.34 -4.05
CA LEU C 8 36.17 20.44 -2.90
C LEU C 8 37.46 20.67 -2.11
N ASP C 9 38.44 21.37 -2.68
CA ASP C 9 39.70 21.66 -2.00
C ASP C 9 39.52 22.91 -1.15
N PHE C 10 39.35 22.72 0.15
CA PHE C 10 39.18 23.83 1.08
C PHE C 10 40.49 24.53 1.42
N SER C 11 41.63 23.97 1.00
CA SER C 11 42.92 24.61 1.24
C SER C 11 42.95 26.00 0.60
N ASN C 12 42.53 26.10 -0.66
CA ASN C 12 42.45 27.38 -1.35
C ASN C 12 41.20 28.11 -0.87
N ASP C 13 40.82 29.18 -1.57
CA ASP C 13 39.55 29.84 -1.34
C ASP C 13 38.51 29.32 -2.31
N LEU C 14 37.23 29.56 -1.98
CA LEU C 14 36.16 29.11 -2.84
C LEU C 14 36.10 30.00 -4.07
N ASP C 15 36.30 29.39 -5.24
CA ASP C 15 36.03 30.05 -6.53
C ASP C 15 34.52 30.04 -6.77
N ILE C 16 33.86 31.13 -6.34
CA ILE C 16 32.39 31.21 -6.44
C ILE C 16 31.94 31.05 -7.88
N ALA C 17 32.65 31.68 -8.80
CA ALA C 17 32.34 31.51 -10.22
C ALA C 17 32.38 30.05 -10.62
N LEU C 18 33.32 29.28 -10.06
CA LEU C 18 33.36 27.85 -10.34
C LEU C 18 32.21 27.13 -9.66
N LEU C 19 31.74 27.66 -8.53
CA LEU C 19 30.60 27.06 -7.85
C LEU C 19 29.35 27.20 -8.68
N ASP C 20 29.05 28.42 -9.14
CA ASP C 20 27.88 28.65 -9.97
C ASP C 20 27.91 27.84 -11.25
N GLN C 21 29.09 27.43 -11.71
CA GLN C 21 29.14 26.58 -12.90
C GLN C 21 28.69 25.16 -12.56
N VAL C 22 29.26 24.57 -11.52
CA VAL C 22 28.90 23.19 -11.18
C VAL C 22 27.45 23.11 -10.72
N VAL C 23 26.94 24.18 -10.12
CA VAL C 23 25.54 24.24 -9.71
C VAL C 23 24.63 24.25 -10.93
N SER C 24 24.90 25.13 -11.89
CA SER C 24 24.14 25.18 -13.13
C SER C 24 24.30 23.89 -13.94
N THR C 25 25.49 23.29 -13.94
CA THR C 25 25.66 22.00 -14.61
C THR C 25 24.75 20.94 -14.00
N PHE C 26 24.40 21.09 -12.73
CA PHE C 26 23.56 20.11 -12.07
C PHE C 26 22.07 20.37 -12.30
N TYR C 27 21.63 21.62 -12.15
CA TYR C 27 20.22 21.95 -12.29
C TYR C 27 19.78 22.00 -13.76
N GLN C 28 20.57 22.62 -14.64
CA GLN C 28 20.19 22.80 -16.04
C GLN C 28 20.88 21.84 -17.01
N GLY C 29 21.90 21.11 -16.56
CA GLY C 29 22.62 20.21 -17.43
C GLY C 29 21.94 18.86 -17.54
N SER C 30 22.72 17.87 -18.00
CA SER C 30 22.20 16.53 -18.21
C SER C 30 23.37 15.57 -18.39
N GLY C 31 23.04 14.28 -18.44
CA GLY C 31 24.02 13.25 -18.69
C GLY C 31 25.07 13.15 -17.59
N VAL C 32 26.23 12.63 -17.99
CA VAL C 32 27.33 12.43 -17.05
C VAL C 32 27.83 13.74 -16.48
N GLN C 33 27.75 14.82 -17.27
CA GLN C 33 28.17 16.13 -16.77
C GLN C 33 27.29 16.60 -15.62
N GLN C 34 26.02 16.21 -15.61
CA GLN C 34 25.17 16.52 -14.47
C GLN C 34 25.40 15.53 -13.33
N LYS C 35 25.73 14.28 -13.65
CA LYS C 35 25.75 13.23 -12.64
C LYS C 35 26.86 13.44 -11.60
N GLN C 36 28.10 13.63 -12.07
CA GLN C 36 29.19 13.81 -11.10
C GLN C 36 29.15 15.20 -10.47
N ALA C 37 28.78 16.22 -11.26
CA ALA C 37 28.55 17.55 -10.68
C ALA C 37 27.59 17.47 -9.49
N GLN C 38 26.62 16.57 -9.56
CA GLN C 38 25.77 16.31 -8.40
C GLN C 38 26.57 15.69 -7.26
N GLU C 39 27.46 14.74 -7.58
CA GLU C 39 28.30 14.13 -6.54
C GLU C 39 29.28 15.11 -5.93
N ILE C 40 29.79 16.05 -6.72
CA ILE C 40 30.67 17.08 -6.17
C ILE C 40 29.89 17.99 -5.23
N LEU C 41 28.66 18.33 -5.60
CA LEU C 41 27.82 19.12 -4.71
C LEU C 41 27.44 18.38 -3.45
N THR C 42 27.34 17.05 -3.51
CA THR C 42 27.10 16.31 -2.29
C THR C 42 28.32 16.40 -1.34
N LYS C 43 29.52 16.13 -1.85
CA LYS C 43 30.71 16.16 -1.01
C LYS C 43 30.97 17.58 -0.51
N PHE C 44 30.68 18.60 -1.31
CA PHE C 44 30.83 19.97 -0.82
C PHE C 44 29.84 20.28 0.30
N GLN C 45 28.56 19.98 0.08
CA GLN C 45 27.55 20.28 1.10
C GLN C 45 27.80 19.49 2.38
N ASP C 46 28.25 18.23 2.25
CA ASP C 46 28.51 17.36 3.39
C ASP C 46 29.89 17.58 4.00
N ASN C 47 30.63 18.57 3.55
CA ASN C 47 31.89 18.91 4.19
C ASN C 47 31.62 19.57 5.54
N PRO C 48 32.18 19.06 6.65
CA PRO C 48 31.88 19.66 7.96
C PRO C 48 32.28 21.12 8.09
N ASP C 49 33.14 21.64 7.22
CA ASP C 49 33.57 23.03 7.31
C ASP C 49 32.90 23.92 6.26
N ALA C 50 32.01 23.37 5.43
CA ALA C 50 31.39 24.15 4.37
C ALA C 50 30.54 25.29 4.89
N TRP C 51 30.16 25.28 6.18
CA TRP C 51 29.24 26.29 6.69
C TRP C 51 29.90 27.67 6.77
N GLN C 52 31.18 27.73 7.12
CA GLN C 52 31.85 29.03 7.23
C GLN C 52 32.10 29.66 5.86
N LYS C 53 32.05 28.88 4.79
CA LYS C 53 32.11 29.41 3.44
C LYS C 53 30.76 29.90 2.94
N ALA C 54 29.69 29.62 3.67
CA ALA C 54 28.40 30.16 3.29
C ALA C 54 28.35 31.67 3.42
N ASP C 55 29.27 32.26 4.18
CA ASP C 55 29.35 33.73 4.23
C ASP C 55 29.60 34.31 2.83
N GLN C 56 30.54 33.71 2.10
CA GLN C 56 30.93 34.26 0.82
C GLN C 56 29.85 34.01 -0.23
N ILE C 57 29.33 32.79 -0.28
CA ILE C 57 28.35 32.41 -1.31
C ILE C 57 27.12 33.31 -1.24
N LEU C 58 26.60 33.52 -0.04
CA LEU C 58 25.36 34.27 0.10
C LEU C 58 25.55 35.75 -0.23
N GLN C 59 26.80 36.23 -0.26
CA GLN C 59 27.11 37.62 -0.51
C GLN C 59 27.68 37.87 -1.90
N PHE C 60 28.47 36.94 -2.43
CA PHE C 60 29.18 37.14 -3.68
C PHE C 60 28.54 36.46 -4.88
N SER C 61 27.86 35.32 -4.67
CA SER C 61 27.32 34.57 -5.79
C SER C 61 26.19 35.32 -6.49
N THR C 62 26.01 35.02 -7.78
CA THR C 62 24.89 35.53 -8.56
C THR C 62 23.88 34.45 -8.89
N ASN C 63 24.12 33.22 -8.46
CA ASN C 63 23.26 32.08 -8.75
C ASN C 63 22.34 31.83 -7.56
N PRO C 64 21.02 31.94 -7.73
CA PRO C 64 20.13 31.73 -6.57
C PRO C 64 20.12 30.29 -6.05
N GLN C 65 20.39 29.30 -6.91
CA GLN C 65 20.50 27.93 -6.43
C GLN C 65 21.72 27.76 -5.53
N SER C 66 22.81 28.46 -5.82
CA SER C 66 23.99 28.38 -4.97
C SER C 66 23.73 28.97 -3.60
N LYS C 67 23.00 30.10 -3.53
CA LYS C 67 22.61 30.65 -2.25
C LYS C 67 21.68 29.72 -1.50
N PHE C 68 20.75 29.07 -2.22
CA PHE C 68 19.89 28.07 -1.61
C PHE C 68 20.70 26.94 -1.02
N ILE C 69 21.64 26.39 -1.79
CA ILE C 69 22.42 25.25 -1.33
C ILE C 69 23.19 25.61 -0.07
N ALA C 70 23.68 26.86 0.01
CA ALA C 70 24.48 27.22 1.16
C ALA C 70 23.63 27.51 2.37
N LEU C 71 22.39 27.98 2.15
CA LEU C 71 21.43 28.07 3.25
C LEU C 71 21.14 26.70 3.83
N SER C 72 21.11 25.66 3.00
CA SER C 72 20.98 24.30 3.50
C SER C 72 22.16 23.92 4.37
N ILE C 73 23.37 24.19 3.88
CA ILE C 73 24.59 23.93 4.66
C ILE C 73 24.50 24.63 6.01
N LEU C 74 24.08 25.90 6.00
CA LEU C 74 23.78 26.60 7.24
C LEU C 74 22.75 25.85 8.07
N ASP C 75 21.64 25.43 7.45
CA ASP C 75 20.53 24.83 8.19
C ASP C 75 20.97 23.58 8.94
N LYS C 76 21.79 22.73 8.30
CA LYS C 76 22.37 21.60 9.01
C LYS C 76 23.19 22.05 10.21
N LEU C 77 23.85 23.21 10.11
CA LEU C 77 24.68 23.68 11.19
C LEU C 77 23.83 24.17 12.35
N ILE C 78 22.84 25.01 12.05
CA ILE C 78 21.93 25.52 13.08
C ILE C 78 21.17 24.37 13.76
N THR C 79 20.87 23.30 13.02
CA THR C 79 20.03 22.24 13.55
C THR C 79 20.80 21.27 14.43
N ARG C 80 22.06 20.98 14.10
CA ARG C 80 22.79 19.91 14.75
C ARG C 80 23.98 20.34 15.60
N LYS C 81 24.61 21.50 15.32
CA LYS C 81 25.84 21.86 16.01
C LYS C 81 25.85 23.30 16.53
N TRP C 82 24.70 23.96 16.53
CA TRP C 82 24.62 25.35 16.96
C TRP C 82 25.22 25.57 18.34
N LYS C 83 24.90 24.70 19.30
CA LYS C 83 25.33 24.94 20.68
C LYS C 83 26.82 24.71 20.87
N LEU C 84 27.47 24.01 19.93
CA LEU C 84 28.91 23.79 19.99
C LEU C 84 29.72 24.96 19.45
N LEU C 85 29.09 25.88 18.73
CA LEU C 85 29.82 26.97 18.11
C LEU C 85 30.35 27.93 19.17
N PRO C 86 31.50 28.57 18.91
CA PRO C 86 31.84 29.77 19.68
C PRO C 86 30.68 30.74 19.64
N ASN C 87 30.44 31.41 20.78
CA ASN C 87 29.24 32.23 20.92
C ASN C 87 29.19 33.35 19.89
N ASP C 88 30.34 33.87 19.49
CA ASP C 88 30.32 34.99 18.55
C ASP C 88 29.96 34.53 17.14
N HIS C 89 30.23 33.27 16.81
CA HIS C 89 29.75 32.73 15.54
C HIS C 89 28.23 32.69 15.49
N ARG C 90 27.57 32.40 16.61
CA ARG C 90 26.10 32.39 16.64
C ARG C 90 25.52 33.77 16.41
N ILE C 91 26.22 34.83 16.84
CA ILE C 91 25.77 36.18 16.56
C ILE C 91 26.04 36.53 15.11
N GLY C 92 27.16 36.06 14.56
CA GLY C 92 27.48 36.36 13.17
C GLY C 92 26.45 35.81 12.21
N ILE C 93 26.17 34.51 12.33
CA ILE C 93 25.16 33.87 11.49
C ILE C 93 23.81 34.55 11.67
N ARG C 94 23.41 34.81 12.91
CA ARG C 94 22.11 35.39 13.17
C ARG C 94 21.99 36.80 12.59
N ASN C 95 23.03 37.63 12.78
CA ASN C 95 23.02 38.96 12.16
C ASN C 95 23.05 38.85 10.66
N PHE C 96 23.92 37.97 10.13
CA PHE C 96 23.95 37.80 8.69
C PHE C 96 22.55 37.49 8.15
N VAL C 97 21.88 36.43 8.67
CA VAL C 97 20.60 36.01 8.09
C VAL C 97 19.55 37.12 8.20
N VAL C 98 19.44 37.79 9.35
CA VAL C 98 18.55 38.95 9.43
C VAL C 98 18.98 40.02 8.43
N GLY C 99 20.28 40.13 8.20
CA GLY C 99 20.83 41.16 7.33
C GLY C 99 20.78 40.86 5.85
N MET C 100 20.30 39.69 5.46
CA MET C 100 20.05 39.44 4.04
C MET C 100 18.58 39.53 3.69
N ILE C 101 17.73 38.91 4.50
CA ILE C 101 16.29 39.06 4.32
C ILE C 101 15.91 40.54 4.33
N ILE C 102 16.60 41.34 5.16
CA ILE C 102 16.36 42.78 5.14
C ILE C 102 16.55 43.35 3.73
N SER C 103 17.49 42.81 2.96
CA SER C 103 17.87 43.40 1.68
C SER C 103 17.10 42.80 0.52
N MET C 104 16.81 41.50 0.57
CA MET C 104 15.98 40.88 -0.46
C MET C 104 14.57 41.45 -0.46
N CYS C 105 14.10 41.97 0.68
CA CYS C 105 12.78 42.58 0.71
C CYS C 105 12.79 44.03 0.22
N GLN C 106 13.94 44.68 0.19
CA GLN C 106 13.98 46.07 -0.24
C GLN C 106 14.10 46.21 -1.75
N ASP C 107 14.86 45.31 -2.39
CA ASP C 107 14.98 45.29 -3.85
C ASP C 107 13.79 44.52 -4.41
N ASP C 108 12.79 45.26 -4.91
CA ASP C 108 11.58 44.64 -5.43
C ASP C 108 11.87 43.67 -6.56
N GLU C 109 12.99 43.86 -7.25
CA GLU C 109 13.38 42.88 -8.27
C GLU C 109 13.59 41.51 -7.65
N VAL C 110 14.53 41.40 -6.70
CA VAL C 110 14.82 40.10 -6.11
C VAL C 110 13.65 39.60 -5.24
N PHE C 111 12.80 40.51 -4.76
CA PHE C 111 11.68 40.09 -3.92
C PHE C 111 10.62 39.34 -4.71
N LYS C 112 10.53 39.58 -6.02
CA LYS C 112 9.58 38.86 -6.85
C LYS C 112 10.25 37.88 -7.81
N THR C 113 11.58 37.86 -7.87
CA THR C 113 12.27 36.95 -8.78
C THR C 113 12.78 35.68 -8.09
N GLN C 114 13.01 35.72 -6.78
N GLN C 114 13.02 35.71 -6.78
CA GLN C 114 13.66 34.61 -6.08
CA GLN C 114 13.65 34.60 -6.09
C GLN C 114 12.85 34.25 -4.83
C GLN C 114 12.84 34.26 -4.84
N LYS C 115 11.57 33.92 -5.04
CA LYS C 115 10.71 33.53 -3.92
C LYS C 115 11.24 32.29 -3.22
N ASN C 116 11.82 31.35 -3.97
CA ASN C 116 12.42 30.17 -3.36
C ASN C 116 13.51 30.56 -2.37
N LEU C 117 14.37 31.51 -2.76
CA LEU C 117 15.52 31.87 -1.94
C LEU C 117 15.09 32.60 -0.68
N ILE C 118 14.09 33.49 -0.79
CA ILE C 118 13.63 34.20 0.39
C ILE C 118 12.89 33.27 1.33
N ASN C 119 12.10 32.34 0.77
CA ASN C 119 11.44 31.35 1.62
C ASN C 119 12.46 30.47 2.31
N LYS C 120 13.50 30.06 1.59
CA LYS C 120 14.56 29.26 2.19
C LYS C 120 15.30 30.05 3.26
N SER C 121 15.38 31.37 3.10
CA SER C 121 16.04 32.20 4.11
C SER C 121 15.12 32.40 5.31
N ASP C 122 13.82 32.55 5.05
CA ASP C 122 12.86 32.61 6.15
C ASP C 122 12.92 31.36 7.02
N LEU C 123 13.02 30.18 6.39
CA LEU C 123 13.05 28.95 7.17
C LEU C 123 14.33 28.86 7.98
N THR C 124 15.45 29.28 7.37
CA THR C 124 16.71 29.34 8.08
C THR C 124 16.60 30.22 9.31
N LEU C 125 15.93 31.37 9.18
CA LEU C 125 15.70 32.25 10.32
C LEU C 125 14.91 31.53 11.40
N VAL C 126 13.86 30.79 11.01
CA VAL C 126 13.03 30.12 12.00
C VAL C 126 13.84 29.04 12.71
N GLN C 127 14.77 28.40 12.02
CA GLN C 127 15.67 27.49 12.70
C GLN C 127 16.49 28.20 13.78
N ILE C 128 16.89 29.45 13.53
CA ILE C 128 17.62 30.19 14.54
C ILE C 128 16.71 30.54 15.71
N LEU C 129 15.48 30.95 15.41
CA LEU C 129 14.53 31.29 16.47
C LEU C 129 14.27 30.09 17.39
N LYS C 130 14.23 28.88 16.83
CA LYS C 130 14.01 27.71 17.67
C LYS C 130 15.16 27.46 18.64
N GLN C 131 16.36 27.96 18.30
CA GLN C 131 17.52 27.83 19.17
C GLN C 131 17.66 29.00 20.14
N GLU C 132 17.33 30.21 19.70
CA GLU C 132 17.66 31.43 20.43
C GLU C 132 16.46 32.16 21.02
N TRP C 133 15.26 31.90 20.51
CA TRP C 133 14.12 32.73 20.85
C TRP C 133 13.17 31.99 21.79
N PRO C 134 12.61 32.65 22.81
CA PRO C 134 12.82 34.07 23.13
C PRO C 134 13.88 34.36 24.22
N GLN C 135 14.55 33.34 24.75
CA GLN C 135 15.46 33.55 25.90
C GLN C 135 16.60 34.50 25.55
N ASN C 136 17.16 34.39 24.34
CA ASN C 136 18.24 35.26 23.88
C ASN C 136 17.80 36.15 22.73
N TRP C 137 16.52 36.53 22.69
CA TRP C 137 16.00 37.36 21.61
C TRP C 137 14.61 37.86 21.98
N PRO C 138 14.43 38.48 23.15
CA PRO C 138 13.08 38.78 23.63
C PRO C 138 12.33 39.79 22.78
N GLU C 139 13.02 40.48 21.88
CA GLU C 139 12.41 41.57 21.12
C GLU C 139 12.19 41.22 19.66
N PHE C 140 12.19 39.92 19.32
CA PHE C 140 11.95 39.53 17.94
C PHE C 140 10.54 39.93 17.48
N ILE C 141 9.52 39.53 18.24
CA ILE C 141 8.14 39.75 17.82
C ILE C 141 7.81 41.25 17.83
N PRO C 142 8.16 42.01 18.87
CA PRO C 142 7.89 43.47 18.78
C PRO C 142 8.65 44.15 17.65
N GLU C 143 9.92 43.79 17.41
CA GLU C 143 10.63 44.38 16.27
C GLU C 143 10.10 43.86 14.95
N LEU C 144 9.54 42.65 14.91
CA LEU C 144 8.91 42.17 13.68
C LEU C 144 7.69 43.02 13.34
N ILE C 145 6.91 43.38 14.35
CA ILE C 145 5.69 44.15 14.12
C ILE C 145 6.03 45.57 13.66
N GLY C 146 7.04 46.18 14.28
CA GLY C 146 7.43 47.53 13.89
C GLY C 146 7.92 47.60 12.46
N SER C 147 8.82 46.68 12.09
CA SER C 147 9.35 46.66 10.73
C SER C 147 8.25 46.44 9.69
N SER C 148 7.19 45.70 10.06
CA SER C 148 6.12 45.42 9.12
C SER C 148 5.47 46.70 8.62
N SER C 149 5.32 47.70 9.51
CA SER C 149 4.63 48.94 9.16
C SER C 149 5.41 49.81 8.18
N SER C 150 6.70 49.56 7.99
CA SER C 150 7.50 50.38 7.08
C SER C 150 7.38 49.93 5.63
N SER C 151 7.59 48.64 5.35
CA SER C 151 7.63 48.12 4.00
C SER C 151 6.57 47.05 3.83
N VAL C 152 5.80 47.14 2.74
CA VAL C 152 4.81 46.10 2.45
C VAL C 152 5.50 44.78 2.16
N ASN C 153 6.66 44.83 1.48
CA ASN C 153 7.37 43.60 1.14
C ASN C 153 7.89 42.88 2.37
N VAL C 154 8.31 43.63 3.39
CA VAL C 154 8.77 42.98 4.60
C VAL C 154 7.58 42.54 5.45
N CYS C 155 6.51 43.33 5.45
CA CYS C 155 5.30 42.94 6.20
C CYS C 155 4.73 41.64 5.67
N GLU C 156 4.73 41.46 4.35
CA GLU C 156 4.29 40.21 3.78
C GLU C 156 5.25 39.07 4.13
N ASN C 157 6.55 39.32 3.99
CA ASN C 157 7.54 38.30 4.31
C ASN C 157 7.51 37.93 5.80
N ASN C 158 7.17 38.89 6.66
CA ASN C 158 7.04 38.57 8.08
C ASN C 158 5.87 37.61 8.31
N MET C 159 4.84 37.69 7.47
CA MET C 159 3.77 36.72 7.54
C MET C 159 4.26 35.34 7.15
N ILE C 160 5.20 35.26 6.20
CA ILE C 160 5.80 33.98 5.83
C ILE C 160 6.69 33.46 6.96
N VAL C 161 7.34 34.35 7.70
CA VAL C 161 8.19 33.92 8.81
C VAL C 161 7.33 33.38 9.95
N LEU C 162 6.27 34.12 10.30
CA LEU C 162 5.37 33.68 11.35
C LEU C 162 4.65 32.39 10.97
N LYS C 163 4.30 32.24 9.68
CA LYS C 163 3.65 31.02 9.23
C LYS C 163 4.53 29.81 9.47
N LEU C 164 5.78 29.87 8.99
CA LEU C 164 6.72 28.78 9.21
C LEU C 164 6.96 28.55 10.69
N LEU C 165 7.01 29.63 11.47
CA LEU C 165 7.26 29.49 12.90
C LEU C 165 6.13 28.71 13.57
N SER C 166 4.88 29.06 13.26
CA SER C 166 3.74 28.32 13.80
C SER C 166 3.81 26.84 13.41
N GLU C 167 4.24 26.54 12.18
CA GLU C 167 4.30 25.15 11.75
C GLU C 167 5.37 24.38 12.50
N GLU C 168 6.55 24.98 12.63
CA GLU C 168 7.66 24.31 13.31
C GLU C 168 7.34 24.07 14.78
N VAL C 169 6.62 24.99 15.41
CA VAL C 169 6.40 24.90 16.85
C VAL C 169 5.23 23.99 17.18
N PHE C 170 4.13 24.13 16.45
CA PHE C 170 2.89 23.42 16.76
C PHE C 170 2.60 22.23 15.86
N ASP C 171 2.94 22.27 14.57
CA ASP C 171 2.53 21.21 13.65
C ASP C 171 3.59 20.14 13.43
N PHE C 172 4.89 20.44 13.60
CA PHE C 172 5.94 19.49 13.28
C PHE C 172 6.96 19.34 14.41
N SER C 173 6.57 19.68 15.62
CA SER C 173 7.50 19.62 16.75
C SER C 173 7.50 18.24 17.42
N ALA C 174 6.36 17.53 17.42
CA ALA C 174 6.21 16.37 18.29
C ALA C 174 7.34 15.36 18.10
N GLU C 175 7.80 15.17 16.88
CA GLU C 175 8.87 14.20 16.67
C GLU C 175 10.25 14.82 16.56
N GLN C 176 10.34 16.14 16.35
CA GLN C 176 11.61 16.76 15.98
C GLN C 176 12.28 17.50 17.12
N MET C 177 11.57 17.81 18.20
CA MET C 177 12.19 18.37 19.39
C MET C 177 11.71 17.61 20.62
N THR C 178 12.42 17.81 21.73
CA THR C 178 12.03 17.20 22.99
C THR C 178 10.74 17.82 23.49
N GLN C 179 10.05 17.08 24.35
CA GLN C 179 8.82 17.58 24.97
C GLN C 179 9.03 18.93 25.63
N ALA C 180 10.14 19.08 26.35
CA ALA C 180 10.40 20.32 27.07
C ALA C 180 10.57 21.49 26.12
N LYS C 181 11.45 21.33 25.12
CA LYS C 181 11.71 22.40 24.17
C LYS C 181 10.46 22.76 23.37
N ALA C 182 9.63 21.77 23.03
CA ALA C 182 8.37 22.06 22.35
C ALA C 182 7.47 22.92 23.22
N LEU C 183 7.30 22.52 24.48
CA LEU C 183 6.44 23.26 25.41
C LEU C 183 6.94 24.68 25.60
N HIS C 184 8.26 24.83 25.76
CA HIS C 184 8.84 26.16 25.87
C HIS C 184 8.45 27.02 24.68
N LEU C 185 8.55 26.47 23.47
CA LEU C 185 8.27 27.27 22.28
C LEU C 185 6.78 27.55 22.12
N LYS C 186 5.94 26.54 22.36
CA LYS C 186 4.49 26.78 22.33
C LYS C 186 4.09 27.87 23.33
N ASN C 187 4.59 27.78 24.57
CA ASN C 187 4.28 28.79 25.58
C ASN C 187 4.71 30.19 25.13
N SER C 188 5.90 30.28 24.50
CA SER C 188 6.42 31.58 24.08
C SER C 188 5.55 32.19 22.99
N MET C 189 5.18 31.38 21.99
CA MET C 189 4.28 31.87 20.96
C MET C 189 2.94 32.25 21.57
N SER C 190 2.40 31.40 22.43
CA SER C 190 1.12 31.68 23.07
C SER C 190 1.14 33.00 23.84
N LYS C 191 2.24 33.29 24.55
CA LYS C 191 2.30 34.48 25.39
C LYS C 191 2.34 35.77 24.58
N GLU C 192 2.75 35.71 23.32
CA GLU C 192 2.90 36.91 22.50
C GLU C 192 1.99 36.90 21.28
N PHE C 193 0.94 36.07 21.28
CA PHE C 193 0.12 35.99 20.08
C PHE C 193 -0.83 37.17 19.95
N GLU C 194 -1.22 37.78 21.08
CA GLU C 194 -2.08 38.96 21.05
C GLU C 194 -1.50 40.04 20.13
N GLN C 195 -0.19 40.25 20.19
CA GLN C 195 0.43 41.24 19.32
C GLN C 195 0.51 40.75 17.88
N ILE C 196 0.73 39.45 17.67
CA ILE C 196 0.73 38.89 16.32
C ILE C 196 -0.64 38.98 15.69
N PHE C 197 -1.69 38.72 16.47
CA PHE C 197 -3.03 38.74 15.89
C PHE C 197 -3.45 40.14 15.50
N LYS C 198 -3.12 41.14 16.32
CA LYS C 198 -3.46 42.52 15.99
C LYS C 198 -2.85 42.93 14.65
N LEU C 199 -1.56 42.66 14.45
CA LEU C 199 -0.94 42.94 13.17
C LEU C 199 -1.61 42.17 12.03
N CYS C 200 -2.02 40.92 12.30
CA CYS C 200 -2.67 40.12 11.27
CA CYS C 200 -2.67 40.12 11.26
C CYS C 200 -4.07 40.65 10.95
N PHE C 201 -4.84 41.01 11.97
CA PHE C 201 -6.19 41.49 11.75
C PHE C 201 -6.20 42.83 11.04
N GLN C 202 -5.34 43.76 11.46
CA GLN C 202 -5.37 45.08 10.85
C GLN C 202 -4.89 45.02 9.40
N VAL C 203 -3.96 44.12 9.07
CA VAL C 203 -3.57 43.93 7.68
C VAL C 203 -4.76 43.44 6.85
N LEU C 204 -5.53 42.49 7.37
CA LEU C 204 -6.68 41.94 6.64
C LEU C 204 -7.81 42.96 6.53
N GLU C 205 -7.92 43.89 7.47
CA GLU C 205 -9.01 44.85 7.38
C GLU C 205 -8.65 46.07 6.53
N GLN C 206 -7.40 46.52 6.57
CA GLN C 206 -6.96 47.71 5.85
C GLN C 206 -6.46 47.41 4.44
N GLY C 207 -6.64 46.18 3.96
CA GLY C 207 -6.16 45.85 2.64
C GLY C 207 -4.65 46.07 2.55
N SER C 208 -4.19 46.16 1.30
CA SER C 208 -5.04 46.02 0.13
C SER C 208 -4.26 45.23 -0.91
N SER C 209 -2.99 44.98 -0.60
CA SER C 209 -2.15 44.17 -1.48
C SER C 209 -2.61 42.72 -1.42
N SER C 210 -3.01 42.18 -2.57
N SER C 210 -3.01 42.17 -2.57
CA SER C 210 -3.48 40.80 -2.62
CA SER C 210 -3.48 40.80 -2.60
C SER C 210 -2.39 39.84 -2.16
C SER C 210 -2.39 39.83 -2.16
N SER C 211 -1.15 40.08 -2.57
CA SER C 211 -0.04 39.25 -2.11
C SER C 211 0.10 39.32 -0.60
N LEU C 212 -0.01 40.51 -0.02
CA LEU C 212 0.11 40.65 1.43
C LEU C 212 -1.10 40.01 2.12
N ILE C 213 -2.28 40.13 1.53
CA ILE C 213 -3.48 39.57 2.14
C ILE C 213 -3.43 38.05 2.12
N VAL C 214 -3.08 37.47 0.98
CA VAL C 214 -3.03 36.02 0.86
C VAL C 214 -2.02 35.42 1.82
N ALA C 215 -0.83 36.03 1.92
CA ALA C 215 0.20 35.53 2.83
C ALA C 215 -0.21 35.66 4.29
N THR C 216 -1.05 36.66 4.60
CA THR C 216 -1.61 36.79 5.94
C THR C 216 -2.64 35.70 6.20
N LEU C 217 -3.49 35.44 5.21
CA LEU C 217 -4.48 34.38 5.36
C LEU C 217 -3.81 33.01 5.52
N GLU C 218 -2.73 32.75 4.75
N GLU C 218 -2.73 32.75 4.75
CA GLU C 218 -2.02 31.49 4.89
CA GLU C 218 -2.00 31.50 4.89
C GLU C 218 -1.44 31.31 6.29
C GLU C 218 -1.47 31.32 6.30
N SER C 219 -1.06 32.42 6.95
CA SER C 219 -0.57 32.32 8.30
C SER C 219 -1.70 32.16 9.30
N LEU C 220 -2.86 32.76 9.00
CA LEU C 220 -4.02 32.53 9.85
C LEU C 220 -4.44 31.07 9.82
N LEU C 221 -4.31 30.42 8.67
CA LEU C 221 -4.65 29.01 8.58
C LEU C 221 -3.90 28.20 9.64
N ARG C 222 -2.61 28.48 9.80
CA ARG C 222 -1.79 27.76 10.77
C ARG C 222 -2.18 28.12 12.21
N TYR C 223 -2.43 29.41 12.48
CA TYR C 223 -2.83 29.81 13.82
C TYR C 223 -4.07 29.06 14.28
N LEU C 224 -5.00 28.79 13.35
CA LEU C 224 -6.26 28.19 13.75
C LEU C 224 -6.09 26.76 14.29
N HIS C 225 -4.93 26.14 14.07
CA HIS C 225 -4.65 24.83 14.65
C HIS C 225 -4.52 24.84 16.17
N TRP C 226 -4.32 26.01 16.80
CA TRP C 226 -3.95 26.01 18.21
C TRP C 226 -4.42 27.22 19.01
N ILE C 227 -4.76 28.33 18.35
CA ILE C 227 -5.13 29.54 19.08
C ILE C 227 -6.48 29.36 19.75
N PRO C 228 -6.75 30.05 20.85
CA PRO C 228 -8.06 29.93 21.51
C PRO C 228 -9.15 30.61 20.70
N TYR C 229 -10.38 30.16 20.94
CA TYR C 229 -11.48 30.53 20.06
C TYR C 229 -11.83 32.02 20.16
N ARG C 230 -11.58 32.64 21.31
CA ARG C 230 -11.98 34.03 21.51
C ARG C 230 -11.38 34.95 20.45
N TYR C 231 -10.20 34.63 19.92
CA TYR C 231 -9.63 35.44 18.85
C TYR C 231 -10.45 35.40 17.58
N ILE C 232 -11.31 34.40 17.41
CA ILE C 232 -12.09 34.25 16.20
C ILE C 232 -13.52 34.75 16.37
N TYR C 233 -14.12 34.50 17.54
CA TYR C 233 -15.52 34.82 17.74
C TYR C 233 -15.74 36.17 18.41
N GLU C 234 -14.74 36.73 19.07
CA GLU C 234 -14.88 38.02 19.74
C GLU C 234 -14.35 39.17 18.93
N THR C 235 -13.89 38.92 17.72
CA THR C 235 -13.49 39.96 16.78
C THR C 235 -14.41 39.88 15.56
N ASN C 236 -14.11 40.69 14.56
CA ASN C 236 -14.90 40.73 13.34
C ASN C 236 -14.32 39.84 12.25
N ILE C 237 -13.35 38.99 12.59
CA ILE C 237 -12.62 38.27 11.55
C ILE C 237 -13.51 37.27 10.83
N LEU C 238 -14.51 36.70 11.52
CA LEU C 238 -15.41 35.76 10.85
C LEU C 238 -16.14 36.42 9.69
N GLU C 239 -16.58 37.67 9.87
CA GLU C 239 -17.33 38.32 8.81
C GLU C 239 -16.43 38.69 7.63
N LEU C 240 -15.18 39.04 7.91
CA LEU C 240 -14.24 39.32 6.83
C LEU C 240 -13.98 38.07 5.99
N LEU C 241 -13.77 36.93 6.66
CA LEU C 241 -13.48 35.69 5.94
C LEU C 241 -14.68 35.22 5.14
N SER C 242 -15.88 35.28 5.73
CA SER C 242 -17.06 34.73 5.07
C SER C 242 -17.68 35.69 4.06
N THR C 243 -17.18 36.92 3.95
CA THR C 243 -17.74 37.83 2.96
C THR C 243 -16.65 38.41 2.07
N LYS C 244 -15.89 39.36 2.62
CA LYS C 244 -14.86 40.07 1.85
C LYS C 244 -13.94 39.11 1.11
N PHE C 245 -13.32 38.19 1.84
CA PHE C 245 -12.28 37.36 1.23
C PHE C 245 -12.84 36.20 0.44
N MET C 246 -14.14 35.95 0.48
CA MET C 246 -14.73 34.96 -0.40
C MET C 246 -15.01 35.50 -1.79
N THR C 247 -15.04 36.83 -1.96
CA THR C 247 -15.38 37.45 -3.24
C THR C 247 -14.25 37.35 -4.26
N SER C 248 -13.01 37.65 -3.85
CA SER C 248 -11.87 37.62 -4.77
C SER C 248 -11.33 36.20 -4.91
N PRO C 249 -11.11 35.70 -6.13
CA PRO C 249 -10.55 34.35 -6.29
C PRO C 249 -9.13 34.21 -5.77
N ASP C 250 -8.40 35.32 -5.62
CA ASP C 250 -7.05 35.24 -5.06
C ASP C 250 -7.06 34.75 -3.62
N THR C 251 -7.96 35.29 -2.81
CA THR C 251 -8.09 34.92 -1.41
C THR C 251 -9.10 33.81 -1.16
N ARG C 252 -9.82 33.38 -2.20
CA ARG C 252 -10.97 32.50 -1.99
C ARG C 252 -10.53 31.14 -1.46
N ALA C 253 -9.52 30.53 -2.09
CA ALA C 253 -9.11 29.18 -1.70
C ALA C 253 -8.61 29.14 -0.27
N ILE C 254 -7.74 30.07 0.11
CA ILE C 254 -7.19 30.04 1.46
C ILE C 254 -8.27 30.37 2.49
N THR C 255 -9.17 31.28 2.16
CA THR C 255 -10.25 31.64 3.09
C THR C 255 -11.13 30.43 3.38
N LEU C 256 -11.44 29.66 2.33
CA LEU C 256 -12.26 28.46 2.47
C LEU C 256 -11.57 27.42 3.35
N LYS C 257 -10.24 27.31 3.25
CA LYS C 257 -9.51 26.42 4.16
C LYS C 257 -9.52 26.95 5.60
N CYS C 258 -9.44 28.27 5.77
CA CYS C 258 -9.51 28.84 7.13
C CYS C 258 -10.85 28.56 7.76
N LEU C 259 -11.93 28.70 6.98
CA LEU C 259 -13.26 28.47 7.51
C LEU C 259 -13.50 27.00 7.81
N THR C 260 -12.91 26.10 7.01
CA THR C 260 -12.92 24.69 7.37
C THR C 260 -12.27 24.46 8.72
N GLU C 261 -11.11 25.09 8.97
CA GLU C 261 -10.50 24.94 10.28
C GLU C 261 -11.31 25.63 11.37
N VAL C 262 -12.02 26.71 11.04
CA VAL C 262 -12.85 27.38 12.05
C VAL C 262 -13.95 26.46 12.51
N SER C 263 -14.54 25.72 11.58
CA SER C 263 -15.58 24.74 11.90
C SER C 263 -15.08 23.62 12.80
N ASN C 264 -13.78 23.56 13.06
CA ASN C 264 -13.21 22.57 13.97
C ASN C 264 -12.66 23.19 15.25
N LEU C 265 -12.87 24.49 15.47
CA LEU C 265 -12.37 25.13 16.68
C LEU C 265 -13.05 24.52 17.91
N LYS C 266 -12.35 24.62 19.04
CA LYS C 266 -12.89 24.20 20.33
C LYS C 266 -13.62 25.41 20.92
N ILE C 267 -14.94 25.38 20.87
CA ILE C 267 -15.79 26.47 21.35
C ILE C 267 -16.75 25.93 22.41
N PRO C 268 -17.42 26.78 23.19
CA PRO C 268 -18.46 26.29 24.10
C PRO C 268 -19.81 26.16 23.41
N GLN C 269 -20.49 25.04 23.68
CA GLN C 269 -21.72 24.68 23.00
C GLN C 269 -22.97 25.14 23.76
N ASP C 270 -22.83 26.03 24.73
CA ASP C 270 -23.98 26.52 25.48
C ASP C 270 -24.25 28.01 25.28
N ASN C 271 -23.37 28.72 24.58
CA ASN C 271 -23.56 30.15 24.34
C ASN C 271 -24.36 30.35 23.06
N ASP C 272 -25.54 30.93 23.18
CA ASP C 272 -26.38 31.12 22.00
C ASP C 272 -25.87 32.24 21.10
N LEU C 273 -25.01 33.10 21.61
CA LEU C 273 -24.39 34.12 20.78
C LEU C 273 -23.38 33.49 19.82
N ILE C 274 -22.53 32.62 20.34
CA ILE C 274 -21.57 31.89 19.51
C ILE C 274 -22.29 31.03 18.47
N LYS C 275 -23.40 30.42 18.87
CA LYS C 275 -24.20 29.63 17.93
C LYS C 275 -24.62 30.47 16.74
N ARG C 276 -25.02 31.72 16.98
CA ARG C 276 -25.47 32.59 15.89
C ARG C 276 -24.31 33.04 15.03
N GLN C 277 -23.13 33.23 15.62
CA GLN C 277 -21.96 33.50 14.81
C GLN C 277 -21.58 32.31 13.95
N THR C 278 -21.80 31.09 14.45
CA THR C 278 -21.51 29.89 13.67
C THR C 278 -22.50 29.73 12.53
N VAL C 279 -23.76 30.09 12.75
CA VAL C 279 -24.75 30.15 11.67
C VAL C 279 -24.38 31.25 10.68
N LEU C 280 -24.00 32.42 11.19
CA LEU C 280 -23.81 33.61 10.36
C LEU C 280 -22.70 33.42 9.34
N PHE C 281 -21.54 32.91 9.76
CA PHE C 281 -20.46 32.81 8.79
C PHE C 281 -20.75 31.75 7.73
N PHE C 282 -21.59 30.77 8.05
CA PHE C 282 -21.97 29.76 7.07
C PHE C 282 -22.96 30.33 6.07
N GLN C 283 -23.94 31.09 6.55
CA GLN C 283 -24.88 31.78 5.68
C GLN C 283 -24.16 32.73 4.73
N ASN C 284 -23.16 33.48 5.24
CA ASN C 284 -22.41 34.40 4.38
C ASN C 284 -21.59 33.65 3.34
N THR C 285 -20.90 32.59 3.75
CA THR C 285 -20.07 31.83 2.83
C THR C 285 -20.90 31.23 1.69
N LEU C 286 -22.05 30.65 2.01
CA LEU C 286 -22.89 30.05 0.97
C LEU C 286 -23.47 31.11 0.03
N GLN C 287 -23.82 32.28 0.57
CA GLN C 287 -24.32 33.37 -0.28
C GLN C 287 -23.24 33.81 -1.27
N GLN C 288 -22.01 34.04 -0.80
CA GLN C 288 -20.92 34.42 -1.69
C GLN C 288 -20.68 33.38 -2.76
N ILE C 289 -20.80 32.10 -2.42
CA ILE C 289 -20.62 31.05 -3.43
C ILE C 289 -21.73 31.11 -4.46
N ALA C 290 -22.97 31.29 -4.00
CA ALA C 290 -24.10 31.35 -4.93
C ALA C 290 -24.04 32.57 -5.84
N THR C 291 -23.53 33.71 -5.35
CA THR C 291 -23.51 34.91 -6.17
C THR C 291 -22.20 35.14 -6.91
N SER C 292 -21.04 34.73 -6.38
CA SER C 292 -19.78 34.98 -7.07
C SER C 292 -19.15 33.77 -7.75
N VAL C 293 -19.64 32.55 -7.50
CA VAL C 293 -18.94 31.39 -8.06
C VAL C 293 -19.85 30.54 -8.95
N MET C 294 -20.93 30.00 -8.37
CA MET C 294 -21.89 29.29 -9.21
C MET C 294 -23.14 29.04 -8.39
N PRO C 295 -24.30 29.01 -9.03
CA PRO C 295 -25.55 28.71 -8.31
C PRO C 295 -25.66 27.22 -8.00
N VAL C 296 -26.59 26.91 -7.08
CA VAL C 296 -26.75 25.55 -6.58
C VAL C 296 -27.19 24.59 -7.69
N THR C 297 -27.77 25.10 -8.78
CA THR C 297 -28.18 24.26 -9.91
C THR C 297 -27.03 23.95 -10.87
N ALA C 298 -25.84 24.52 -10.67
CA ALA C 298 -24.76 24.35 -11.63
C ALA C 298 -24.31 22.89 -11.71
N ASP C 299 -23.87 22.50 -12.90
CA ASP C 299 -23.42 21.14 -13.16
C ASP C 299 -21.97 21.02 -12.73
N LEU C 300 -21.77 20.75 -11.43
CA LEU C 300 -20.42 20.62 -10.88
C LEU C 300 -19.65 19.46 -11.51
N LYS C 301 -20.35 18.41 -11.95
CA LYS C 301 -19.66 17.31 -12.61
C LYS C 301 -18.96 17.76 -13.88
N ALA C 302 -19.68 18.52 -14.73
CA ALA C 302 -19.08 19.06 -15.95
C ALA C 302 -17.96 20.06 -15.64
N THR C 303 -18.19 20.95 -14.67
CA THR C 303 -17.14 21.91 -14.28
C THR C 303 -15.87 21.18 -13.88
N TYR C 304 -15.99 20.20 -12.98
CA TYR C 304 -14.82 19.48 -12.51
C TYR C 304 -14.11 18.77 -13.65
N ALA C 305 -14.86 18.18 -14.60
CA ALA C 305 -14.23 17.47 -15.71
C ALA C 305 -13.51 18.42 -16.66
N ASN C 306 -14.01 19.65 -16.81
CA ASN C 306 -13.35 20.63 -17.67
C ASN C 306 -12.00 21.05 -17.12
N ALA C 307 -11.84 21.07 -15.79
CA ALA C 307 -10.54 21.31 -15.14
C ALA C 307 -9.95 22.67 -15.53
N ASN C 308 -10.78 23.71 -15.52
CA ASN C 308 -10.27 25.06 -15.72
C ASN C 308 -9.63 25.59 -14.45
N GLY C 309 -8.47 26.20 -14.60
CA GLY C 309 -7.82 26.90 -13.50
C GLY C 309 -7.66 26.09 -12.24
N ASN C 310 -8.26 26.56 -11.15
CA ASN C 310 -8.23 25.85 -9.87
C ASN C 310 -9.62 25.36 -9.48
N ASP C 311 -10.47 25.08 -10.48
CA ASP C 311 -11.83 24.67 -10.18
C ASP C 311 -11.87 23.35 -9.44
N GLN C 312 -11.01 22.39 -9.83
CA GLN C 312 -11.02 21.09 -9.16
C GLN C 312 -10.65 21.23 -7.69
N SER C 313 -9.57 21.98 -7.39
CA SER C 313 -9.18 22.20 -6.01
C SER C 313 -10.25 22.97 -5.26
N PHE C 314 -10.92 23.90 -5.93
CA PHE C 314 -11.95 24.67 -5.23
C PHE C 314 -13.13 23.78 -4.88
N LEU C 315 -13.58 22.95 -5.83
CA LEU C 315 -14.68 22.04 -5.56
C LEU C 315 -14.33 21.02 -4.48
N GLN C 316 -13.06 20.59 -4.44
CA GLN C 316 -12.57 19.74 -3.36
C GLN C 316 -12.63 20.46 -2.02
N ASP C 317 -12.19 21.71 -1.98
CA ASP C 317 -12.22 22.43 -0.71
C ASP C 317 -13.64 22.75 -0.29
N LEU C 318 -14.54 22.99 -1.24
CA LEU C 318 -15.92 23.27 -0.90
C LEU C 318 -16.57 22.04 -0.27
N ALA C 319 -16.31 20.85 -0.82
CA ALA C 319 -16.83 19.61 -0.26
C ALA C 319 -16.27 19.40 1.14
N MET C 320 -14.98 19.64 1.31
CA MET C 320 -14.37 19.53 2.63
C MET C 320 -15.01 20.53 3.60
N PHE C 321 -15.21 21.77 3.15
CA PHE C 321 -15.84 22.78 4.02
C PHE C 321 -17.27 22.42 4.37
N LEU C 322 -18.09 22.05 3.38
CA LEU C 322 -19.48 21.72 3.67
C LEU C 322 -19.58 20.49 4.58
N THR C 323 -18.86 19.41 4.24
CA THR C 323 -18.98 18.19 5.04
C THR C 323 -18.49 18.42 6.46
N THR C 324 -17.39 19.17 6.63
CA THR C 324 -16.88 19.45 7.97
C THR C 324 -17.87 20.25 8.79
N TYR C 325 -18.45 21.30 8.19
CA TYR C 325 -19.35 22.17 8.94
C TYR C 325 -20.64 21.43 9.29
N LEU C 326 -21.22 20.75 8.30
CA LEU C 326 -22.54 20.18 8.51
C LEU C 326 -22.48 18.98 9.44
N ALA C 327 -21.39 18.23 9.42
CA ALA C 327 -21.26 17.11 10.36
C ALA C 327 -21.28 17.61 11.80
N ARG C 328 -20.72 18.79 12.05
N ARG C 328 -20.75 18.81 12.03
CA ARG C 328 -20.68 19.31 13.41
CA ARG C 328 -20.65 19.34 13.38
C ARG C 328 -21.87 20.19 13.77
C ARG C 328 -21.80 20.26 13.78
N ASN C 329 -22.42 20.95 12.82
CA ASN C 329 -23.33 22.04 13.15
C ASN C 329 -24.70 21.98 12.50
N ARG C 330 -25.05 20.91 11.78
CA ARG C 330 -26.30 20.97 11.03
C ARG C 330 -27.52 21.07 11.95
N ALA C 331 -27.40 20.63 13.21
CA ALA C 331 -28.49 20.82 14.17
C ALA C 331 -28.79 22.30 14.41
N LEU C 332 -27.80 23.18 14.25
CA LEU C 332 -28.04 24.61 14.40
C LEU C 332 -28.99 25.15 13.34
N LEU C 333 -29.11 24.47 12.20
CA LEU C 333 -29.95 24.93 11.11
C LEU C 333 -31.25 24.15 10.97
N GLU C 334 -31.50 23.13 11.81
CA GLU C 334 -32.61 22.22 11.55
C GLU C 334 -33.91 22.62 12.22
N SER C 335 -33.85 23.39 13.30
CA SER C 335 -35.06 23.78 14.03
C SER C 335 -35.65 25.10 13.53
N ASP C 336 -34.79 26.12 13.41
CA ASP C 336 -35.24 27.44 12.95
C ASP C 336 -35.77 27.35 11.52
N GLU C 337 -36.99 27.84 11.32
CA GLU C 337 -37.59 27.79 9.98
C GLU C 337 -36.90 28.75 9.02
N SER C 338 -36.33 29.84 9.52
CA SER C 338 -35.66 30.78 8.64
C SER C 338 -34.35 30.23 8.08
N LEU C 339 -33.79 29.20 8.70
CA LEU C 339 -32.53 28.60 8.27
C LEU C 339 -32.74 27.35 7.43
N ARG C 340 -33.97 27.04 7.05
CA ARG C 340 -34.23 25.79 6.34
C ARG C 340 -33.70 25.83 4.90
N GLU C 341 -33.80 26.99 4.24
CA GLU C 341 -33.30 27.08 2.88
C GLU C 341 -31.78 27.00 2.86
N LEU C 342 -31.14 27.59 3.86
CA LEU C 342 -29.68 27.53 3.94
C LEU C 342 -29.22 26.10 4.12
N LEU C 343 -29.92 25.36 4.98
CA LEU C 343 -29.56 23.98 5.24
C LEU C 343 -29.72 23.11 4.00
N LEU C 344 -30.82 23.30 3.26
CA LEU C 344 -31.06 22.46 2.09
C LEU C 344 -30.26 22.90 0.87
N ASN C 345 -29.90 24.18 0.78
CA ASN C 345 -28.99 24.60 -0.29
C ASN C 345 -27.59 24.03 -0.08
N ALA C 346 -27.12 24.04 1.17
CA ALA C 346 -25.81 23.46 1.46
C ALA C 346 -25.78 21.98 1.11
N HIS C 347 -26.83 21.23 1.45
CA HIS C 347 -26.86 19.82 1.09
C HIS C 347 -27.04 19.62 -0.41
N GLN C 348 -27.73 20.55 -1.07
CA GLN C 348 -27.91 20.45 -2.52
C GLN C 348 -26.59 20.66 -3.25
N TYR C 349 -25.72 21.55 -2.75
CA TYR C 349 -24.37 21.62 -3.30
C TYR C 349 -23.64 20.29 -3.12
N LEU C 350 -23.77 19.67 -1.94
CA LEU C 350 -23.17 18.35 -1.73
C LEU C 350 -23.73 17.32 -2.69
N ILE C 351 -25.05 17.35 -2.92
CA ILE C 351 -25.60 16.45 -3.93
C ILE C 351 -24.87 16.63 -5.26
N GLN C 352 -24.73 17.90 -5.72
CA GLN C 352 -24.06 18.16 -6.99
C GLN C 352 -22.59 17.77 -6.94
N LEU C 353 -21.93 18.03 -5.81
CA LEU C 353 -20.55 17.61 -5.63
C LEU C 353 -20.42 16.10 -5.73
N SER C 354 -21.42 15.34 -5.27
CA SER C 354 -21.35 13.89 -5.26
C SER C 354 -21.47 13.28 -6.64
N LYS C 355 -21.84 14.05 -7.65
CA LYS C 355 -21.95 13.52 -9.00
C LYS C 355 -20.64 13.61 -9.76
N ILE C 356 -19.63 14.28 -9.19
CA ILE C 356 -18.34 14.40 -9.84
C ILE C 356 -17.70 13.03 -10.01
N GLU C 357 -17.06 12.83 -11.18
CA GLU C 357 -16.33 11.59 -11.45
C GLU C 357 -14.92 11.78 -10.88
N GLU C 358 -14.78 11.46 -9.60
CA GLU C 358 -13.51 11.61 -8.91
C GLU C 358 -13.58 10.74 -7.66
N ARG C 359 -12.96 9.56 -7.75
CA ARG C 359 -13.10 8.52 -6.73
C ARG C 359 -12.86 9.05 -5.34
N GLU C 360 -11.73 9.72 -5.13
CA GLU C 360 -11.36 10.17 -3.79
C GLU C 360 -12.30 11.25 -3.27
N LEU C 361 -12.81 12.12 -4.15
CA LEU C 361 -13.78 13.11 -3.71
C LEU C 361 -15.10 12.44 -3.33
N PHE C 362 -15.52 11.46 -4.12
CA PHE C 362 -16.74 10.72 -3.80
C PHE C 362 -16.66 10.10 -2.41
N LYS C 363 -15.50 9.51 -2.06
CA LYS C 363 -15.39 8.92 -0.73
C LYS C 363 -15.54 9.98 0.36
N THR C 364 -15.03 11.18 0.11
CA THR C 364 -15.19 12.25 1.09
C THR C 364 -16.65 12.60 1.30
N THR C 365 -17.42 12.77 0.20
CA THR C 365 -18.83 13.08 0.36
C THR C 365 -19.61 11.87 0.86
N LEU C 366 -19.25 10.67 0.41
CA LEU C 366 -19.94 9.47 0.86
C LEU C 366 -19.84 9.30 2.38
N ASP C 367 -18.69 9.65 2.97
CA ASP C 367 -18.55 9.58 4.43
C ASP C 367 -19.54 10.51 5.11
N TYR C 368 -19.75 11.70 4.55
CA TYR C 368 -20.71 12.63 5.15
C TYR C 368 -22.12 12.07 5.06
N TRP C 369 -22.49 11.56 3.87
CA TRP C 369 -23.83 11.02 3.69
C TRP C 369 -24.08 9.89 4.68
N HIS C 370 -23.08 9.01 4.86
CA HIS C 370 -23.18 7.98 5.88
C HIS C 370 -23.51 8.61 7.23
N ASN C 371 -22.82 9.68 7.56
CA ASN C 371 -23.06 10.34 8.83
C ASN C 371 -24.49 10.87 8.89
N LEU C 372 -24.98 11.41 7.76
CA LEU C 372 -26.31 12.01 7.75
C LEU C 372 -27.39 10.95 7.87
N VAL C 373 -27.36 9.93 7.00
CA VAL C 373 -28.47 9.00 6.96
C VAL C 373 -28.51 8.13 8.21
N ALA C 374 -27.36 7.87 8.83
CA ALA C 374 -27.38 7.16 10.10
C ALA C 374 -28.11 7.99 11.15
N ASP C 375 -27.92 9.30 11.14
CA ASP C 375 -28.63 10.18 12.07
C ASP C 375 -30.12 10.27 11.75
N LEU C 376 -30.49 10.33 10.46
CA LEU C 376 -31.91 10.33 10.13
C LEU C 376 -32.59 9.03 10.51
N PHE C 377 -31.82 7.95 10.65
CA PHE C 377 -32.36 6.64 10.95
C PHE C 377 -32.61 6.47 12.45
N TYR C 378 -31.83 7.15 13.29
CA TYR C 378 -31.93 7.01 14.72
C TYR C 378 -32.50 8.24 15.43
N GLU C 379 -32.37 9.42 14.83
CA GLU C 379 -32.78 10.61 15.56
C GLU C 379 -34.24 10.94 15.27
N PRO C 380 -35.02 11.26 16.31
CA PRO C 380 -36.43 11.57 16.09
C PRO C 380 -36.64 12.85 15.31
N LEU C 381 -37.70 12.85 14.51
CA LEU C 381 -38.27 14.00 13.82
C LEU C 381 -37.34 14.65 12.82
N LYS C 382 -36.23 14.00 12.46
CA LYS C 382 -35.24 14.59 11.57
C LYS C 382 -35.43 14.21 10.10
N LYS C 383 -35.85 12.98 9.79
CA LYS C 383 -35.77 12.51 8.41
C LYS C 383 -36.71 13.25 7.46
N HIS C 384 -37.81 13.83 7.95
CA HIS C 384 -38.73 14.55 7.06
C HIS C 384 -38.10 15.80 6.46
N ILE C 385 -37.09 16.37 7.11
CA ILE C 385 -36.44 17.56 6.58
C ILE C 385 -35.73 17.25 5.26
N TYR C 386 -35.15 16.05 5.15
CA TYR C 386 -34.21 15.74 4.09
C TYR C 386 -34.78 14.80 3.04
N GLU C 387 -36.11 14.71 2.93
CA GLU C 387 -36.71 13.70 2.06
C GLU C 387 -36.31 13.91 0.60
N GLU C 388 -36.25 15.17 0.17
CA GLU C 388 -35.87 15.42 -1.22
C GLU C 388 -34.35 15.35 -1.42
N ILE C 389 -33.56 15.70 -0.39
CA ILE C 389 -32.13 15.43 -0.45
C ILE C 389 -31.89 13.93 -0.55
N CYS C 390 -32.55 13.16 0.31
CA CYS C 390 -32.34 11.71 0.35
C CYS C 390 -32.79 11.04 -0.94
N SER C 391 -33.89 11.53 -1.51
CA SER C 391 -34.40 10.94 -2.74
C SER C 391 -33.38 11.08 -3.87
N GLN C 392 -32.76 12.24 -3.99
CA GLN C 392 -31.69 12.40 -4.97
C GLN C 392 -30.49 11.52 -4.64
N LEU C 393 -30.12 11.45 -3.35
CA LEU C 393 -28.95 10.67 -2.98
C LEU C 393 -29.10 9.21 -3.40
N ARG C 394 -30.32 8.64 -3.26
CA ARG C 394 -30.56 7.25 -3.70
C ARG C 394 -30.12 7.05 -5.13
N LEU C 395 -30.47 7.98 -6.02
CA LEU C 395 -30.11 7.81 -7.42
C LEU C 395 -28.60 7.98 -7.62
N VAL C 396 -27.99 8.93 -6.90
CA VAL C 396 -26.55 9.14 -7.02
C VAL C 396 -25.78 7.90 -6.58
N ILE C 397 -26.23 7.23 -5.51
CA ILE C 397 -25.51 6.06 -5.04
C ILE C 397 -25.76 4.87 -5.95
N ILE C 398 -27.01 4.68 -6.38
CA ILE C 398 -27.34 3.57 -7.28
C ILE C 398 -26.54 3.66 -8.56
N GLU C 399 -26.37 4.86 -9.11
CA GLU C 399 -25.69 5.01 -10.41
C GLU C 399 -24.17 4.99 -10.30
N ASN C 400 -23.61 5.10 -9.09
CA ASN C 400 -22.17 5.04 -8.90
C ASN C 400 -21.73 3.80 -8.11
N MET C 401 -22.58 2.77 -8.04
CA MET C 401 -22.24 1.56 -7.30
C MET C 401 -21.04 0.87 -7.93
N VAL C 402 -20.06 0.52 -7.11
CA VAL C 402 -18.86 -0.15 -7.59
C VAL C 402 -19.01 -1.65 -7.38
N ARG C 403 -18.17 -2.41 -8.10
CA ARG C 403 -18.17 -3.86 -8.01
C ARG C 403 -17.96 -4.34 -6.57
N PRO C 404 -18.84 -5.20 -6.05
CA PRO C 404 -18.82 -5.71 -4.67
C PRO C 404 -17.73 -6.75 -4.40
N THR C 427 -12.98 -1.32 -5.53
CA THR C 427 -12.61 -1.41 -4.12
C THR C 427 -13.74 -2.05 -3.31
N ILE C 428 -13.40 -3.05 -2.49
CA ILE C 428 -14.40 -3.67 -1.64
C ILE C 428 -14.78 -2.74 -0.48
N GLN C 429 -13.82 -1.95 0.00
CA GLN C 429 -14.12 -1.02 1.09
C GLN C 429 -15.14 0.02 0.66
N LEU C 430 -15.02 0.52 -0.57
CA LEU C 430 -15.96 1.51 -1.08
C LEU C 430 -17.36 0.90 -1.26
N TYR C 431 -17.43 -0.33 -1.77
CA TYR C 431 -18.73 -0.98 -1.94
C TYR C 431 -19.44 -1.13 -0.60
N LYS C 432 -18.72 -1.50 0.46
CA LYS C 432 -19.34 -1.62 1.78
C LYS C 432 -19.89 -0.28 2.23
N SER C 433 -19.16 0.80 1.96
CA SER C 433 -19.65 2.12 2.34
C SER C 433 -20.90 2.47 1.55
N GLU C 434 -20.89 2.23 0.25
CA GLU C 434 -22.09 2.50 -0.54
C GLU C 434 -23.25 1.65 -0.07
N ARG C 435 -23.01 0.37 0.21
CA ARG C 435 -24.09 -0.50 0.63
C ARG C 435 -24.69 -0.01 1.94
N GLU C 436 -23.85 0.42 2.87
CA GLU C 436 -24.33 0.88 4.17
C GLU C 436 -25.21 2.12 4.04
N VAL C 437 -24.78 3.09 3.23
CA VAL C 437 -25.58 4.29 3.02
C VAL C 437 -26.89 3.94 2.32
N LEU C 438 -26.84 3.12 1.26
CA LEU C 438 -28.04 2.74 0.51
C LEU C 438 -29.01 1.92 1.36
N VAL C 439 -28.51 1.12 2.31
CA VAL C 439 -29.39 0.36 3.20
C VAL C 439 -30.12 1.29 4.16
N TYR C 440 -29.40 2.24 4.76
CA TYR C 440 -30.06 3.27 5.55
C TYR C 440 -31.12 4.00 4.73
N LEU C 441 -30.80 4.37 3.49
CA LEU C 441 -31.74 5.14 2.68
C LEU C 441 -32.96 4.31 2.31
N THR C 442 -32.81 2.99 2.28
CA THR C 442 -33.95 2.12 1.97
C THR C 442 -34.89 2.01 3.17
N HIS C 443 -34.34 1.91 4.38
CA HIS C 443 -35.18 1.98 5.57
C HIS C 443 -35.91 3.32 5.64
N LEU C 444 -35.24 4.40 5.26
CA LEU C 444 -35.86 5.71 5.36
C LEU C 444 -37.04 5.86 4.41
N ASN C 445 -37.02 5.13 3.29
CA ASN C 445 -38.14 5.21 2.35
C ASN C 445 -38.03 4.03 1.37
N VAL C 446 -38.56 2.88 1.79
CA VAL C 446 -38.56 1.68 0.97
C VAL C 446 -39.23 1.93 -0.37
N ILE C 447 -40.33 2.69 -0.37
CA ILE C 447 -41.13 2.83 -1.59
C ILE C 447 -40.35 3.61 -2.64
N ASP C 448 -39.70 4.71 -2.23
CA ASP C 448 -38.90 5.49 -3.16
C ASP C 448 -37.76 4.67 -3.75
N THR C 449 -37.12 3.83 -2.93
CA THR C 449 -35.99 3.04 -3.42
C THR C 449 -36.44 2.05 -4.49
N GLU C 450 -37.56 1.38 -4.27
CA GLU C 450 -38.02 0.42 -5.27
C GLU C 450 -38.37 1.11 -6.58
N GLU C 451 -38.99 2.29 -6.51
CA GLU C 451 -39.40 2.98 -7.73
C GLU C 451 -38.19 3.39 -8.56
N ILE C 452 -37.16 3.92 -7.90
CA ILE C 452 -35.96 4.32 -8.61
C ILE C 452 -35.30 3.13 -9.30
N MET C 453 -35.26 1.98 -8.62
CA MET C 453 -34.56 0.84 -9.19
C MET C 453 -35.36 0.20 -10.33
N ILE C 454 -36.68 0.08 -10.16
CA ILE C 454 -37.49 -0.45 -11.25
C ILE C 454 -37.46 0.48 -12.45
N SER C 455 -37.53 1.80 -12.23
CA SER C 455 -37.43 2.74 -13.34
C SER C 455 -36.10 2.59 -14.08
N LYS C 456 -34.99 2.50 -13.32
CA LYS C 456 -33.70 2.31 -13.97
C LYS C 456 -33.67 1.01 -14.77
N LEU C 457 -34.34 -0.02 -14.27
CA LEU C 457 -34.44 -1.26 -15.02
C LEU C 457 -35.22 -1.05 -16.32
N ALA C 458 -36.31 -0.26 -16.28
CA ALA C 458 -37.04 0.00 -17.51
C ALA C 458 -36.18 0.76 -18.51
N ARG C 459 -35.39 1.73 -18.05
CA ARG C 459 -34.47 2.41 -18.96
C ARG C 459 -33.34 1.49 -19.43
N GLN C 460 -33.10 0.37 -18.76
CA GLN C 460 -32.23 -0.65 -19.32
C GLN C 460 -32.95 -1.44 -20.41
N ILE C 461 -34.25 -1.67 -20.24
CA ILE C 461 -35.00 -2.48 -21.18
C ILE C 461 -35.28 -1.70 -22.47
N ASP C 462 -35.70 -0.43 -22.35
CA ASP C 462 -35.96 0.34 -23.56
C ASP C 462 -34.69 0.79 -24.27
N GLY C 463 -33.52 0.61 -23.65
CA GLY C 463 -32.26 0.87 -24.32
C GLY C 463 -31.71 2.27 -24.18
N SER C 464 -32.44 3.18 -23.52
CA SER C 464 -31.96 4.55 -23.39
C SER C 464 -30.71 4.65 -22.54
N GLU C 465 -30.54 3.76 -21.57
CA GLU C 465 -29.34 3.73 -20.73
C GLU C 465 -28.68 2.35 -20.75
N TRP C 466 -28.97 1.54 -21.77
CA TRP C 466 -28.45 0.19 -21.81
C TRP C 466 -26.95 0.18 -22.02
N SER C 467 -26.26 -0.58 -21.18
CA SER C 467 -24.82 -0.71 -21.23
C SER C 467 -24.44 -1.89 -20.35
N TRP C 468 -23.37 -2.58 -20.71
CA TRP C 468 -22.83 -3.61 -19.83
C TRP C 468 -22.49 -3.02 -18.46
N HIS C 469 -21.72 -1.93 -18.44
CA HIS C 469 -21.40 -1.28 -17.17
C HIS C 469 -22.66 -0.82 -16.45
N ASN C 470 -23.66 -0.35 -17.19
CA ASN C 470 -24.85 0.20 -16.55
C ASN C 470 -25.72 -0.91 -15.94
N ILE C 471 -25.89 -2.02 -16.66
CA ILE C 471 -26.71 -3.10 -16.12
C ILE C 471 -26.01 -3.77 -14.93
N ASN C 472 -24.68 -3.91 -14.97
CA ASN C 472 -23.96 -4.48 -13.84
C ASN C 472 -24.07 -3.59 -12.60
N THR C 473 -23.89 -2.29 -12.77
CA THR C 473 -23.96 -1.36 -11.64
C THR C 473 -25.34 -1.43 -10.99
N LEU C 474 -26.39 -1.47 -11.80
CA LEU C 474 -27.74 -1.57 -11.26
C LEU C 474 -27.94 -2.87 -10.50
N SER C 475 -27.48 -3.99 -11.07
CA SER C 475 -27.61 -5.27 -10.38
C SER C 475 -26.92 -5.24 -9.02
N TRP C 476 -25.71 -4.67 -8.97
CA TRP C 476 -25.01 -4.50 -7.70
C TRP C 476 -25.86 -3.68 -6.73
N ALA C 477 -26.41 -2.56 -7.19
CA ALA C 477 -27.27 -1.74 -6.33
C ALA C 477 -28.49 -2.51 -5.87
N ILE C 478 -29.15 -3.21 -6.78
CA ILE C 478 -30.32 -3.99 -6.41
C ILE C 478 -29.93 -5.07 -5.40
N GLY C 479 -28.78 -5.72 -5.63
CA GLY C 479 -28.36 -6.76 -4.72
C GLY C 479 -27.89 -6.25 -3.37
N SER C 480 -27.41 -5.01 -3.32
CA SER C 480 -26.83 -4.49 -2.09
C SER C 480 -27.85 -4.28 -0.98
N ILE C 481 -29.13 -4.11 -1.30
CA ILE C 481 -30.12 -3.77 -0.28
C ILE C 481 -30.87 -5.00 0.19
N SER C 482 -30.23 -6.18 0.11
CA SER C 482 -30.87 -7.41 0.53
C SER C 482 -31.11 -7.41 2.04
N GLY C 483 -32.29 -7.88 2.44
CA GLY C 483 -32.60 -7.97 3.85
C GLY C 483 -33.07 -6.69 4.48
N THR C 484 -33.45 -5.70 3.69
CA THR C 484 -33.87 -4.41 4.20
C THR C 484 -35.37 -4.17 4.04
N MET C 485 -36.03 -4.92 3.16
CA MET C 485 -37.47 -4.84 2.97
C MET C 485 -38.15 -5.98 3.71
N SER C 486 -39.45 -5.83 3.94
CA SER C 486 -40.21 -6.94 4.49
C SER C 486 -40.19 -8.10 3.52
N GLU C 487 -40.37 -9.31 4.05
CA GLU C 487 -40.24 -10.51 3.25
C GLU C 487 -41.26 -10.53 2.12
N ASP C 488 -42.47 -10.04 2.37
CA ASP C 488 -43.48 -10.00 1.32
C ASP C 488 -43.12 -8.97 0.25
N THR C 489 -42.84 -7.73 0.68
CA THR C 489 -42.41 -6.71 -0.28
C THR C 489 -41.18 -7.17 -1.05
N GLU C 490 -40.22 -7.78 -0.35
CA GLU C 490 -39.04 -8.31 -1.03
C GLU C 490 -39.43 -9.32 -2.08
N LYS C 491 -40.42 -10.18 -1.78
CA LYS C 491 -40.81 -11.23 -2.71
C LYS C 491 -41.24 -10.65 -4.04
N ARG C 492 -42.16 -9.68 -4.02
CA ARG C 492 -42.66 -9.13 -5.28
C ARG C 492 -41.63 -8.22 -5.94
N PHE C 493 -40.71 -7.66 -5.16
CA PHE C 493 -39.63 -6.89 -5.76
C PHE C 493 -38.67 -7.80 -6.51
N VAL C 494 -38.24 -8.89 -5.87
CA VAL C 494 -37.30 -9.81 -6.51
C VAL C 494 -37.92 -10.39 -7.77
N VAL C 495 -39.18 -10.83 -7.70
CA VAL C 495 -39.86 -11.41 -8.86
C VAL C 495 -39.89 -10.41 -10.00
N THR C 496 -40.27 -9.17 -9.71
CA THR C 496 -40.27 -8.14 -10.73
C THR C 496 -38.89 -7.99 -11.36
N VAL C 497 -37.84 -8.01 -10.53
CA VAL C 497 -36.49 -7.80 -11.05
C VAL C 497 -36.04 -8.98 -11.89
N ILE C 498 -36.17 -10.21 -11.36
CA ILE C 498 -35.75 -11.39 -12.13
C ILE C 498 -36.51 -11.47 -13.45
N LYS C 499 -37.83 -11.25 -13.40
CA LYS C 499 -38.65 -11.29 -14.60
C LYS C 499 -38.18 -10.28 -15.64
N ASP C 500 -37.95 -9.03 -15.21
CA ASP C 500 -37.48 -8.02 -16.15
C ASP C 500 -36.10 -8.36 -16.66
N LEU C 501 -35.20 -8.81 -15.77
CA LEU C 501 -33.87 -9.25 -16.21
C LEU C 501 -33.98 -10.43 -17.18
N LEU C 502 -34.87 -11.38 -16.89
CA LEU C 502 -35.06 -12.50 -17.81
C LEU C 502 -35.56 -12.01 -19.16
N GLY C 503 -36.46 -11.03 -19.17
CA GLY C 503 -36.92 -10.46 -20.42
C GLY C 503 -35.85 -9.67 -21.14
N LEU C 504 -34.94 -9.03 -20.39
CA LEU C 504 -33.87 -8.29 -21.02
C LEU C 504 -32.90 -9.21 -21.73
N CYS C 505 -32.53 -10.32 -21.07
CA CYS C 505 -31.67 -11.31 -21.70
C CYS C 505 -32.34 -11.95 -22.90
N GLU C 506 -33.67 -12.06 -22.87
CA GLU C 506 -34.38 -12.68 -23.97
C GLU C 506 -34.29 -11.81 -25.23
N GLN C 507 -34.32 -10.49 -25.06
CA GLN C 507 -34.37 -9.61 -26.21
C GLN C 507 -32.99 -9.29 -26.77
N LYS C 508 -31.93 -9.57 -26.03
CA LYS C 508 -30.59 -9.22 -26.46
C LYS C 508 -30.06 -10.26 -27.44
N ARG C 509 -29.23 -9.79 -28.36
CA ARG C 509 -28.69 -10.59 -29.45
C ARG C 509 -27.23 -10.89 -29.17
N GLY C 510 -26.82 -12.14 -29.33
CA GLY C 510 -25.41 -12.48 -29.21
C GLY C 510 -25.07 -13.04 -27.83
N LYS C 511 -24.04 -13.88 -27.81
CA LYS C 511 -23.64 -14.52 -26.56
C LYS C 511 -23.02 -13.51 -25.59
N ASP C 512 -22.26 -12.55 -26.11
CA ASP C 512 -21.66 -11.54 -25.24
C ASP C 512 -22.72 -10.81 -24.43
N ASN C 513 -23.77 -10.33 -25.09
CA ASN C 513 -24.82 -9.60 -24.39
C ASN C 513 -25.58 -10.50 -23.42
N LYS C 514 -25.92 -11.72 -23.86
CA LYS C 514 -26.72 -12.61 -23.04
C LYS C 514 -25.92 -13.25 -21.91
N ALA C 515 -24.59 -13.22 -21.99
CA ALA C 515 -23.79 -13.68 -20.86
C ALA C 515 -23.77 -12.64 -19.74
N VAL C 516 -23.70 -11.36 -20.10
CA VAL C 516 -23.69 -10.30 -19.10
C VAL C 516 -25.00 -10.28 -18.33
N VAL C 517 -26.13 -10.37 -19.03
CA VAL C 517 -27.41 -10.27 -18.35
C VAL C 517 -27.68 -11.52 -17.52
N ALA C 518 -27.31 -12.70 -18.05
CA ALA C 518 -27.46 -13.92 -17.27
C ALA C 518 -26.58 -13.88 -16.01
N SER C 519 -25.36 -13.34 -16.12
CA SER C 519 -24.52 -13.22 -14.93
C SER C 519 -25.19 -12.33 -13.89
N ASP C 520 -25.75 -11.19 -14.33
CA ASP C 520 -26.42 -10.29 -13.39
C ASP C 520 -27.61 -10.97 -12.73
N ILE C 521 -28.42 -11.70 -13.51
CA ILE C 521 -29.51 -12.47 -12.94
C ILE C 521 -28.99 -13.37 -11.83
N MET C 522 -27.88 -14.06 -12.07
CA MET C 522 -27.33 -14.94 -11.04
C MET C 522 -26.83 -14.14 -9.85
N TYR C 523 -26.19 -12.99 -10.11
CA TYR C 523 -25.71 -12.18 -9.00
C TYR C 523 -26.85 -11.77 -8.09
N VAL C 524 -27.93 -11.24 -8.67
CA VAL C 524 -29.06 -10.79 -7.87
C VAL C 524 -29.65 -11.95 -7.09
N VAL C 525 -29.91 -13.06 -7.79
CA VAL C 525 -30.45 -14.25 -7.16
C VAL C 525 -29.57 -14.67 -6.00
N GLY C 526 -28.25 -14.68 -6.20
CA GLY C 526 -27.34 -15.03 -5.12
C GLY C 526 -27.40 -14.09 -3.95
N GLN C 527 -27.84 -12.86 -4.17
CA GLN C 527 -27.83 -11.87 -3.10
C GLN C 527 -29.06 -11.94 -2.20
N TYR C 528 -30.05 -12.77 -2.52
CA TYR C 528 -31.34 -12.81 -1.83
C TYR C 528 -31.66 -14.19 -1.29
N PRO C 529 -30.87 -14.67 -0.31
CA PRO C 529 -31.09 -16.04 0.17
C PRO C 529 -32.41 -16.21 0.91
N ARG C 530 -32.89 -15.18 1.61
CA ARG C 530 -34.20 -15.27 2.26
C ARG C 530 -35.29 -15.64 1.26
N PHE C 531 -35.19 -15.14 0.03
CA PHE C 531 -36.17 -15.47 -0.98
C PHE C 531 -35.98 -16.90 -1.50
N LEU C 532 -34.73 -17.31 -1.70
CA LEU C 532 -34.49 -18.67 -2.19
C LEU C 532 -34.92 -19.71 -1.18
N LYS C 533 -34.72 -19.44 0.12
CA LYS C 533 -35.06 -20.43 1.13
C LYS C 533 -36.54 -20.78 1.12
N ALA C 534 -37.40 -19.79 0.91
CA ALA C 534 -38.84 -19.98 1.00
C ALA C 534 -39.48 -20.45 -0.30
N HIS C 535 -38.69 -20.68 -1.36
CA HIS C 535 -39.24 -21.12 -2.65
C HIS C 535 -38.32 -22.19 -3.25
N TRP C 536 -38.45 -23.41 -2.75
CA TRP C 536 -37.51 -24.48 -3.07
C TRP C 536 -37.49 -24.79 -4.56
N ASN C 537 -38.67 -24.89 -5.18
CA ASN C 537 -38.71 -25.21 -6.61
C ASN C 537 -37.93 -24.18 -7.41
N PHE C 538 -38.07 -22.90 -7.05
CA PHE C 538 -37.27 -21.87 -7.68
C PHE C 538 -35.79 -22.05 -7.36
N LEU C 539 -35.48 -22.34 -6.10
CA LEU C 539 -34.08 -22.55 -5.72
C LEU C 539 -33.47 -23.71 -6.51
N ARG C 540 -34.20 -24.83 -6.60
CA ARG C 540 -33.72 -25.96 -7.39
C ARG C 540 -33.47 -25.56 -8.83
N THR C 541 -34.38 -24.77 -9.42
CA THR C 541 -34.22 -24.32 -10.81
C THR C 541 -32.95 -23.50 -10.98
N VAL C 542 -32.68 -22.56 -10.06
CA VAL C 542 -31.44 -21.80 -10.10
C VAL C 542 -30.24 -22.72 -10.14
N ILE C 543 -30.16 -23.63 -9.17
CA ILE C 543 -28.97 -24.49 -9.04
C ILE C 543 -28.77 -25.32 -10.30
N LEU C 544 -29.88 -25.83 -10.87
CA LEU C 544 -29.78 -26.62 -12.09
C LEU C 544 -29.38 -25.75 -13.27
N LYS C 545 -29.72 -24.46 -13.22
CA LYS C 545 -29.23 -23.56 -14.25
C LYS C 545 -27.73 -23.36 -14.11
N LEU C 546 -27.25 -23.23 -12.86
CA LEU C 546 -25.82 -23.10 -12.63
C LEU C 546 -25.08 -24.33 -13.14
N PHE C 547 -25.56 -25.52 -12.81
CA PHE C 547 -24.96 -26.73 -13.33
C PHE C 547 -24.92 -26.71 -14.85
N LYS C 548 -25.97 -26.20 -15.49
CA LYS C 548 -25.94 -26.08 -16.93
C LYS C 548 -24.89 -25.08 -17.37
N PHE C 549 -24.75 -23.98 -16.64
CA PHE C 549 -23.75 -22.98 -16.99
C PHE C 549 -22.33 -23.48 -16.78
N MET C 550 -22.13 -24.59 -16.06
CA MET C 550 -20.80 -25.15 -15.89
C MET C 550 -20.29 -25.87 -17.14
N HIS C 551 -21.10 -26.00 -18.19
CA HIS C 551 -20.66 -26.49 -19.48
C HIS C 551 -20.48 -25.38 -20.50
N GLU C 552 -20.59 -24.14 -20.09
CA GLU C 552 -20.57 -23.02 -21.03
C GLU C 552 -19.13 -22.61 -21.33
N THR C 553 -18.73 -22.77 -22.59
CA THR C 553 -17.39 -22.42 -23.03
C THR C 553 -17.11 -20.92 -23.02
N HIS C 554 -18.14 -20.08 -22.92
CA HIS C 554 -17.92 -18.64 -22.93
C HIS C 554 -17.10 -18.21 -21.73
N GLU C 555 -16.19 -17.27 -21.95
CA GLU C 555 -15.25 -16.86 -20.90
C GLU C 555 -15.99 -16.22 -19.74
N GLY C 556 -15.74 -16.74 -18.54
CA GLY C 556 -16.28 -16.19 -17.32
C GLY C 556 -17.56 -16.84 -16.83
N VAL C 557 -18.31 -17.50 -17.71
CA VAL C 557 -19.58 -18.10 -17.30
C VAL C 557 -19.34 -19.22 -16.29
N GLN C 558 -18.41 -20.12 -16.58
CA GLN C 558 -18.12 -21.21 -15.66
C GLN C 558 -17.65 -20.69 -14.30
N ASP C 559 -16.77 -19.67 -14.32
CA ASP C 559 -16.34 -19.04 -13.07
C ASP C 559 -17.53 -18.43 -12.34
N MET C 560 -18.40 -17.73 -13.06
CA MET C 560 -19.57 -17.14 -12.41
C MET C 560 -20.47 -18.21 -11.82
N ALA C 561 -20.74 -19.28 -12.60
CA ALA C 561 -21.64 -20.31 -12.09
C ALA C 561 -21.09 -20.97 -10.83
N CYS C 562 -19.77 -21.21 -10.79
CA CYS C 562 -19.17 -21.79 -9.58
C CYS C 562 -19.21 -20.83 -8.39
N ASP C 563 -18.90 -19.55 -8.60
CA ASP C 563 -18.93 -18.60 -7.50
C ASP C 563 -20.35 -18.42 -6.95
N THR C 564 -21.35 -18.42 -7.84
CA THR C 564 -22.72 -18.31 -7.38
C THR C 564 -23.15 -19.57 -6.65
N PHE C 565 -22.73 -20.74 -7.14
CA PHE C 565 -23.12 -21.99 -6.51
C PHE C 565 -22.66 -22.03 -5.06
N ILE C 566 -21.39 -21.71 -4.81
CA ILE C 566 -20.89 -21.80 -3.44
C ILE C 566 -21.46 -20.67 -2.57
N LYS C 567 -21.69 -19.49 -3.15
CA LYS C 567 -22.30 -18.43 -2.37
C LYS C 567 -23.71 -18.79 -1.93
N ILE C 568 -24.52 -19.29 -2.85
CA ILE C 568 -25.88 -19.69 -2.49
C ILE C 568 -25.86 -20.79 -1.44
N VAL C 569 -24.89 -21.71 -1.57
CA VAL C 569 -24.83 -22.86 -0.66
C VAL C 569 -24.49 -22.40 0.76
N GLN C 570 -23.54 -21.47 0.90
CA GLN C 570 -23.17 -21.00 2.23
C GLN C 570 -24.37 -20.44 2.98
N LYS C 571 -25.33 -19.87 2.26
CA LYS C 571 -26.49 -19.25 2.89
C LYS C 571 -27.71 -20.15 2.97
N CYS C 572 -27.85 -21.12 2.06
CA CYS C 572 -29.05 -21.96 2.00
C CYS C 572 -28.77 -23.45 2.21
N LYS C 573 -27.65 -23.77 2.86
CA LYS C 573 -27.18 -25.15 2.96
C LYS C 573 -28.20 -26.06 3.63
N TYR C 574 -28.89 -25.56 4.67
CA TYR C 574 -29.89 -26.37 5.35
C TYR C 574 -30.93 -26.93 4.39
N HIS C 575 -31.23 -26.21 3.32
CA HIS C 575 -32.23 -26.64 2.35
C HIS C 575 -31.70 -27.63 1.34
N PHE C 576 -30.40 -27.95 1.39
CA PHE C 576 -29.86 -29.02 0.55
C PHE C 576 -29.69 -30.33 1.31
N VAL C 577 -29.72 -30.30 2.63
CA VAL C 577 -29.37 -31.46 3.44
C VAL C 577 -30.64 -32.14 3.93
N ILE C 578 -31.71 -31.37 4.12
CA ILE C 578 -32.99 -31.95 4.51
C ILE C 578 -33.70 -32.48 3.26
N GLN C 579 -34.66 -33.37 3.48
CA GLN C 579 -35.48 -33.89 2.39
C GLN C 579 -36.64 -32.93 2.19
N GLN C 580 -36.63 -32.24 1.08
CA GLN C 580 -37.66 -31.24 0.85
C GLN C 580 -38.99 -31.95 0.66
N PRO C 581 -40.09 -31.42 1.19
CA PRO C 581 -41.39 -31.86 0.70
C PRO C 581 -41.36 -31.95 -0.82
N ARG C 582 -42.14 -32.89 -1.37
CA ARG C 582 -42.31 -33.18 -2.81
C ARG C 582 -41.23 -34.10 -3.35
N GLU C 583 -40.42 -34.75 -2.52
CA GLU C 583 -39.28 -35.47 -3.10
C GLU C 583 -38.76 -36.57 -2.19
N SER C 584 -37.91 -37.41 -2.78
CA SER C 584 -37.45 -38.67 -2.20
C SER C 584 -36.14 -38.57 -1.44
N GLU C 585 -35.28 -37.60 -1.77
CA GLU C 585 -33.96 -37.54 -1.17
C GLU C 585 -33.50 -36.10 -1.02
N PRO C 586 -32.70 -35.81 0.01
CA PRO C 586 -32.04 -34.50 0.07
C PRO C 586 -31.30 -34.19 -1.22
N PHE C 587 -31.43 -32.93 -1.66
CA PHE C 587 -30.84 -32.53 -2.93
C PHE C 587 -29.31 -32.72 -2.96
N ILE C 588 -28.67 -32.80 -1.79
CA ILE C 588 -27.22 -33.05 -1.79
C ILE C 588 -26.91 -34.39 -2.44
N GLN C 589 -27.72 -35.42 -2.15
CA GLN C 589 -27.53 -36.72 -2.80
C GLN C 589 -27.67 -36.61 -4.31
N THR C 590 -28.65 -35.81 -4.77
CA THR C 590 -28.82 -35.61 -6.20
C THR C 590 -27.61 -34.90 -6.81
N ILE C 591 -26.97 -34.00 -6.07
CA ILE C 591 -25.79 -33.33 -6.60
C ILE C 591 -24.62 -34.30 -6.68
N ILE C 592 -24.44 -35.12 -5.64
CA ILE C 592 -23.30 -36.03 -5.60
C ILE C 592 -23.39 -37.09 -6.70
N ARG C 593 -24.62 -37.58 -6.95
CA ARG C 593 -24.82 -38.59 -7.99
C ARG C 593 -24.29 -38.12 -9.34
N ASP C 594 -24.63 -36.89 -9.74
CA ASP C 594 -24.28 -36.40 -11.06
C ASP C 594 -22.99 -35.59 -11.06
N ILE C 595 -22.19 -35.72 -10.01
CA ILE C 595 -21.06 -34.83 -9.85
C ILE C 595 -20.06 -34.97 -10.99
N GLN C 596 -19.92 -36.17 -11.55
CA GLN C 596 -18.95 -36.37 -12.63
C GLN C 596 -19.34 -35.59 -13.88
N LYS C 597 -20.62 -35.65 -14.25
CA LYS C 597 -21.04 -34.96 -15.46
C LYS C 597 -21.24 -33.47 -15.23
N THR C 598 -21.66 -33.09 -14.02
CA THR C 598 -21.79 -31.67 -13.72
C THR C 598 -20.46 -30.94 -13.88
N THR C 599 -19.37 -31.54 -13.41
CA THR C 599 -18.08 -30.86 -13.37
C THR C 599 -17.16 -31.20 -14.54
N ALA C 600 -17.60 -32.10 -15.45
CA ALA C 600 -16.70 -32.68 -16.44
C ALA C 600 -16.02 -31.63 -17.31
N ASP C 601 -16.63 -30.46 -17.47
CA ASP C 601 -16.07 -29.43 -18.33
C ASP C 601 -15.32 -28.34 -17.56
N LEU C 602 -15.26 -28.43 -16.23
CA LEU C 602 -14.64 -27.39 -15.44
C LEU C 602 -13.13 -27.58 -15.34
N GLN C 603 -12.43 -26.46 -15.12
CA GLN C 603 -11.02 -26.51 -14.78
C GLN C 603 -10.85 -27.08 -13.37
N PRO C 604 -9.66 -27.64 -13.06
CA PRO C 604 -9.47 -28.26 -11.73
C PRO C 604 -9.83 -27.34 -10.57
N GLN C 605 -9.40 -26.08 -10.62
CA GLN C 605 -9.70 -25.14 -9.55
C GLN C 605 -11.20 -24.95 -9.37
N GLN C 606 -11.95 -24.99 -10.48
CA GLN C 606 -13.40 -24.90 -10.40
C GLN C 606 -13.99 -26.18 -9.81
N VAL C 607 -13.39 -27.33 -10.10
CA VAL C 607 -13.87 -28.57 -9.49
C VAL C 607 -13.65 -28.54 -7.98
N HIS C 608 -12.52 -27.95 -7.54
CA HIS C 608 -12.24 -27.86 -6.10
C HIS C 608 -13.27 -26.98 -5.39
N THR C 609 -13.63 -25.85 -5.99
CA THR C 609 -14.70 -25.03 -5.44
C THR C 609 -16.01 -25.82 -5.33
N PHE C 610 -16.35 -26.55 -6.39
CA PHE C 610 -17.58 -27.34 -6.36
C PHE C 610 -17.57 -28.31 -5.18
N TYR C 611 -16.47 -29.05 -5.01
CA TYR C 611 -16.38 -30.00 -3.91
C TYR C 611 -16.46 -29.28 -2.55
N LYS C 612 -15.80 -28.14 -2.42
CA LYS C 612 -15.92 -27.37 -1.18
C LYS C 612 -17.36 -27.00 -0.90
N ALA C 613 -18.09 -26.53 -1.93
CA ALA C 613 -19.51 -26.24 -1.75
C ALA C 613 -20.24 -27.47 -1.22
N CYS C 614 -19.99 -28.63 -1.81
CA CYS C 614 -20.65 -29.85 -1.31
C CYS C 614 -20.28 -30.11 0.15
N GLY C 615 -19.01 -29.91 0.50
CA GLY C 615 -18.60 -30.11 1.89
C GLY C 615 -19.33 -29.20 2.85
N ILE C 616 -19.72 -28.00 2.41
CA ILE C 616 -20.49 -27.11 3.27
C ILE C 616 -21.84 -27.73 3.61
N ILE C 617 -22.55 -28.22 2.59
CA ILE C 617 -23.84 -28.87 2.81
C ILE C 617 -23.68 -30.06 3.75
N ILE C 618 -22.69 -30.93 3.47
CA ILE C 618 -22.56 -32.16 4.23
C ILE C 618 -22.38 -31.88 5.71
N SER C 619 -21.58 -30.85 6.04
CA SER C 619 -21.35 -30.52 7.45
C SER C 619 -22.62 -30.12 8.18
N GLU C 620 -23.68 -29.73 7.46
CA GLU C 620 -24.97 -29.47 8.08
C GLU C 620 -25.69 -30.74 8.53
N GLU C 621 -25.34 -31.90 7.99
CA GLU C 621 -25.92 -33.15 8.46
C GLU C 621 -25.26 -33.51 9.77
N ARG C 622 -26.05 -33.53 10.86
CA ARG C 622 -25.52 -33.82 12.19
C ARG C 622 -25.73 -35.25 12.64
N SER C 623 -26.38 -36.09 11.82
CA SER C 623 -26.33 -37.53 12.01
C SER C 623 -24.98 -38.05 11.52
N VAL C 624 -24.17 -38.56 12.44
CA VAL C 624 -22.79 -38.94 12.11
C VAL C 624 -22.76 -39.95 10.96
N ALA C 625 -23.50 -41.05 11.10
CA ALA C 625 -23.48 -42.08 10.05
C ALA C 625 -23.92 -41.52 8.71
N GLU C 626 -24.92 -40.63 8.73
CA GLU C 626 -25.37 -40.04 7.47
C GLU C 626 -24.33 -39.08 6.92
N ARG C 627 -23.65 -38.33 7.80
CA ARG C 627 -22.65 -37.38 7.33
C ARG C 627 -21.42 -38.10 6.78
N ASN C 628 -20.98 -39.16 7.47
CA ASN C 628 -19.85 -39.94 6.96
C ASN C 628 -20.18 -40.59 5.62
N ARG C 629 -21.43 -41.05 5.46
CA ARG C 629 -21.83 -41.67 4.21
C ARG C 629 -21.81 -40.66 3.07
N LEU C 630 -22.37 -39.47 3.32
CA LEU C 630 -22.29 -38.41 2.31
C LEU C 630 -20.84 -38.08 1.99
N LEU C 631 -19.99 -38.03 3.01
CA LEU C 631 -18.59 -37.73 2.78
C LEU C 631 -17.95 -38.76 1.88
N SER C 632 -18.13 -40.05 2.21
CA SER C 632 -17.49 -41.09 1.41
C SER C 632 -18.05 -41.14 -0.02
N ASP C 633 -19.34 -40.83 -0.21
CA ASP C 633 -19.88 -40.81 -1.56
C ASP C 633 -19.37 -39.60 -2.35
N LEU C 634 -19.31 -38.43 -1.71
CA LEU C 634 -18.74 -37.26 -2.36
C LEU C 634 -17.30 -37.49 -2.77
N MET C 635 -16.53 -38.23 -1.95
CA MET C 635 -15.12 -38.51 -2.20
C MET C 635 -14.89 -39.74 -3.07
N GLN C 636 -15.92 -40.31 -3.68
CA GLN C 636 -15.76 -41.57 -4.40
C GLN C 636 -14.80 -41.43 -5.58
N LEU C 637 -15.03 -40.43 -6.43
CA LEU C 637 -14.17 -40.24 -7.60
C LEU C 637 -12.72 -39.93 -7.23
N PRO C 638 -12.43 -38.98 -6.33
CA PRO C 638 -11.02 -38.77 -5.96
C PRO C 638 -10.41 -39.93 -5.20
N ASN C 639 -11.20 -40.65 -4.41
CA ASN C 639 -10.68 -41.83 -3.71
C ASN C 639 -10.35 -42.97 -4.67
N MET C 640 -11.16 -43.14 -5.72
CA MET C 640 -10.85 -44.19 -6.68
C MET C 640 -9.57 -43.84 -7.46
N ALA C 641 -9.48 -42.62 -7.98
CA ALA C 641 -8.27 -42.19 -8.67
C ALA C 641 -7.06 -42.25 -7.75
N TRP C 642 -7.27 -41.98 -6.46
CA TRP C 642 -6.19 -42.08 -5.49
C TRP C 642 -5.73 -43.52 -5.35
N ASP C 643 -6.67 -44.45 -5.12
CA ASP C 643 -6.33 -45.85 -4.93
C ASP C 643 -5.55 -46.42 -6.12
N THR C 644 -5.94 -46.07 -7.34
CA THR C 644 -5.22 -46.58 -8.51
C THR C 644 -3.80 -46.04 -8.57
N ILE C 645 -3.61 -44.75 -8.28
CA ILE C 645 -2.29 -44.15 -8.37
C ILE C 645 -1.38 -44.72 -7.29
N VAL C 646 -1.87 -44.78 -6.06
CA VAL C 646 -1.09 -45.38 -4.97
C VAL C 646 -0.73 -46.81 -5.32
N GLU C 647 -1.59 -47.50 -6.07
CA GLU C 647 -1.25 -48.83 -6.57
C GLU C 647 -0.12 -48.75 -7.60
N GLN C 648 -0.34 -47.99 -8.67
CA GLN C 648 0.58 -48.05 -9.80
C GLN C 648 1.83 -47.19 -9.57
N SER C 649 1.76 -46.15 -8.76
CA SER C 649 2.96 -45.37 -8.47
C SER C 649 3.84 -46.06 -7.43
N THR C 650 3.25 -46.90 -6.57
CA THR C 650 4.05 -47.75 -5.69
C THR C 650 4.75 -48.84 -6.49
N ALA C 651 4.08 -49.38 -7.50
CA ALA C 651 4.62 -50.43 -8.35
C ALA C 651 4.70 -49.94 -9.79
N ASN C 652 5.76 -49.20 -10.14
CA ASN C 652 6.83 -48.79 -9.23
C ASN C 652 7.20 -47.32 -9.53
N PRO C 653 7.84 -46.62 -8.56
CA PRO C 653 7.96 -45.14 -8.63
C PRO C 653 8.44 -44.51 -9.94
N THR C 654 8.28 -45.19 -11.08
CA THR C 654 8.62 -44.54 -12.34
C THR C 654 7.50 -43.62 -12.81
N LEU C 655 6.25 -43.96 -12.50
CA LEU C 655 5.11 -43.18 -12.97
C LEU C 655 5.12 -41.75 -12.42
N LEU C 656 5.77 -41.51 -11.28
CA LEU C 656 5.90 -40.15 -10.79
C LEU C 656 6.81 -39.31 -11.67
N LEU C 657 7.58 -39.94 -12.55
CA LEU C 657 8.32 -39.25 -13.59
C LEU C 657 7.44 -38.85 -14.76
N ASP C 658 6.13 -39.01 -14.63
CA ASP C 658 5.17 -38.60 -15.63
C ASP C 658 4.51 -37.31 -15.16
N SER C 659 4.56 -36.27 -15.99
CA SER C 659 3.91 -35.01 -15.63
C SER C 659 2.42 -35.21 -15.39
N GLU C 660 1.75 -35.99 -16.24
CA GLU C 660 0.32 -36.23 -16.09
C GLU C 660 0.00 -36.89 -14.75
N THR C 661 0.83 -37.82 -14.30
CA THR C 661 0.59 -38.47 -13.02
C THR C 661 0.76 -37.49 -11.87
N VAL C 662 1.71 -36.56 -12.00
CA VAL C 662 1.96 -35.59 -10.95
C VAL C 662 0.77 -34.65 -10.81
N LYS C 663 0.23 -34.17 -11.94
CA LYS C 663 -0.94 -33.30 -11.90
C LYS C 663 -2.13 -33.99 -11.25
N ILE C 664 -2.37 -35.25 -11.61
CA ILE C 664 -3.54 -35.95 -11.08
C ILE C 664 -3.44 -36.09 -9.57
N ILE C 665 -2.23 -36.35 -9.06
CA ILE C 665 -2.05 -36.49 -7.63
C ILE C 665 -2.25 -35.16 -6.93
N ALA C 666 -1.61 -34.11 -7.44
CA ALA C 666 -1.78 -32.78 -6.87
C ALA C 666 -3.25 -32.40 -6.83
N ASN C 667 -3.99 -32.70 -7.91
CA ASN C 667 -5.41 -32.37 -7.96
C ASN C 667 -6.22 -33.22 -7.00
N ILE C 668 -5.81 -34.47 -6.75
CA ILE C 668 -6.54 -35.27 -5.76
C ILE C 668 -6.38 -34.66 -4.37
N ILE C 669 -5.17 -34.22 -4.04
N ILE C 669 -5.16 -34.23 -4.03
CA ILE C 669 -4.93 -33.68 -2.70
CA ILE C 669 -4.92 -33.68 -2.70
C ILE C 669 -5.62 -32.33 -2.53
C ILE C 669 -5.64 -32.34 -2.54
N LYS C 670 -5.57 -31.48 -3.57
CA LYS C 670 -6.28 -30.21 -3.52
C LYS C 670 -7.77 -30.42 -3.28
N THR C 671 -8.36 -31.46 -3.89
CA THR C 671 -9.77 -31.77 -3.63
C THR C 671 -10.02 -32.07 -2.16
N ASN C 672 -9.15 -32.90 -1.56
CA ASN C 672 -9.24 -33.17 -0.13
C ASN C 672 -9.06 -31.88 0.69
N VAL C 673 -8.14 -31.01 0.28
CA VAL C 673 -7.97 -29.75 1.02
C VAL C 673 -9.26 -28.94 0.95
N ALA C 674 -9.82 -28.79 -0.25
CA ALA C 674 -11.05 -28.04 -0.41
C ALA C 674 -12.16 -28.60 0.48
N VAL C 675 -12.39 -29.91 0.41
CA VAL C 675 -13.46 -30.48 1.24
C VAL C 675 -13.11 -30.37 2.72
N CYS C 676 -11.83 -30.57 3.07
CA CYS C 676 -11.45 -30.42 4.47
C CYS C 676 -11.59 -28.97 4.93
N THR C 677 -11.44 -28.01 4.00
CA THR C 677 -11.56 -26.60 4.37
C THR C 677 -12.96 -26.28 4.90
N SER C 678 -13.99 -26.81 4.25
CA SER C 678 -15.36 -26.52 4.66
C SER C 678 -15.90 -27.51 5.70
N MET C 679 -15.21 -28.61 5.96
CA MET C 679 -15.76 -29.58 6.90
C MET C 679 -15.00 -29.67 8.21
N GLY C 680 -13.71 -29.33 8.20
CA GLY C 680 -12.96 -29.26 9.45
C GLY C 680 -12.95 -30.58 10.17
N ALA C 681 -13.43 -30.56 11.42
CA ALA C 681 -13.40 -31.73 12.27
C ALA C 681 -14.13 -32.92 11.65
N ASP C 682 -15.22 -32.65 10.91
CA ASP C 682 -15.97 -33.72 10.28
C ASP C 682 -15.16 -34.44 9.19
N PHE C 683 -14.08 -33.84 8.70
CA PHE C 683 -13.31 -34.42 7.62
C PHE C 683 -12.50 -35.64 8.05
N TYR C 684 -12.37 -35.86 9.36
CA TYR C 684 -11.45 -36.87 9.88
C TYR C 684 -11.62 -38.25 9.25
N PRO C 685 -12.83 -38.81 9.10
CA PRO C 685 -12.93 -40.13 8.46
C PRO C 685 -12.28 -40.18 7.09
N GLN C 686 -12.48 -39.16 6.26
CA GLN C 686 -11.85 -39.16 4.94
C GLN C 686 -10.34 -39.01 5.05
N LEU C 687 -9.86 -38.24 6.02
CA LEU C 687 -8.42 -38.14 6.21
C LEU C 687 -7.82 -39.51 6.52
N GLY C 688 -8.48 -40.27 7.40
CA GLY C 688 -7.98 -41.58 7.76
C GLY C 688 -7.99 -42.58 6.62
N HIS C 689 -8.85 -42.38 5.63
CA HIS C 689 -8.88 -43.26 4.49
C HIS C 689 -7.61 -43.16 3.66
N ILE C 690 -6.99 -41.99 3.62
CA ILE C 690 -5.80 -41.77 2.79
C ILE C 690 -4.55 -41.52 3.60
N TYR C 691 -4.64 -41.32 4.92
CA TYR C 691 -3.54 -40.71 5.66
C TYR C 691 -2.24 -41.48 5.49
N TYR C 692 -2.27 -42.78 5.79
CA TYR C 692 -1.03 -43.54 5.85
C TYR C 692 -0.39 -43.65 4.46
N ASN C 693 -1.20 -43.83 3.42
CA ASN C 693 -0.63 -43.87 2.08
C ASN C 693 -0.16 -42.49 1.62
N MET C 694 -0.80 -41.42 2.10
CA MET C 694 -0.38 -40.08 1.71
C MET C 694 1.03 -39.78 2.20
N LEU C 695 1.29 -40.07 3.48
CA LEU C 695 2.62 -39.86 4.05
C LEU C 695 3.66 -40.71 3.33
N GLN C 696 3.33 -41.96 2.99
CA GLN C 696 4.23 -42.75 2.16
C GLN C 696 4.48 -42.05 0.84
N LEU C 697 3.42 -41.58 0.18
CA LEU C 697 3.59 -40.77 -1.03
C LEU C 697 4.51 -39.58 -0.79
N TYR C 698 4.31 -38.88 0.33
CA TYR C 698 5.20 -37.78 0.69
C TYR C 698 6.66 -38.21 0.68
N ARG C 699 6.94 -39.40 1.24
CA ARG C 699 8.31 -39.93 1.27
C ARG C 699 8.81 -40.22 -0.15
N ALA C 700 7.99 -40.90 -0.94
CA ALA C 700 8.40 -41.27 -2.29
C ALA C 700 8.71 -40.03 -3.12
N VAL C 701 7.83 -39.04 -3.07
CA VAL C 701 8.08 -37.77 -3.76
C VAL C 701 9.35 -37.13 -3.26
N SER C 702 9.56 -37.14 -1.94
CA SER C 702 10.73 -36.50 -1.35
C SER C 702 12.02 -37.14 -1.87
N SER C 703 12.02 -38.45 -2.06
CA SER C 703 13.20 -39.12 -2.60
C SER C 703 13.44 -38.70 -4.04
N MET C 704 12.38 -38.60 -4.83
CA MET C 704 12.55 -38.27 -6.25
C MET C 704 13.13 -36.86 -6.42
N ILE C 705 12.68 -35.90 -5.60
CA ILE C 705 13.25 -34.56 -5.65
C ILE C 705 14.74 -34.59 -5.32
N SER C 706 15.09 -35.29 -4.24
CA SER C 706 16.49 -35.39 -3.84
C SER C 706 17.32 -36.05 -4.94
N ALA C 707 16.78 -37.10 -5.56
CA ALA C 707 17.48 -37.74 -6.67
C ALA C 707 17.73 -36.76 -7.81
N GLN C 708 16.70 -35.99 -8.19
CA GLN C 708 16.85 -35.08 -9.33
C GLN C 708 17.85 -33.98 -9.04
N VAL C 709 17.88 -33.48 -7.80
CA VAL C 709 18.88 -32.46 -7.47
C VAL C 709 20.27 -33.08 -7.51
N ALA C 710 20.38 -34.36 -7.18
CA ALA C 710 21.67 -35.04 -7.26
C ALA C 710 22.11 -35.22 -8.70
N ALA C 711 21.16 -35.54 -9.60
CA ALA C 711 21.49 -35.83 -10.99
C ALA C 711 21.66 -34.57 -11.84
N GLU C 712 20.97 -33.47 -11.51
CA GLU C 712 21.02 -32.26 -12.34
C GLU C 712 21.51 -31.03 -11.60
N GLY C 713 21.73 -31.09 -10.29
CA GLY C 713 22.18 -29.92 -9.56
C GLY C 713 21.01 -29.12 -9.04
N LEU C 714 21.34 -28.00 -8.39
CA LEU C 714 20.32 -27.16 -7.78
C LEU C 714 19.31 -26.64 -8.80
N ILE C 715 19.75 -26.43 -10.05
CA ILE C 715 18.83 -25.97 -11.09
C ILE C 715 17.61 -26.87 -11.24
N ALA C 716 17.72 -28.15 -10.84
CA ALA C 716 16.58 -29.06 -10.92
C ALA C 716 15.40 -28.55 -10.10
N THR C 717 15.65 -27.78 -9.03
CA THR C 717 14.56 -27.23 -8.24
C THR C 717 13.72 -26.22 -9.02
N LYS C 718 14.25 -25.69 -10.12
CA LYS C 718 13.52 -24.74 -10.97
C LYS C 718 12.74 -25.41 -12.08
N THR C 719 12.99 -26.70 -12.33
CA THR C 719 12.36 -27.39 -13.44
C THR C 719 10.87 -27.61 -13.16
N PRO C 720 10.06 -27.68 -14.21
CA PRO C 720 8.65 -28.04 -14.01
C PRO C 720 8.48 -29.37 -13.32
N LYS C 721 9.36 -30.33 -13.61
CA LYS C 721 9.21 -31.68 -13.07
C LYS C 721 9.29 -31.67 -11.55
N VAL C 722 10.28 -30.97 -11.00
CA VAL C 722 10.44 -30.94 -9.56
C VAL C 722 9.41 -30.03 -8.92
N ARG C 723 9.06 -28.91 -9.58
CA ARG C 723 8.06 -28.02 -9.02
C ARG C 723 6.71 -28.72 -8.90
N GLY C 724 6.39 -29.60 -9.86
CA GLY C 724 5.20 -30.41 -9.72
C GLY C 724 5.29 -31.39 -8.58
N LEU C 725 6.51 -31.86 -8.26
CA LEU C 725 6.69 -32.78 -7.15
C LEU C 725 6.59 -32.06 -5.81
N ARG C 726 7.26 -30.91 -5.69
CA ARG C 726 7.13 -30.11 -4.47
C ARG C 726 5.71 -29.61 -4.27
N THR C 727 4.93 -29.42 -5.34
CA THR C 727 3.52 -29.06 -5.17
C THR C 727 2.77 -30.17 -4.43
N ILE C 728 3.08 -31.43 -4.73
CA ILE C 728 2.45 -32.54 -4.03
C ILE C 728 2.78 -32.50 -2.55
N LYS C 729 4.06 -32.35 -2.21
CA LYS C 729 4.42 -32.23 -0.80
C LYS C 729 3.71 -31.07 -0.15
N LYS C 730 3.63 -29.93 -0.85
CA LYS C 730 3.02 -28.73 -0.28
C LYS C 730 1.54 -28.93 0.00
N GLU C 731 0.82 -29.47 -0.98
CA GLU C 731 -0.59 -29.76 -0.80
C GLU C 731 -0.83 -30.76 0.32
N ILE C 732 0.05 -31.76 0.47
CA ILE C 732 -0.08 -32.70 1.58
C ILE C 732 0.05 -31.99 2.91
N LEU C 733 1.08 -31.13 3.06
CA LEU C 733 1.26 -30.39 4.30
C LEU C 733 0.08 -29.46 4.56
N LYS C 734 -0.47 -28.85 3.50
CA LYS C 734 -1.60 -27.94 3.69
C LYS C 734 -2.83 -28.69 4.12
N LEU C 735 -3.02 -29.91 3.59
CA LEU C 735 -4.15 -30.73 4.01
C LEU C 735 -4.05 -31.08 5.48
N VAL C 736 -2.87 -31.53 5.90
CA VAL C 736 -2.66 -31.90 7.30
C VAL C 736 -2.83 -30.66 8.19
N GLU C 737 -2.25 -29.53 7.77
CA GLU C 737 -2.39 -28.32 8.57
C GLU C 737 -3.84 -27.90 8.67
N THR C 738 -4.60 -28.07 7.59
CA THR C 738 -5.98 -27.64 7.56
C THR C 738 -6.83 -28.45 8.52
N TYR C 739 -6.61 -29.78 8.57
CA TYR C 739 -7.40 -30.58 9.49
C TYR C 739 -7.03 -30.28 10.93
N ILE C 740 -5.73 -30.23 11.23
CA ILE C 740 -5.30 -30.11 12.62
C ILE C 740 -5.72 -28.76 13.19
N SER C 741 -5.67 -27.71 12.36
CA SER C 741 -6.07 -26.40 12.85
C SER C 741 -7.53 -26.36 13.29
N LYS C 742 -8.38 -27.21 12.71
CA LYS C 742 -9.81 -27.22 13.03
C LYS C 742 -10.24 -28.46 13.80
N ALA C 743 -9.34 -29.34 14.16
CA ALA C 743 -9.76 -30.60 14.76
C ALA C 743 -10.37 -30.35 16.14
N ARG C 744 -11.28 -31.23 16.52
CA ARG C 744 -11.86 -31.21 17.86
C ARG C 744 -11.32 -32.33 18.73
N ASN C 745 -11.20 -33.54 18.21
CA ASN C 745 -10.60 -34.65 18.95
C ASN C 745 -9.09 -34.49 18.88
N LEU C 746 -8.54 -33.76 19.84
CA LEU C 746 -7.09 -33.60 19.86
C LEU C 746 -6.37 -34.92 20.17
N ASP C 747 -7.02 -35.81 20.93
CA ASP C 747 -6.38 -37.08 21.29
C ASP C 747 -6.00 -37.89 20.06
N ASP C 748 -6.89 -37.95 19.07
CA ASP C 748 -6.58 -38.66 17.84
C ASP C 748 -5.47 -37.96 17.08
N VAL C 749 -5.46 -36.62 17.11
CA VAL C 749 -4.38 -35.89 16.46
C VAL C 749 -3.05 -36.31 17.05
N VAL C 750 -2.99 -36.46 18.37
CA VAL C 750 -1.71 -36.78 19.01
C VAL C 750 -1.33 -38.22 18.75
N LYS C 751 -2.27 -39.15 18.93
CA LYS C 751 -1.92 -40.56 18.97
C LYS C 751 -1.98 -41.23 17.61
N VAL C 752 -2.66 -40.63 16.63
CA VAL C 752 -2.80 -41.21 15.31
C VAL C 752 -2.04 -40.42 14.25
N LEU C 753 -2.02 -39.10 14.36
CA LEU C 753 -1.55 -38.24 13.28
C LEU C 753 -0.12 -37.74 13.48
N VAL C 754 0.20 -37.24 14.68
CA VAL C 754 1.42 -36.44 14.86
C VAL C 754 2.67 -37.27 14.61
N GLU C 755 2.73 -38.46 15.19
CA GLU C 755 3.96 -39.25 15.08
C GLU C 755 4.24 -39.68 13.65
N PRO C 756 3.30 -40.27 12.89
CA PRO C 756 3.60 -40.56 11.48
C PRO C 756 3.96 -39.31 10.70
N LEU C 757 3.34 -38.17 11.01
CA LEU C 757 3.67 -36.92 10.34
C LEU C 757 5.14 -36.53 10.58
N LEU C 758 5.57 -36.52 11.85
CA LEU C 758 6.93 -36.09 12.17
C LEU C 758 7.96 -37.00 11.52
N ASN C 759 7.73 -38.31 11.52
CA ASN C 759 8.66 -39.25 10.88
C ASN C 759 8.76 -38.99 9.39
N ALA C 760 7.69 -38.51 8.78
CA ALA C 760 7.70 -38.32 7.35
C ALA C 760 8.39 -37.03 6.94
N VAL C 761 8.40 -35.99 7.80
CA VAL C 761 8.80 -34.66 7.32
C VAL C 761 10.06 -34.11 7.99
N LEU C 762 10.31 -34.46 9.25
CA LEU C 762 11.38 -33.78 9.97
C LEU C 762 12.74 -34.15 9.40
N GLU C 763 13.03 -35.45 9.36
CA GLU C 763 14.33 -35.90 8.88
C GLU C 763 14.55 -35.51 7.43
N ASP C 764 13.52 -35.65 6.59
CA ASP C 764 13.62 -35.27 5.18
C ASP C 764 13.99 -33.81 5.04
N TYR C 765 13.43 -32.94 5.90
CA TYR C 765 13.77 -31.53 5.88
C TYR C 765 15.23 -31.30 6.32
N MET C 766 15.60 -31.86 7.47
CA MET C 766 16.93 -31.65 8.02
C MET C 766 18.02 -32.08 7.04
N ASN C 767 17.80 -33.14 6.28
CA ASN C 767 18.85 -33.77 5.49
C ASN C 767 18.78 -33.43 4.00
N ASN C 768 18.01 -32.43 3.61
CA ASN C 768 18.03 -31.87 2.26
C ASN C 768 18.95 -30.66 2.21
N VAL C 769 19.44 -30.36 1.01
CA VAL C 769 20.24 -29.15 0.82
C VAL C 769 19.29 -27.98 1.09
N PRO C 770 19.82 -26.82 1.50
CA PRO C 770 18.93 -25.66 1.77
C PRO C 770 17.93 -25.34 0.67
N ASP C 771 18.33 -25.42 -0.61
CA ASP C 771 17.42 -25.05 -1.70
C ASP C 771 16.30 -26.05 -1.91
N ALA C 772 16.38 -27.23 -1.29
CA ALA C 772 15.34 -28.24 -1.44
C ALA C 772 14.42 -28.34 -0.23
N ARG C 773 14.62 -27.50 0.80
CA ARG C 773 13.82 -27.51 2.03
C ARG C 773 12.57 -26.64 1.87
N ASP C 774 11.40 -27.24 2.03
CA ASP C 774 10.14 -26.52 1.90
C ASP C 774 9.80 -25.77 3.19
N ALA C 775 9.68 -24.44 3.10
CA ALA C 775 9.33 -23.65 4.29
C ALA C 775 7.95 -24.02 4.83
N GLU C 776 7.10 -24.60 3.99
CA GLU C 776 5.80 -25.12 4.45
C GLU C 776 5.94 -26.14 5.56
N VAL C 777 7.08 -26.82 5.68
CA VAL C 777 7.28 -27.75 6.78
C VAL C 777 7.26 -26.99 8.10
N LEU C 778 7.96 -25.85 8.16
CA LEU C 778 7.94 -25.07 9.38
C LEU C 778 6.54 -24.56 9.68
N ASN C 779 5.81 -24.15 8.64
CA ASN C 779 4.45 -23.67 8.86
C ASN C 779 3.54 -24.78 9.34
N CYS C 780 3.65 -25.97 8.74
CA CYS C 780 2.89 -27.10 9.24
C CYS C 780 3.23 -27.39 10.70
N MET C 781 4.52 -27.37 11.06
CA MET C 781 4.91 -27.66 12.43
C MET C 781 4.37 -26.60 13.38
N THR C 782 4.33 -25.34 12.95
CA THR C 782 3.75 -24.29 13.76
C THR C 782 2.31 -24.62 14.12
N THR C 783 1.52 -25.05 13.13
CA THR C 783 0.13 -25.42 13.38
C THR C 783 0.02 -26.55 14.39
N VAL C 784 0.90 -27.55 14.28
CA VAL C 784 0.84 -28.70 15.19
C VAL C 784 1.16 -28.24 16.60
N VAL C 785 2.20 -27.44 16.77
CA VAL C 785 2.56 -26.98 18.11
C VAL C 785 1.47 -26.06 18.66
N GLU C 786 0.90 -25.22 17.81
CA GLU C 786 -0.17 -24.32 18.24
C GLU C 786 -1.34 -25.10 18.82
N LYS C 787 -1.75 -26.18 18.15
CA LYS C 787 -2.98 -26.87 18.50
C LYS C 787 -2.79 -27.88 19.62
N VAL C 788 -1.77 -28.74 19.52
CA VAL C 788 -1.60 -29.84 20.47
C VAL C 788 -0.18 -29.82 21.07
N GLY C 789 0.50 -28.68 20.95
CA GLY C 789 1.87 -28.61 21.45
C GLY C 789 2.00 -28.91 22.92
N HIS C 790 1.02 -28.51 23.73
CA HIS C 790 1.04 -28.80 25.15
C HIS C 790 0.94 -30.30 25.45
N MET C 791 0.68 -31.15 24.46
CA MET C 791 0.50 -32.57 24.66
C MET C 791 1.63 -33.42 24.10
N ILE C 792 2.57 -32.83 23.37
CA ILE C 792 3.62 -33.61 22.71
C ILE C 792 4.99 -33.02 23.04
N PRO C 793 5.40 -32.97 24.31
CA PRO C 793 6.66 -32.28 24.64
C PRO C 793 7.89 -32.92 24.02
N GLN C 794 7.92 -34.25 23.90
CA GLN C 794 9.03 -34.88 23.19
C GLN C 794 8.92 -34.64 21.68
N GLY C 795 7.70 -34.45 21.18
CA GLY C 795 7.54 -34.08 19.78
C GLY C 795 8.12 -32.70 19.48
N VAL C 796 7.87 -31.73 20.37
CA VAL C 796 8.41 -30.38 20.18
C VAL C 796 9.94 -30.42 20.20
N ILE C 797 10.52 -31.20 21.12
CA ILE C 797 11.98 -31.34 21.16
C ILE C 797 12.50 -31.88 19.84
N LEU C 798 11.79 -32.86 19.25
CA LEU C 798 12.26 -33.44 18.00
C LEU C 798 12.15 -32.44 16.85
N ILE C 799 11.15 -31.55 16.90
CA ILE C 799 11.00 -30.52 15.89
C ILE C 799 12.17 -29.55 15.92
N LEU C 800 12.52 -29.06 17.12
CA LEU C 800 13.65 -28.14 17.25
C LEU C 800 14.95 -28.79 16.78
N GLN C 801 15.19 -30.03 17.20
CA GLN C 801 16.39 -30.74 16.80
C GLN C 801 16.51 -30.83 15.29
N SER C 802 15.40 -31.03 14.58
CA SER C 802 15.46 -31.26 13.15
C SER C 802 15.45 -29.99 12.31
N VAL C 803 14.92 -28.87 12.83
CA VAL C 803 14.76 -27.68 12.00
C VAL C 803 15.51 -26.46 12.52
N PHE C 804 15.79 -26.37 13.82
CA PHE C 804 16.32 -25.14 14.37
C PHE C 804 17.68 -24.74 13.81
N GLU C 805 18.71 -25.53 14.11
CA GLU C 805 20.06 -25.12 13.74
C GLU C 805 20.22 -25.06 12.22
N CYS C 806 19.59 -25.97 11.49
CA CYS C 806 19.82 -25.96 10.06
C CYS C 806 19.08 -24.79 9.39
N THR C 807 17.87 -24.43 9.87
CA THR C 807 17.19 -23.27 9.31
C THR C 807 17.89 -21.97 9.70
N LEU C 808 18.35 -21.87 10.93
CA LEU C 808 19.07 -20.68 11.37
C LEU C 808 20.29 -20.41 10.47
N ASP C 809 21.01 -21.46 10.07
CA ASP C 809 22.17 -21.24 9.22
C ASP C 809 21.78 -20.78 7.82
N MET C 810 20.56 -21.09 7.36
CA MET C 810 20.11 -20.56 6.08
C MET C 810 19.88 -19.05 6.11
N ILE C 811 19.62 -18.46 7.27
CA ILE C 811 19.08 -17.11 7.33
C ILE C 811 19.94 -16.15 8.15
N ASN C 812 21.09 -16.57 8.65
CA ASN C 812 21.88 -15.73 9.55
C ASN C 812 23.13 -15.16 8.88
N LYS C 813 23.20 -15.18 7.55
CA LYS C 813 24.29 -14.52 6.84
C LYS C 813 23.87 -13.17 6.25
N ASP C 814 22.60 -12.99 5.94
CA ASP C 814 22.07 -11.73 5.45
C ASP C 814 20.59 -11.66 5.80
N PHE C 815 19.95 -10.56 5.39
CA PHE C 815 18.52 -10.36 5.60
C PHE C 815 17.68 -10.69 4.37
N THR C 816 18.30 -11.23 3.32
CA THR C 816 17.68 -11.41 2.01
C THR C 816 17.26 -12.84 1.73
N GLU C 817 18.20 -13.78 1.81
CA GLU C 817 17.97 -15.12 1.29
C GLU C 817 16.92 -15.84 2.12
N TYR C 818 16.12 -16.67 1.44
CA TYR C 818 15.12 -17.56 2.03
C TYR C 818 14.06 -16.77 2.81
N PRO C 819 13.27 -15.94 2.13
CA PRO C 819 12.31 -15.08 2.85
C PRO C 819 11.24 -15.86 3.58
N GLU C 820 10.70 -16.90 2.94
CA GLU C 820 9.65 -17.69 3.58
C GLU C 820 10.19 -18.41 4.81
N HIS C 821 11.31 -19.11 4.65
CA HIS C 821 11.95 -19.81 5.77
C HIS C 821 12.16 -18.87 6.95
N ARG C 822 12.53 -17.62 6.66
CA ARG C 822 12.75 -16.62 7.70
C ARG C 822 11.47 -16.36 8.50
N VAL C 823 10.36 -16.12 7.80
CA VAL C 823 9.12 -15.74 8.49
C VAL C 823 8.58 -16.93 9.26
N GLU C 824 8.56 -18.11 8.63
CA GLU C 824 8.04 -19.31 9.28
C GLU C 824 8.91 -19.75 10.45
N PHE C 825 10.23 -19.63 10.31
CA PHE C 825 11.15 -19.95 11.39
C PHE C 825 10.76 -19.22 12.67
N TYR C 826 10.56 -17.89 12.59
CA TYR C 826 10.28 -17.16 13.82
C TYR C 826 8.83 -17.34 14.28
N LYS C 827 7.90 -17.55 13.35
CA LYS C 827 6.57 -17.99 13.75
C LYS C 827 6.63 -19.29 14.56
N LEU C 828 7.43 -20.25 14.10
CA LEU C 828 7.56 -21.52 14.82
C LEU C 828 8.21 -21.33 16.19
N LEU C 829 9.32 -20.58 16.25
CA LEU C 829 9.95 -20.37 17.55
C LEU C 829 9.03 -19.63 18.50
N LYS C 830 8.21 -18.71 17.97
CA LYS C 830 7.28 -17.97 18.81
C LYS C 830 6.28 -18.91 19.48
N VAL C 831 5.66 -19.80 18.70
CA VAL C 831 4.66 -20.69 19.30
C VAL C 831 5.33 -21.69 20.23
N ILE C 832 6.54 -22.15 19.91
CA ILE C 832 7.21 -23.08 20.81
C ILE C 832 7.54 -22.37 22.12
N ASN C 833 7.95 -21.11 22.04
CA ASN C 833 8.20 -20.34 23.26
C ASN C 833 6.93 -20.12 24.06
N GLU C 834 5.77 -20.06 23.39
CA GLU C 834 4.52 -19.83 24.10
C GLU C 834 4.00 -21.11 24.75
N LYS C 835 4.03 -22.23 24.04
CA LYS C 835 3.27 -23.41 24.41
C LYS C 835 4.10 -24.59 24.89
N SER C 836 5.40 -24.64 24.59
N SER C 836 5.39 -24.66 24.57
CA SER C 836 6.26 -25.72 25.01
CA SER C 836 6.25 -25.75 25.08
C SER C 836 7.65 -25.15 25.33
C SER C 836 7.65 -25.21 25.39
N PHE C 837 7.68 -24.24 26.31
CA PHE C 837 8.94 -23.59 26.67
C PHE C 837 9.96 -24.58 27.21
N ALA C 838 9.51 -25.69 27.80
CA ALA C 838 10.42 -26.69 28.34
C ALA C 838 11.37 -27.23 27.28
N ALA C 839 10.99 -27.17 26.00
CA ALA C 839 11.87 -27.67 24.95
C ALA C 839 13.15 -26.86 24.85
N PHE C 840 13.08 -25.54 25.12
CA PHE C 840 14.29 -24.72 25.10
C PHE C 840 15.15 -24.96 26.33
N LEU C 841 14.53 -25.35 27.45
CA LEU C 841 15.30 -25.72 28.63
C LEU C 841 16.11 -26.99 28.40
N GLU C 842 15.62 -27.88 27.55
CA GLU C 842 16.35 -29.11 27.22
C GLU C 842 17.44 -28.92 26.17
N LEU C 843 17.51 -27.75 25.54
CA LEU C 843 18.58 -27.51 24.57
C LEU C 843 19.94 -27.51 25.27
N PRO C 844 20.98 -27.99 24.59
CA PRO C 844 22.33 -27.84 25.13
C PRO C 844 22.69 -26.36 25.25
N PRO C 845 23.55 -26.02 26.21
CA PRO C 845 23.89 -24.59 26.40
C PRO C 845 24.39 -23.90 25.14
N ALA C 846 25.05 -24.63 24.24
CA ALA C 846 25.45 -24.01 22.98
C ALA C 846 24.24 -23.73 22.10
N ALA C 847 23.26 -24.62 22.11
CA ALA C 847 22.07 -24.43 21.29
C ALA C 847 21.19 -23.32 21.86
N PHE C 848 21.11 -23.21 23.19
CA PHE C 848 20.37 -22.12 23.78
C PHE C 848 21.02 -20.78 23.46
N LYS C 849 22.33 -20.76 23.26
CA LYS C 849 22.99 -19.51 22.91
C LYS C 849 22.66 -19.10 21.48
N LEU C 850 22.49 -20.07 20.57
CA LEU C 850 22.04 -19.72 19.23
C LEU C 850 20.60 -19.22 19.24
N PHE C 851 19.77 -19.79 20.12
CA PHE C 851 18.41 -19.30 20.28
C PHE C 851 18.41 -17.82 20.64
N VAL C 852 19.22 -17.43 21.62
CA VAL C 852 19.31 -16.02 22.00
C VAL C 852 19.84 -15.19 20.84
N ASP C 853 20.89 -15.69 20.17
CA ASP C 853 21.42 -15.00 19.00
C ASP C 853 20.34 -14.84 17.93
N ALA C 854 19.54 -15.88 17.71
CA ALA C 854 18.54 -15.83 16.65
C ALA C 854 17.47 -14.79 16.95
N ILE C 855 17.09 -14.65 18.23
CA ILE C 855 16.09 -13.66 18.62
C ILE C 855 16.61 -12.24 18.32
N CYS C 856 17.80 -11.91 18.81
CA CYS C 856 18.41 -10.62 18.50
C CYS C 856 18.59 -10.44 17.00
N TRP C 857 18.97 -11.51 16.30
CA TRP C 857 19.03 -11.44 14.84
C TRP C 857 17.70 -10.97 14.25
N ALA C 858 16.58 -11.45 14.79
CA ALA C 858 15.28 -10.96 14.31
C ALA C 858 15.06 -9.47 14.63
N PHE C 859 15.60 -8.95 15.74
CA PHE C 859 15.48 -7.51 16.02
C PHE C 859 15.99 -6.67 14.85
N LYS C 860 17.08 -7.11 14.22
CA LYS C 860 17.75 -6.28 13.23
C LYS C 860 17.08 -6.30 11.87
N HIS C 861 16.02 -7.09 11.69
CA HIS C 861 15.35 -7.14 10.40
C HIS C 861 14.47 -5.90 10.22
N ASN C 862 14.50 -5.33 9.02
CA ASN C 862 13.54 -4.32 8.65
C ASN C 862 12.25 -4.95 8.14
N ASN C 863 12.30 -6.22 7.77
CA ASN C 863 11.11 -7.01 7.52
C ASN C 863 10.22 -6.98 8.75
N ARG C 864 9.03 -6.41 8.60
CA ARG C 864 8.12 -6.28 9.74
C ARG C 864 7.65 -7.64 10.24
N ASP C 865 7.54 -8.62 9.35
CA ASP C 865 7.07 -9.95 9.76
C ASP C 865 8.10 -10.70 10.59
N VAL C 866 9.38 -10.37 10.47
CA VAL C 866 10.40 -10.97 11.33
C VAL C 866 10.58 -10.17 12.61
N GLU C 867 10.62 -8.85 12.49
CA GLU C 867 11.01 -8.00 13.61
C GLU C 867 10.01 -8.04 14.75
N VAL C 868 8.71 -8.00 14.42
CA VAL C 868 7.68 -8.01 15.45
C VAL C 868 7.68 -9.34 16.19
N ASN C 869 7.84 -10.46 15.47
CA ASN C 869 7.95 -11.75 16.13
C ASN C 869 9.21 -11.84 16.99
N GLY C 870 10.34 -11.32 16.47
CA GLY C 870 11.57 -11.32 17.26
C GLY C 870 11.42 -10.60 18.58
N LEU C 871 10.78 -9.42 18.56
CA LEU C 871 10.58 -8.69 19.81
C LEU C 871 9.59 -9.40 20.72
N GLN C 872 8.53 -9.98 20.15
CA GLN C 872 7.58 -10.70 20.98
C GLN C 872 8.22 -11.90 21.64
N ILE C 873 9.04 -12.66 20.90
CA ILE C 873 9.72 -13.81 21.48
C ILE C 873 10.60 -13.37 22.63
N ALA C 874 11.31 -12.26 22.45
CA ALA C 874 12.17 -11.76 23.51
C ALA C 874 11.37 -11.46 24.75
N LEU C 875 10.26 -10.71 24.59
CA LEU C 875 9.42 -10.36 25.73
C LEU C 875 8.85 -11.61 26.39
N ASP C 876 8.35 -12.55 25.58
CA ASP C 876 7.78 -13.78 26.12
C ASP C 876 8.85 -14.65 26.77
N LEU C 877 10.08 -14.61 26.28
CA LEU C 877 11.14 -15.42 26.87
C LEU C 877 11.54 -14.86 28.24
N VAL C 878 11.66 -13.54 28.34
CA VAL C 878 11.94 -12.91 29.62
C VAL C 878 10.86 -13.31 30.64
N LYS C 879 9.60 -13.31 30.22
CA LYS C 879 8.52 -13.70 31.12
C LYS C 879 8.61 -15.18 31.49
N ASN C 880 8.98 -16.05 30.55
CA ASN C 880 9.15 -17.45 30.86
C ASN C 880 10.25 -17.65 31.91
N ILE C 881 11.33 -16.87 31.82
CA ILE C 881 12.42 -16.99 32.79
C ILE C 881 11.99 -16.44 34.14
N GLU C 882 11.28 -15.31 34.14
CA GLU C 882 10.79 -14.72 35.39
C GLU C 882 9.90 -15.71 36.14
N ARG C 883 8.98 -16.38 35.43
CA ARG C 883 8.05 -17.29 36.09
C ARG C 883 8.76 -18.48 36.73
N MET C 884 10.00 -18.76 36.35
CA MET C 884 10.69 -19.90 36.93
C MET C 884 11.13 -19.65 38.37
N GLY C 885 11.10 -18.39 38.82
CA GLY C 885 11.52 -18.09 40.17
C GLY C 885 13.03 -18.01 40.31
N ASN C 886 13.50 -18.21 41.54
CA ASN C 886 14.92 -18.13 41.87
C ASN C 886 15.53 -19.53 41.78
N VAL C 887 15.83 -19.95 40.57
CA VAL C 887 16.43 -21.26 40.32
C VAL C 887 17.65 -21.07 39.42
N PRO C 888 18.56 -22.05 39.41
CA PRO C 888 19.84 -21.87 38.69
C PRO C 888 19.71 -21.49 37.22
N PHE C 889 18.71 -22.00 36.51
CA PHE C 889 18.58 -21.67 35.09
C PHE C 889 18.20 -20.20 34.91
N ALA C 890 17.25 -19.70 35.72
CA ALA C 890 16.91 -18.28 35.65
C ALA C 890 18.08 -17.41 36.06
N ASN C 891 18.86 -17.85 37.05
CA ASN C 891 20.00 -17.08 37.50
C ASN C 891 21.08 -17.03 36.42
N GLU C 892 21.38 -18.19 35.83
CA GLU C 892 22.36 -18.22 34.74
C GLU C 892 21.86 -17.41 33.54
N PHE C 893 20.55 -17.39 33.30
CA PHE C 893 20.04 -16.70 32.12
C PHE C 893 20.32 -15.20 32.22
N HIS C 894 20.08 -14.61 33.39
CA HIS C 894 20.36 -13.19 33.56
C HIS C 894 21.85 -12.91 33.51
N LYS C 895 22.67 -13.78 34.12
CA LYS C 895 24.11 -13.55 34.09
C LYS C 895 24.64 -13.64 32.67
N ASN C 896 24.02 -14.43 31.81
CA ASN C 896 24.56 -14.60 30.47
C ASN C 896 23.96 -13.64 29.46
N TYR C 897 22.68 -13.31 29.60
CA TYR C 897 21.96 -12.72 28.49
C TYR C 897 21.15 -11.47 28.84
N PHE C 898 21.09 -11.07 30.10
CA PHE C 898 20.32 -9.88 30.44
C PHE C 898 20.87 -8.65 29.74
N PHE C 899 22.18 -8.39 29.87
CA PHE C 899 22.72 -7.16 29.29
C PHE C 899 22.82 -7.26 27.78
N ILE C 900 22.98 -8.47 27.25
CA ILE C 900 22.86 -8.67 25.82
C ILE C 900 21.49 -8.19 25.32
N PHE C 901 20.41 -8.52 26.04
CA PHE C 901 19.09 -8.10 25.58
C PHE C 901 18.88 -6.60 25.80
N VAL C 902 19.43 -6.03 26.87
CA VAL C 902 19.35 -4.59 27.07
C VAL C 902 20.16 -3.84 26.00
N SER C 903 21.33 -4.37 25.66
CA SER C 903 22.19 -3.72 24.68
C SER C 903 21.61 -3.82 23.28
N GLU C 904 21.11 -5.00 22.91
CA GLU C 904 20.62 -5.19 21.55
C GLU C 904 19.34 -4.41 21.32
N THR C 905 18.50 -4.31 22.36
CA THR C 905 17.28 -3.52 22.24
C THR C 905 17.61 -2.05 22.11
N PHE C 906 18.56 -1.57 22.92
CA PHE C 906 19.00 -0.18 22.80
C PHE C 906 19.58 0.12 21.42
N PHE C 907 20.28 -0.85 20.82
CA PHE C 907 20.89 -0.62 19.52
C PHE C 907 19.82 -0.35 18.46
N VAL C 908 18.76 -1.15 18.41
CA VAL C 908 17.73 -0.91 17.41
C VAL C 908 16.85 0.29 17.75
N LEU C 909 16.71 0.64 19.03
CA LEU C 909 15.98 1.84 19.39
C LEU C 909 16.65 3.11 18.85
N THR C 910 17.99 3.10 18.70
CA THR C 910 18.75 4.32 18.47
C THR C 910 19.46 4.41 17.12
N ASP C 911 19.35 3.41 16.25
CA ASP C 911 20.09 3.44 14.99
C ASP C 911 19.29 4.02 13.83
N SER C 912 18.06 4.46 14.07
CA SER C 912 17.21 5.12 13.08
C SER C 912 16.80 4.20 11.92
N ASP C 913 17.15 2.91 11.97
CA ASP C 913 16.81 1.98 10.91
C ASP C 913 15.76 0.97 11.32
N HIS C 914 15.23 1.06 12.53
CA HIS C 914 14.17 0.14 12.97
C HIS C 914 13.05 0.90 13.63
N LYS C 915 12.66 2.04 13.06
CA LYS C 915 11.67 2.89 13.68
C LYS C 915 10.30 2.26 13.74
N SER C 916 10.00 1.32 12.83
CA SER C 916 8.68 0.71 12.85
C SER C 916 8.45 -0.11 14.11
N GLY C 917 9.51 -0.45 14.85
CA GLY C 917 9.35 -1.30 16.01
C GLY C 917 9.56 -0.59 17.33
N PHE C 918 9.49 0.74 17.29
CA PHE C 918 9.76 1.54 18.48
C PHE C 918 8.91 1.11 19.68
N SER C 919 7.60 0.97 19.47
CA SER C 919 6.68 0.64 20.57
C SER C 919 7.05 -0.69 21.24
N LYS C 920 7.34 -1.72 20.46
CA LYS C 920 7.67 -3.01 21.08
C LYS C 920 9.10 -3.06 21.60
N GLN C 921 10.01 -2.24 21.05
CA GLN C 921 11.32 -2.11 21.65
C GLN C 921 11.23 -1.43 23.00
N ALA C 922 10.41 -0.38 23.07
CA ALA C 922 10.21 0.34 24.33
C ALA C 922 9.63 -0.59 25.40
N LEU C 923 8.59 -1.33 25.03
CA LEU C 923 7.97 -2.27 25.96
C LEU C 923 8.99 -3.28 26.50
N LEU C 924 9.75 -3.92 25.61
CA LEU C 924 10.73 -4.90 26.05
C LEU C 924 11.79 -4.26 26.94
N LEU C 925 12.26 -3.07 26.56
CA LEU C 925 13.27 -2.41 27.38
C LEU C 925 12.73 -2.14 28.78
N MET C 926 11.49 -1.68 28.86
CA MET C 926 10.92 -1.35 30.15
C MET C 926 10.76 -2.61 31.01
N LYS C 927 10.42 -3.74 30.39
CA LYS C 927 10.36 -5.00 31.13
C LYS C 927 11.73 -5.36 31.68
N LEU C 928 12.76 -5.28 30.84
CA LEU C 928 14.11 -5.58 31.31
C LEU C 928 14.54 -4.64 32.43
N ILE C 929 14.27 -3.35 32.29
CA ILE C 929 14.68 -2.40 33.31
C ILE C 929 13.90 -2.61 34.60
N SER C 930 12.59 -2.91 34.48
CA SER C 930 11.76 -3.06 35.68
C SER C 930 12.14 -4.29 36.50
N LEU C 931 12.61 -5.35 35.83
CA LEU C 931 13.09 -6.53 36.56
C LEU C 931 14.17 -6.15 37.57
N VAL C 932 15.02 -5.18 37.25
CA VAL C 932 16.11 -4.85 38.15
C VAL C 932 15.65 -3.91 39.24
N TYR C 933 14.80 -2.94 38.91
CA TYR C 933 14.34 -2.00 39.92
C TYR C 933 13.22 -2.57 40.80
N ASP C 934 12.82 -3.83 40.57
CA ASP C 934 11.93 -4.54 41.48
C ASP C 934 12.64 -5.61 42.28
N ASN C 935 13.86 -5.99 41.88
CA ASN C 935 14.71 -6.98 42.52
C ASN C 935 14.22 -8.41 42.32
N LYS C 936 13.87 -8.76 41.07
CA LYS C 936 13.57 -10.14 40.74
C LYS C 936 14.78 -10.90 40.25
N ILE C 937 15.82 -10.21 39.81
CA ILE C 937 17.08 -10.88 39.46
C ILE C 937 17.85 -11.09 40.76
N SER C 938 17.88 -12.35 41.24
CA SER C 938 18.50 -12.65 42.53
C SER C 938 20.02 -12.55 42.46
N VAL C 939 20.60 -12.99 41.36
CA VAL C 939 22.06 -12.96 41.20
C VAL C 939 22.52 -11.51 41.03
N PRO C 940 23.76 -11.20 41.37
CA PRO C 940 24.36 -9.96 40.87
C PRO C 940 24.71 -10.09 39.39
N LEU C 941 24.37 -9.07 38.62
CA LEU C 941 24.60 -9.14 37.18
C LEU C 941 26.04 -8.86 36.80
N TYR C 942 26.90 -8.56 37.77
CA TYR C 942 28.29 -8.24 37.54
C TYR C 942 29.19 -9.36 38.05
N GLN C 943 30.42 -9.37 37.57
CA GLN C 943 31.48 -10.17 38.16
C GLN C 943 31.94 -9.49 39.45
N GLU C 944 32.09 -10.28 40.53
CA GLU C 944 32.35 -9.70 41.84
C GLU C 944 33.72 -9.03 41.95
N ALA C 945 34.51 -9.05 40.89
CA ALA C 945 35.80 -8.37 40.88
C ALA C 945 35.69 -6.92 40.41
N GLU C 946 34.86 -6.65 39.40
CA GLU C 946 34.83 -5.33 38.78
C GLU C 946 34.07 -4.29 39.59
N VAL C 947 33.26 -4.71 40.55
CA VAL C 947 32.45 -3.76 41.32
C VAL C 947 32.42 -4.24 42.77
N PRO C 948 32.45 -3.34 43.76
CA PRO C 948 32.49 -3.78 45.16
C PRO C 948 31.32 -4.67 45.53
N GLN C 949 31.49 -5.41 46.63
CA GLN C 949 30.48 -6.36 47.07
C GLN C 949 29.29 -5.64 47.68
N GLY C 950 28.14 -6.31 47.63
CA GLY C 950 26.90 -5.75 48.12
C GLY C 950 26.28 -4.70 47.23
N THR C 951 26.96 -4.30 46.16
CA THR C 951 26.41 -3.31 45.24
C THR C 951 25.12 -3.85 44.61
N SER C 952 24.08 -3.02 44.61
CA SER C 952 22.81 -3.43 44.07
C SER C 952 22.91 -3.62 42.56
N ASN C 953 21.95 -4.39 42.01
CA ASN C 953 21.86 -4.49 40.57
C ASN C 953 21.42 -3.17 39.94
N GLN C 954 20.61 -2.39 40.66
CA GLN C 954 20.18 -1.09 40.16
C GLN C 954 21.38 -0.17 39.92
N VAL C 955 22.33 -0.14 40.86
CA VAL C 955 23.47 0.74 40.71
C VAL C 955 24.37 0.26 39.59
N TYR C 956 24.55 -1.05 39.46
CA TYR C 956 25.36 -1.58 38.38
C TYR C 956 24.67 -1.37 37.03
N LEU C 957 23.34 -1.52 36.97
CA LEU C 957 22.62 -1.30 35.73
C LEU C 957 22.81 0.12 35.21
N SER C 958 22.76 1.10 36.12
CA SER C 958 23.00 2.49 35.73
C SER C 958 24.43 2.69 35.25
N GLN C 959 25.39 2.05 35.91
CA GLN C 959 26.79 2.20 35.50
C GLN C 959 27.02 1.58 34.13
N TYR C 960 26.51 0.37 33.93
CA TYR C 960 26.64 -0.29 32.64
C TYR C 960 26.03 0.55 31.54
N LEU C 961 24.80 1.02 31.76
CA LEU C 961 24.11 1.80 30.73
C LEU C 961 24.84 3.10 30.45
N ALA C 962 25.33 3.77 31.50
CA ALA C 962 26.05 5.01 31.29
C ALA C 962 27.30 4.81 30.44
N ASN C 963 28.05 3.73 30.70
CA ASN C 963 29.24 3.47 29.90
C ASN C 963 28.88 3.08 28.47
N MET C 964 27.88 2.21 28.31
CA MET C 964 27.47 1.80 26.98
C MET C 964 27.03 3.00 26.15
N LEU C 965 26.23 3.90 26.73
CA LEU C 965 25.79 5.06 25.99
C LEU C 965 26.94 6.04 25.74
N SER C 966 27.88 6.15 26.68
CA SER C 966 29.00 7.08 26.51
C SER C 966 29.90 6.66 25.34
N ASN C 967 30.07 5.35 25.13
CA ASN C 967 30.86 4.89 24.00
C ASN C 967 30.06 4.89 22.72
N ALA C 968 28.74 4.63 22.79
CA ALA C 968 27.93 4.57 21.59
C ALA C 968 27.56 5.95 21.07
N PHE C 969 27.52 6.95 21.95
CA PHE C 969 27.19 8.33 21.59
C PHE C 969 28.15 9.25 22.31
N PRO C 970 29.40 9.34 21.83
CA PRO C 970 30.42 10.10 22.58
C PRO C 970 30.16 11.60 22.63
N HIS C 971 29.37 12.14 21.72
CA HIS C 971 29.11 13.58 21.72
C HIS C 971 28.15 14.02 22.83
N LEU C 972 27.60 13.10 23.61
CA LEU C 972 26.73 13.46 24.71
C LEU C 972 27.54 13.75 25.95
N THR C 973 27.11 14.72 26.74
CA THR C 973 27.76 14.95 28.01
C THR C 973 27.35 13.88 29.01
N SER C 974 28.22 13.66 30.00
CA SER C 974 27.91 12.77 31.10
C SER C 974 26.59 13.16 31.76
N GLU C 975 26.34 14.46 31.90
CA GLU C 975 25.12 14.91 32.57
C GLU C 975 23.88 14.46 31.80
N GLN C 976 23.90 14.60 30.47
CA GLN C 976 22.77 14.15 29.65
C GLN C 976 22.47 12.67 29.88
N ILE C 977 23.51 11.83 29.81
CA ILE C 977 23.34 10.38 29.96
C ILE C 977 22.80 10.03 31.34
N ALA C 978 23.27 10.73 32.38
CA ALA C 978 22.82 10.45 33.73
C ALA C 978 21.39 10.91 33.95
N SER C 979 21.04 12.11 33.48
CA SER C 979 19.66 12.59 33.61
C SER C 979 18.70 11.72 32.82
N PHE C 980 19.11 11.33 31.60
CA PHE C 980 18.27 10.45 30.79
C PHE C 980 18.02 9.13 31.49
N LEU C 981 19.08 8.51 31.99
CA LEU C 981 18.94 7.21 32.65
C LEU C 981 18.14 7.34 33.94
N SER C 982 18.30 8.44 34.66
CA SER C 982 17.57 8.61 35.91
C SER C 982 16.07 8.67 35.65
N ALA C 983 15.65 9.49 34.67
CA ALA C 983 14.25 9.56 34.30
C ALA C 983 13.76 8.23 33.74
N LEU C 984 14.60 7.55 32.96
CA LEU C 984 14.17 6.31 32.33
C LEU C 984 13.89 5.22 33.35
N THR C 985 14.76 5.06 34.35
CA THR C 985 14.57 4.00 35.32
C THR C 985 13.41 4.30 36.26
N LYS C 986 13.27 5.57 36.67
CA LYS C 986 12.14 6.00 37.48
C LYS C 986 10.80 5.82 36.78
N GLN C 987 10.80 5.76 35.45
CA GLN C 987 9.55 5.77 34.68
C GLN C 987 9.25 4.40 34.08
N CYS C 988 9.92 3.36 34.55
CA CYS C 988 9.78 2.05 33.95
C CYS C 988 8.49 1.32 34.38
N LYS C 989 7.52 2.02 34.99
CA LYS C 989 6.17 1.49 35.20
C LYS C 989 5.11 2.36 34.54
N ASP C 990 5.50 3.12 33.51
CA ASP C 990 4.60 4.09 32.88
C ASP C 990 5.00 4.18 31.41
N LEU C 991 4.40 3.30 30.59
CA LEU C 991 4.82 3.14 29.20
C LEU C 991 4.76 4.44 28.41
N VAL C 992 3.70 5.22 28.59
CA VAL C 992 3.53 6.43 27.79
C VAL C 992 4.60 7.47 28.15
N VAL C 993 4.99 7.53 29.42
CA VAL C 993 5.99 8.50 29.82
C VAL C 993 7.38 8.02 29.43
N PHE C 994 7.66 6.74 29.72
CA PHE C 994 8.86 6.04 29.30
C PHE C 994 9.13 6.25 27.81
N LYS C 995 8.10 6.04 26.98
CA LYS C 995 8.29 6.24 25.54
C LYS C 995 8.58 7.70 25.24
N GLY C 996 7.99 8.62 26.01
CA GLY C 996 8.31 10.03 25.80
C GLY C 996 9.76 10.32 26.10
N THR C 997 10.33 9.63 27.08
CA THR C 997 11.71 9.87 27.44
C THR C 997 12.64 9.29 26.39
N LEU C 998 12.30 8.11 25.86
CA LEU C 998 13.04 7.57 24.72
C LEU C 998 13.01 8.51 23.52
N ARG C 999 11.85 9.08 23.20
N ARG C 999 11.84 9.06 23.20
CA ARG C 999 11.76 9.99 22.07
CA ARG C 999 11.76 9.99 22.07
C ARG C 999 12.61 11.23 22.29
C ARG C 999 12.62 11.22 22.30
N ASP C 1000 12.67 11.72 23.55
CA ASP C 1000 13.51 12.87 23.85
C ASP C 1000 14.98 12.51 23.67
N PHE C 1001 15.36 11.30 24.10
CA PHE C 1001 16.72 10.85 23.87
C PHE C 1001 17.02 10.74 22.38
N LEU C 1002 16.06 10.27 21.57
CA LEU C 1002 16.30 10.12 20.15
C LEU C 1002 16.49 11.47 19.47
N VAL C 1003 15.92 12.52 20.03
CA VAL C 1003 16.15 13.86 19.50
C VAL C 1003 17.54 14.37 19.91
N GLN C 1004 17.90 14.18 21.17
CA GLN C 1004 19.13 14.79 21.67
C GLN C 1004 20.36 14.18 21.02
N ILE C 1005 20.36 12.88 20.73
CA ILE C 1005 21.50 12.29 20.05
C ILE C 1005 21.66 12.81 18.62
N LYS C 1006 20.64 13.45 18.06
CA LYS C 1006 20.77 14.01 16.72
C LYS C 1006 21.55 15.31 16.68
N GLU C 1007 21.86 15.91 17.84
CA GLU C 1007 22.50 17.22 17.91
C GLU C 1007 23.55 17.20 19.01
N VAL C 1008 24.18 18.36 19.24
CA VAL C 1008 25.18 18.54 20.27
C VAL C 1008 24.67 19.56 21.28
N GLY C 1009 24.92 19.30 22.56
CA GLY C 1009 24.50 20.24 23.60
C GLY C 1009 23.04 20.15 23.99
N GLY C 1010 22.46 18.96 23.98
CA GLY C 1010 21.09 18.82 24.45
C GLY C 1010 20.99 19.16 25.93
N ASP C 1011 19.94 19.90 26.27
CA ASP C 1011 19.70 20.28 27.66
C ASP C 1011 19.35 19.06 28.51
N PRO C 1012 20.18 18.69 29.49
CA PRO C 1012 19.86 17.52 30.31
C PRO C 1012 18.62 17.68 31.19
N THR C 1013 18.23 18.91 31.54
CA THR C 1013 17.01 19.09 32.35
C THR C 1013 15.75 18.68 31.60
N ASP C 1014 15.82 18.57 30.26
CA ASP C 1014 14.69 18.13 29.47
C ASP C 1014 14.09 16.83 29.99
N TYR C 1015 14.89 15.98 30.63
CA TYR C 1015 14.37 14.70 31.10
C TYR C 1015 13.60 14.79 32.41
N LEU C 1016 13.44 15.99 32.97
CA LEU C 1016 12.53 16.21 34.09
C LEU C 1016 11.12 16.58 33.64
N PHE C 1017 10.81 16.43 32.35
CA PHE C 1017 9.57 16.95 31.81
C PHE C 1017 8.35 16.35 32.49
N ALA C 1018 8.40 15.06 32.77
CA ALA C 1018 7.29 14.34 33.36
C ALA C 1018 7.52 14.08 34.86
N ALA D 1 -47.39 -15.44 -9.49
CA ALA D 1 -46.49 -15.26 -10.63
C ALA D 1 -45.17 -16.00 -10.39
N LEU D 2 -45.13 -16.84 -9.36
CA LEU D 2 -43.92 -17.61 -9.03
C LEU D 2 -43.72 -18.80 -9.96
N GLU D 3 -44.80 -19.45 -10.40
CA GLU D 3 -44.65 -20.58 -11.30
C GLU D 3 -44.24 -20.14 -12.69
N ALA D 4 -44.69 -18.95 -13.12
CA ALA D 4 -44.27 -18.42 -14.42
C ALA D 4 -42.80 -18.06 -14.41
N LEU D 5 -42.34 -17.43 -13.33
CA LEU D 5 -40.93 -17.06 -13.20
C LEU D 5 -40.03 -18.30 -13.31
N GLN D 6 -40.44 -19.40 -12.67
CA GLN D 6 -39.65 -20.63 -12.73
C GLN D 6 -39.44 -21.07 -14.18
N LYS D 7 -40.52 -21.19 -14.94
CA LYS D 7 -40.42 -21.71 -16.30
C LYS D 7 -39.63 -20.75 -17.19
N LYS D 8 -39.78 -19.44 -16.98
CA LYS D 8 -39.04 -18.45 -17.76
C LYS D 8 -37.54 -18.61 -17.59
N LEU D 9 -37.09 -18.97 -16.39
CA LEU D 9 -35.67 -19.19 -16.14
C LEU D 9 -35.18 -20.51 -16.75
N GLU D 10 -36.00 -21.58 -16.68
CA GLU D 10 -35.63 -22.83 -17.34
C GLU D 10 -35.43 -22.63 -18.84
N GLU D 11 -36.17 -21.70 -19.45
CA GLU D 11 -36.03 -21.41 -20.88
C GLU D 11 -34.81 -20.55 -21.20
N LEU D 12 -34.10 -20.05 -20.20
CA LEU D 12 -32.99 -19.15 -20.46
C LEU D 12 -31.81 -19.93 -21.02
N GLU D 13 -31.31 -19.52 -22.18
CA GLU D 13 -30.12 -20.12 -22.76
C GLU D 13 -29.29 -19.02 -23.40
N LEU D 14 -28.00 -19.28 -23.54
CA LEU D 14 -27.09 -18.25 -24.05
C LEU D 14 -27.07 -18.18 -25.56
N ASP D 15 -27.45 -19.25 -26.25
CA ASP D 15 -27.24 -19.38 -27.68
C ASP D 15 -28.54 -19.13 -28.44
N GLU D 16 -28.40 -18.55 -29.64
CA GLU D 16 -29.52 -18.38 -30.55
C GLU D 16 -29.35 -19.33 -31.72
PG GNP E . 15.43 4.70 -1.42
O1G GNP E . 16.28 4.56 -0.17
O2G GNP E . 16.34 5.06 -2.62
O3G GNP E . 14.39 5.83 -1.22
N3B GNP E . 14.64 3.25 -1.75
PB GNP E . 13.34 3.22 -2.85
O1B GNP E . 13.80 3.79 -4.20
O2B GNP E . 12.19 4.04 -2.31
O3A GNP E . 12.86 1.63 -3.05
PA GNP E . 13.51 0.62 -4.21
O1A GNP E . 14.97 0.92 -4.36
O2A GNP E . 12.81 0.85 -5.54
O5' GNP E . 13.31 -0.99 -3.72
C5' GNP E . 12.85 -1.24 -2.43
C4' GNP E . 12.28 -2.65 -2.36
O4' GNP E . 10.97 -2.62 -2.50
C3' GNP E . 12.83 -3.49 -3.53
O3' GNP E . 13.31 -4.67 -3.07
C2' GNP E . 11.61 -3.74 -4.45
O2' GNP E . 11.69 -5.12 -5.07
C1' GNP E . 10.57 -3.66 -3.66
N9 GNP E . 9.44 -3.16 -4.39
C8 GNP E . 9.29 -2.02 -5.12
N7 GNP E . 8.07 -2.00 -5.60
C5 GNP E . 7.44 -3.12 -5.18
C6 GNP E . 6.17 -3.58 -5.38
O6 GNP E . 5.40 -2.96 -6.04
N1 GNP E . 5.78 -4.73 -4.84
C2 GNP E . 6.66 -5.44 -4.09
N2 GNP E . 6.16 -6.78 -3.48
N3 GNP E . 7.90 -4.99 -3.89
C4 GNP E . 8.29 -3.81 -4.44
MG MG F . 16.04 4.14 -4.61
C1 GOL G . 10.67 12.33 6.22
O1 GOL G . 10.89 12.13 7.60
C2 GOL G . 11.68 13.34 5.67
O2 GOL G . 11.07 14.61 5.59
C3 GOL G . 12.87 13.42 6.60
O3 GOL G . 12.46 13.91 7.86
C1 GOL H . -24.09 -42.44 -4.98
O1 GOL H . -24.76 -42.40 -3.74
C2 GOL H . -23.24 -43.70 -5.06
O2 GOL H . -23.68 -44.63 -4.10
C3 GOL H . -23.39 -44.32 -6.45
O3 GOL H . -22.89 -43.41 -7.42
C1 GOL I . 30.00 33.12 8.99
O1 GOL I . 30.56 32.20 9.90
C2 GOL I . 28.58 32.69 8.64
O2 GOL I . 28.57 32.08 7.37
C3 GOL I . 27.65 33.89 8.64
O3 GOL I . 26.34 33.49 8.33
#